data_6L01
# 
_entry.id   6L01 
# 
_audit_conform.dict_name       mmcif_pdbx.dic 
_audit_conform.dict_version    5.380 
_audit_conform.dict_location   http://mmcif.pdb.org/dictionaries/ascii/mmcif_pdbx.dic 
# 
loop_
_database_2.database_id 
_database_2.database_code 
_database_2.pdbx_database_accession 
_database_2.pdbx_DOI 
PDB   6L01         pdb_00006l01 10.2210/pdb6l01/pdb 
WWPDB D_1300013952 ?            ?                   
# 
loop_
_pdbx_database_related.db_name 
_pdbx_database_related.details 
_pdbx_database_related.db_id 
_pdbx_database_related.content_type 
PDB . 6KZV unspecified 
PDB . 6KZX unspecified 
PDB . 6KZZ unspecified 
# 
_pdbx_database_status.status_code                     REL 
_pdbx_database_status.status_code_sf                  REL 
_pdbx_database_status.status_code_mr                  ? 
_pdbx_database_status.entry_id                        6L01 
_pdbx_database_status.recvd_initial_deposition_date   2019-09-25 
_pdbx_database_status.SG_entry                        N 
_pdbx_database_status.deposit_site                    PDBJ 
_pdbx_database_status.process_site                    PDBJ 
_pdbx_database_status.status_code_cs                  ? 
_pdbx_database_status.methods_development_category    ? 
_pdbx_database_status.pdb_format_compatible           Y 
_pdbx_database_status.status_code_nmr_data            ? 
# 
loop_
_audit_author.name 
_audit_author.pdbx_ordinal 
_audit_author.identifier_ORCID 
'Mima, M.'     1 0000-0003-2336-9129 
'Takeuchi, T.' 2 ?                   
'Ushiyama, F.' 3 0000-0003-3122-8625 
# 
_citation.abstract                  ? 
_citation.abstract_id_CAS           ? 
_citation.book_id_ISBN              ? 
_citation.book_publisher            ? 
_citation.book_publisher_city       ? 
_citation.book_title                ? 
_citation.coordinate_linkage        ? 
_citation.country                   US 
_citation.database_id_Medline       ? 
_citation.details                   ? 
_citation.id                        primary 
_citation.journal_abbrev            'Acs Omega' 
_citation.journal_id_ASTM           ? 
_citation.journal_id_CSD            ? 
_citation.journal_id_ISSN           2470-1343 
_citation.journal_full              ? 
_citation.journal_issue             ? 
_citation.journal_volume            5 
_citation.language                  ? 
_citation.page_first                10145 
_citation.page_last                 10159 
_citation.title                     
;Lead Identification of 8-(Methylamino)-2-oxo-1,2-dihydroquinoline Derivatives as DNA Gyrase Inhibitors: Hit-to-Lead Generation Involving Thermodynamic Evaluation.
;
_citation.year                      2020 
_citation.database_id_CSD           ? 
_citation.pdbx_database_id_DOI      10.1021/acsomega.0c00865 
_citation.pdbx_database_id_PubMed   32391502 
_citation.unpublished_flag          ? 
# 
loop_
_citation_author.citation_id 
_citation_author.name 
_citation_author.ordinal 
_citation_author.identifier_ORCID 
primary 'Ushiyama, F.'        1  ? 
primary 'Amada, H.'           2  ? 
primary 'Takeuchi, T.'        3  ? 
primary 'Tanaka-Yamamoto, N.' 4  ? 
primary 'Kanazawa, H.'        5  ? 
primary 'Nakano, K.'          6  ? 
primary 'Mima, M.'            7  ? 
primary 'Masuko, A.'          8  ? 
primary 'Takata, I.'          9  ? 
primary 'Hitaka, K.'          10 ? 
primary 'Iwamoto, K.'         11 ? 
primary 'Sugiyama, H.'        12 ? 
primary 'Ohtake, N.'          13 ? 
# 
_cell.angle_alpha                  90.00 
_cell.angle_alpha_esd              ? 
_cell.angle_beta                   90.00 
_cell.angle_beta_esd               ? 
_cell.angle_gamma                  90.00 
_cell.angle_gamma_esd              ? 
_cell.entry_id                     6L01 
_cell.details                      ? 
_cell.formula_units_Z              ? 
_cell.length_a                     41.582 
_cell.length_a_esd                 ? 
_cell.length_b                     67.066 
_cell.length_b_esd                 ? 
_cell.length_c                     68.252 
_cell.length_c_esd                 ? 
_cell.volume                       ? 
_cell.volume_esd                   ? 
_cell.Z_PDB                        4 
_cell.reciprocal_angle_alpha       ? 
_cell.reciprocal_angle_beta        ? 
_cell.reciprocal_angle_gamma       ? 
_cell.reciprocal_angle_alpha_esd   ? 
_cell.reciprocal_angle_beta_esd    ? 
_cell.reciprocal_angle_gamma_esd   ? 
_cell.reciprocal_length_a          ? 
_cell.reciprocal_length_b          ? 
_cell.reciprocal_length_c          ? 
_cell.reciprocal_length_a_esd      ? 
_cell.reciprocal_length_b_esd      ? 
_cell.reciprocal_length_c_esd      ? 
_cell.pdbx_unique_axis             ? 
# 
_symmetry.entry_id                         6L01 
_symmetry.cell_setting                     ? 
_symmetry.Int_Tables_number                19 
_symmetry.space_group_name_Hall            ? 
_symmetry.space_group_name_H-M             'P 21 21 21' 
_symmetry.pdbx_full_space_group_name_H-M   ? 
# 
loop_
_entity.id 
_entity.type 
_entity.src_method 
_entity.pdbx_description 
_entity.formula_weight 
_entity.pdbx_number_of_molecules 
_entity.pdbx_ec 
_entity.pdbx_mutation 
_entity.pdbx_fragment 
_entity.details 
1 polymer     man 'DNA gyrase subunit B'                                                                          24191.182 1  
5.6.2.2 ? ? ? 
2 non-polymer syn '2-[3-[[8-(methylamino)-2-oxidanylidene-1~{H}-quinolin-3-yl]carbonylamino]phenyl]ethanoic acid' 351.356   1  ? ? 
? ? 
3 water       nat water                                                                                           18.015    19 ? ? 
? ? 
# 
_entity_poly.entity_id                      1 
_entity_poly.type                           'polypeptide(L)' 
_entity_poly.nstd_linkage                   no 
_entity_poly.nstd_monomer                   no 
_entity_poly.pdbx_seq_one_letter_code       
;MSNSYDSSSIKVLKGLDAVRKRPGMYIGDTDDGTGLHHMVFEVVDNAIDEALAGHCKEIIVTIHADNSVSVQDDGRGIPT
GIHPEEGVSAAEVIMTVLHAGGKFDDNSYKVSGGLHGVGVSVVNALSQKLELVIQREGKIHRQIYEHGVPQAPLAVTGET
EKTGTMVRFWPSLETFTNVTEFEYEILAKRLRELSFLNSGVSIRLRDKRDGKEDHFHYEG
;
_entity_poly.pdbx_seq_one_letter_code_can   
;MSNSYDSSSIKVLKGLDAVRKRPGMYIGDTDDGTGLHHMVFEVVDNAIDEALAGHCKEIIVTIHADNSVSVQDDGRGIPT
GIHPEEGVSAAEVIMTVLHAGGKFDDNSYKVSGGLHGVGVSVVNALSQKLELVIQREGKIHRQIYEHGVPQAPLAVTGET
EKTGTMVRFWPSLETFTNVTEFEYEILAKRLRELSFLNSGVSIRLRDKRDGKEDHFHYEG
;
_entity_poly.pdbx_strand_id                 A 
_entity_poly.pdbx_target_identifier         ? 
# 
loop_
_entity_poly_seq.entity_id 
_entity_poly_seq.num 
_entity_poly_seq.mon_id 
_entity_poly_seq.hetero 
1 1   MET n 
1 2   SER n 
1 3   ASN n 
1 4   SER n 
1 5   TYR n 
1 6   ASP n 
1 7   SER n 
1 8   SER n 
1 9   SER n 
1 10  ILE n 
1 11  LYS n 
1 12  VAL n 
1 13  LEU n 
1 14  LYS n 
1 15  GLY n 
1 16  LEU n 
1 17  ASP n 
1 18  ALA n 
1 19  VAL n 
1 20  ARG n 
1 21  LYS n 
1 22  ARG n 
1 23  PRO n 
1 24  GLY n 
1 25  MET n 
1 26  TYR n 
1 27  ILE n 
1 28  GLY n 
1 29  ASP n 
1 30  THR n 
1 31  ASP n 
1 32  ASP n 
1 33  GLY n 
1 34  THR n 
1 35  GLY n 
1 36  LEU n 
1 37  HIS n 
1 38  HIS n 
1 39  MET n 
1 40  VAL n 
1 41  PHE n 
1 42  GLU n 
1 43  VAL n 
1 44  VAL n 
1 45  ASP n 
1 46  ASN n 
1 47  ALA n 
1 48  ILE n 
1 49  ASP n 
1 50  GLU n 
1 51  ALA n 
1 52  LEU n 
1 53  ALA n 
1 54  GLY n 
1 55  HIS n 
1 56  CYS n 
1 57  LYS n 
1 58  GLU n 
1 59  ILE n 
1 60  ILE n 
1 61  VAL n 
1 62  THR n 
1 63  ILE n 
1 64  HIS n 
1 65  ALA n 
1 66  ASP n 
1 67  ASN n 
1 68  SER n 
1 69  VAL n 
1 70  SER n 
1 71  VAL n 
1 72  GLN n 
1 73  ASP n 
1 74  ASP n 
1 75  GLY n 
1 76  ARG n 
1 77  GLY n 
1 78  ILE n 
1 79  PRO n 
1 80  THR n 
1 81  GLY n 
1 82  ILE n 
1 83  HIS n 
1 84  PRO n 
1 85  GLU n 
1 86  GLU n 
1 87  GLY n 
1 88  VAL n 
1 89  SER n 
1 90  ALA n 
1 91  ALA n 
1 92  GLU n 
1 93  VAL n 
1 94  ILE n 
1 95  MET n 
1 96  THR n 
1 97  VAL n 
1 98  LEU n 
1 99  HIS n 
1 100 ALA n 
1 101 GLY n 
1 102 GLY n 
1 103 LYS n 
1 104 PHE n 
1 105 ASP n 
1 106 ASP n 
1 107 ASN n 
1 108 SER n 
1 109 TYR n 
1 110 LYS n 
1 111 VAL n 
1 112 SER n 
1 113 GLY n 
1 114 GLY n 
1 115 LEU n 
1 116 HIS n 
1 117 GLY n 
1 118 VAL n 
1 119 GLY n 
1 120 VAL n 
1 121 SER n 
1 122 VAL n 
1 123 VAL n 
1 124 ASN n 
1 125 ALA n 
1 126 LEU n 
1 127 SER n 
1 128 GLN n 
1 129 LYS n 
1 130 LEU n 
1 131 GLU n 
1 132 LEU n 
1 133 VAL n 
1 134 ILE n 
1 135 GLN n 
1 136 ARG n 
1 137 GLU n 
1 138 GLY n 
1 139 LYS n 
1 140 ILE n 
1 141 HIS n 
1 142 ARG n 
1 143 GLN n 
1 144 ILE n 
1 145 TYR n 
1 146 GLU n 
1 147 HIS n 
1 148 GLY n 
1 149 VAL n 
1 150 PRO n 
1 151 GLN n 
1 152 ALA n 
1 153 PRO n 
1 154 LEU n 
1 155 ALA n 
1 156 VAL n 
1 157 THR n 
1 158 GLY n 
1 159 GLU n 
1 160 THR n 
1 161 GLU n 
1 162 LYS n 
1 163 THR n 
1 164 GLY n 
1 165 THR n 
1 166 MET n 
1 167 VAL n 
1 168 ARG n 
1 169 PHE n 
1 170 TRP n 
1 171 PRO n 
1 172 SER n 
1 173 LEU n 
1 174 GLU n 
1 175 THR n 
1 176 PHE n 
1 177 THR n 
1 178 ASN n 
1 179 VAL n 
1 180 THR n 
1 181 GLU n 
1 182 PHE n 
1 183 GLU n 
1 184 TYR n 
1 185 GLU n 
1 186 ILE n 
1 187 LEU n 
1 188 ALA n 
1 189 LYS n 
1 190 ARG n 
1 191 LEU n 
1 192 ARG n 
1 193 GLU n 
1 194 LEU n 
1 195 SER n 
1 196 PHE n 
1 197 LEU n 
1 198 ASN n 
1 199 SER n 
1 200 GLY n 
1 201 VAL n 
1 202 SER n 
1 203 ILE n 
1 204 ARG n 
1 205 LEU n 
1 206 ARG n 
1 207 ASP n 
1 208 LYS n 
1 209 ARG n 
1 210 ASP n 
1 211 GLY n 
1 212 LYS n 
1 213 GLU n 
1 214 ASP n 
1 215 HIS n 
1 216 PHE n 
1 217 HIS n 
1 218 TYR n 
1 219 GLU n 
1 220 GLY n 
# 
_entity_src_gen.entity_id                          1 
_entity_src_gen.pdbx_src_id                        1 
_entity_src_gen.pdbx_alt_source_flag               sample 
_entity_src_gen.pdbx_seq_type                      'Biological sequence' 
_entity_src_gen.pdbx_beg_seq_num                   1 
_entity_src_gen.pdbx_end_seq_num                   220 
_entity_src_gen.gene_src_common_name               ? 
_entity_src_gen.gene_src_genus                     ? 
_entity_src_gen.pdbx_gene_src_gene                 'gyrB, C9Z04_12785' 
_entity_src_gen.gene_src_species                   ? 
_entity_src_gen.gene_src_strain                    ? 
_entity_src_gen.gene_src_tissue                    ? 
_entity_src_gen.gene_src_tissue_fraction           ? 
_entity_src_gen.gene_src_details                   ? 
_entity_src_gen.pdbx_gene_src_fragment             ? 
_entity_src_gen.pdbx_gene_src_scientific_name      'Escherichia coli' 
_entity_src_gen.pdbx_gene_src_ncbi_taxonomy_id     562 
_entity_src_gen.pdbx_gene_src_variant              ? 
_entity_src_gen.pdbx_gene_src_cell_line            ? 
_entity_src_gen.pdbx_gene_src_atcc                 ? 
_entity_src_gen.pdbx_gene_src_organ                ? 
_entity_src_gen.pdbx_gene_src_organelle            ? 
_entity_src_gen.pdbx_gene_src_cell                 ? 
_entity_src_gen.pdbx_gene_src_cellular_location    ? 
_entity_src_gen.host_org_common_name               ? 
_entity_src_gen.pdbx_host_org_scientific_name      'Escherichia coli' 
_entity_src_gen.pdbx_host_org_ncbi_taxonomy_id     562 
_entity_src_gen.host_org_genus                     ? 
_entity_src_gen.pdbx_host_org_gene                 ? 
_entity_src_gen.pdbx_host_org_organ                ? 
_entity_src_gen.host_org_species                   ? 
_entity_src_gen.pdbx_host_org_tissue               ? 
_entity_src_gen.pdbx_host_org_tissue_fraction      ? 
_entity_src_gen.pdbx_host_org_strain               ? 
_entity_src_gen.pdbx_host_org_variant              ? 
_entity_src_gen.pdbx_host_org_cell_line            ? 
_entity_src_gen.pdbx_host_org_atcc                 ? 
_entity_src_gen.pdbx_host_org_culture_collection   ? 
_entity_src_gen.pdbx_host_org_cell                 ? 
_entity_src_gen.pdbx_host_org_organelle            ? 
_entity_src_gen.pdbx_host_org_cellular_location    ? 
_entity_src_gen.pdbx_host_org_vector_type          ? 
_entity_src_gen.pdbx_host_org_vector               ? 
_entity_src_gen.host_org_details                   ? 
_entity_src_gen.expression_system_id               ? 
_entity_src_gen.plasmid_name                       ? 
_entity_src_gen.plasmid_details                    ? 
_entity_src_gen.pdbx_description                   ? 
# 
_struct_ref.id                         1 
_struct_ref.db_name                    UNP 
_struct_ref.db_code                    A0A4V5JMQ9_ECOLX 
_struct_ref.pdbx_db_accession          A0A4V5JMQ9 
_struct_ref.pdbx_db_isoform            ? 
_struct_ref.entity_id                  1 
_struct_ref.pdbx_seq_one_letter_code   
;MSNSYDSSSIKVLKGLDAVRKRPGMYIGDTDDGTGLHHMVFEVVDNAIDEALAGHCKEIIVTIHADNSVSVQDDGRGIPT
GIHPEEGVSAAEVIMTVLHAGGKFDDNSYKVSGGLHGVGVSVVNALSQKLELVIQREGKIHRQIYEHGVPQAPLAVTGET
EKTGTMVRFWPSLETFTNVTEFEYEILAKRLRELSFLNSGVSIRLRDKRDGKEDHFHYEG
;
_struct_ref.pdbx_align_begin           1 
# 
_struct_ref_seq.align_id                      1 
_struct_ref_seq.ref_id                        1 
_struct_ref_seq.pdbx_PDB_id_code              6L01 
_struct_ref_seq.pdbx_strand_id                A 
_struct_ref_seq.seq_align_beg                 1 
_struct_ref_seq.pdbx_seq_align_beg_ins_code   ? 
_struct_ref_seq.seq_align_end                 220 
_struct_ref_seq.pdbx_seq_align_end_ins_code   ? 
_struct_ref_seq.pdbx_db_accession             A0A4V5JMQ9 
_struct_ref_seq.db_align_beg                  1 
_struct_ref_seq.pdbx_db_align_beg_ins_code    ? 
_struct_ref_seq.db_align_end                  220 
_struct_ref_seq.pdbx_db_align_end_ins_code    ? 
_struct_ref_seq.pdbx_auth_seq_align_beg       1 
_struct_ref_seq.pdbx_auth_seq_align_end       220 
# 
loop_
_chem_comp.id 
_chem_comp.type 
_chem_comp.mon_nstd_flag 
_chem_comp.name 
_chem_comp.pdbx_synonyms 
_chem_comp.formula 
_chem_comp.formula_weight 
ALA 'L-peptide linking' y ALANINE                                                                                         ? 
'C3 H7 N O2'     89.093  
ARG 'L-peptide linking' y ARGININE                                                                                        ? 
'C6 H15 N4 O2 1' 175.209 
ASN 'L-peptide linking' y ASPARAGINE                                                                                      ? 
'C4 H8 N2 O3'    132.118 
ASP 'L-peptide linking' y 'ASPARTIC ACID'                                                                                 ? 
'C4 H7 N O4'     133.103 
CYS 'L-peptide linking' y CYSTEINE                                                                                        ? 
'C3 H7 N O2 S'   121.158 
E0U non-polymer         . '2-[3-[[8-(methylamino)-2-oxidanylidene-1~{H}-quinolin-3-yl]carbonylamino]phenyl]ethanoic acid' 
'(3-{[8-(methylamino)-2-oxo-1,2-dihydroquinoline-3-carbonyl]amino}phenyl)acetic acid' 'C19 H17 N3 O4'  351.356 
GLN 'L-peptide linking' y GLUTAMINE                                                                                       ? 
'C5 H10 N2 O3'   146.144 
GLU 'L-peptide linking' y 'GLUTAMIC ACID'                                                                                 ? 
'C5 H9 N O4'     147.129 
GLY 'peptide linking'   y GLYCINE                                                                                         ? 
'C2 H5 N O2'     75.067  
HIS 'L-peptide linking' y HISTIDINE                                                                                       ? 
'C6 H10 N3 O2 1' 156.162 
HOH non-polymer         . WATER                                                                                           ? 'H2 O' 
18.015  
ILE 'L-peptide linking' y ISOLEUCINE                                                                                      ? 
'C6 H13 N O2'    131.173 
LEU 'L-peptide linking' y LEUCINE                                                                                         ? 
'C6 H13 N O2'    131.173 
LYS 'L-peptide linking' y LYSINE                                                                                          ? 
'C6 H15 N2 O2 1' 147.195 
MET 'L-peptide linking' y METHIONINE                                                                                      ? 
'C5 H11 N O2 S'  149.211 
PHE 'L-peptide linking' y PHENYLALANINE                                                                                   ? 
'C9 H11 N O2'    165.189 
PRO 'L-peptide linking' y PROLINE                                                                                         ? 
'C5 H9 N O2'     115.130 
SER 'L-peptide linking' y SERINE                                                                                          ? 
'C3 H7 N O3'     105.093 
THR 'L-peptide linking' y THREONINE                                                                                       ? 
'C4 H9 N O3'     119.119 
TRP 'L-peptide linking' y TRYPTOPHAN                                                                                      ? 
'C11 H12 N2 O2'  204.225 
TYR 'L-peptide linking' y TYROSINE                                                                                        ? 
'C9 H11 N O3'    181.189 
VAL 'L-peptide linking' y VALINE                                                                                          ? 
'C5 H11 N O2'    117.146 
# 
_exptl.absorpt_coefficient_mu     ? 
_exptl.absorpt_correction_T_max   ? 
_exptl.absorpt_correction_T_min   ? 
_exptl.absorpt_correction_type    ? 
_exptl.absorpt_process_details    ? 
_exptl.entry_id                   6L01 
_exptl.crystals_number            1 
_exptl.details                    ? 
_exptl.method                     'X-RAY DIFFRACTION' 
_exptl.method_details             ? 
# 
_exptl_crystal.colour                      ? 
_exptl_crystal.density_diffrn              ? 
_exptl_crystal.density_Matthews            1.97 
_exptl_crystal.density_method              ? 
_exptl_crystal.density_percent_sol         37.47 
_exptl_crystal.description                 ? 
_exptl_crystal.F_000                       ? 
_exptl_crystal.id                          1 
_exptl_crystal.preparation                 ? 
_exptl_crystal.size_max                    ? 
_exptl_crystal.size_mid                    ? 
_exptl_crystal.size_min                    ? 
_exptl_crystal.size_rad                    ? 
_exptl_crystal.colour_lustre               ? 
_exptl_crystal.colour_modifier             ? 
_exptl_crystal.colour_primary              ? 
_exptl_crystal.density_meas                ? 
_exptl_crystal.density_meas_esd            ? 
_exptl_crystal.density_meas_gt             ? 
_exptl_crystal.density_meas_lt             ? 
_exptl_crystal.density_meas_temp           ? 
_exptl_crystal.density_meas_temp_esd       ? 
_exptl_crystal.density_meas_temp_gt        ? 
_exptl_crystal.density_meas_temp_lt        ? 
_exptl_crystal.pdbx_crystal_image_url      ? 
_exptl_crystal.pdbx_crystal_image_format   ? 
_exptl_crystal.pdbx_mosaicity              ? 
_exptl_crystal.pdbx_mosaicity_esd          ? 
# 
_exptl_crystal_grow.apparatus       ? 
_exptl_crystal_grow.atmosphere      ? 
_exptl_crystal_grow.crystal_id      1 
_exptl_crystal_grow.details         ? 
_exptl_crystal_grow.method          'VAPOR DIFFUSION' 
_exptl_crystal_grow.method_ref      ? 
_exptl_crystal_grow.pH              ? 
_exptl_crystal_grow.pressure        ? 
_exptl_crystal_grow.pressure_esd    ? 
_exptl_crystal_grow.seeding         ? 
_exptl_crystal_grow.seeding_ref     ? 
_exptl_crystal_grow.temp            293 
_exptl_crystal_grow.temp_details    ? 
_exptl_crystal_grow.temp_esd        ? 
_exptl_crystal_grow.time            ? 
_exptl_crystal_grow.pdbx_details    'MES, Ammonium acetate, PEG10000' 
_exptl_crystal_grow.pdbx_pH_range   ? 
# 
_diffrn.ambient_environment              ? 
_diffrn.ambient_temp                     100 
_diffrn.ambient_temp_details             ? 
_diffrn.ambient_temp_esd                 ? 
_diffrn.crystal_id                       1 
_diffrn.crystal_support                  ? 
_diffrn.crystal_treatment                ? 
_diffrn.details                          ? 
_diffrn.id                               1 
_diffrn.ambient_pressure                 ? 
_diffrn.ambient_pressure_esd             ? 
_diffrn.ambient_pressure_gt              ? 
_diffrn.ambient_pressure_lt              ? 
_diffrn.ambient_temp_gt                  ? 
_diffrn.ambient_temp_lt                  ? 
_diffrn.pdbx_serial_crystal_experiment   N 
# 
_diffrn_detector.details                      ? 
_diffrn_detector.detector                     'IMAGE PLATE' 
_diffrn_detector.diffrn_id                    1 
_diffrn_detector.type                         'RIGAKU RAXIS VII' 
_diffrn_detector.area_resol_mean              ? 
_diffrn_detector.dtime                        ? 
_diffrn_detector.pdbx_frames_total            ? 
_diffrn_detector.pdbx_collection_time_total   ? 
_diffrn_detector.pdbx_collection_date         2014-12-05 
_diffrn_detector.pdbx_frequency               ? 
# 
_diffrn_radiation.collimation                      ? 
_diffrn_radiation.diffrn_id                        1 
_diffrn_radiation.filter_edge                      ? 
_diffrn_radiation.inhomogeneity                    ? 
_diffrn_radiation.monochromator                    ? 
_diffrn_radiation.polarisn_norm                    ? 
_diffrn_radiation.polarisn_ratio                   ? 
_diffrn_radiation.probe                            ? 
_diffrn_radiation.type                             ? 
_diffrn_radiation.xray_symbol                      ? 
_diffrn_radiation.wavelength_id                    1 
_diffrn_radiation.pdbx_monochromatic_or_laue_m_l   M 
_diffrn_radiation.pdbx_wavelength_list             ? 
_diffrn_radiation.pdbx_wavelength                  ? 
_diffrn_radiation.pdbx_diffrn_protocol             'SINGLE WAVELENGTH' 
_diffrn_radiation.pdbx_analyzer                    ? 
_diffrn_radiation.pdbx_scattering_type             x-ray 
# 
_diffrn_radiation_wavelength.id           1 
_diffrn_radiation_wavelength.wavelength   1.5418 
_diffrn_radiation_wavelength.wt           1.0 
# 
_diffrn_source.current                     ? 
_diffrn_source.details                     ? 
_diffrn_source.diffrn_id                   1 
_diffrn_source.power                       ? 
_diffrn_source.size                        ? 
_diffrn_source.source                      'ROTATING ANODE' 
_diffrn_source.target                      ? 
_diffrn_source.type                        'RIGAKU MICROMAX-007 HF' 
_diffrn_source.voltage                     ? 
_diffrn_source.take-off_angle              ? 
_diffrn_source.pdbx_wavelength_list        1.5418 
_diffrn_source.pdbx_wavelength             ? 
_diffrn_source.pdbx_synchrotron_beamline   ? 
_diffrn_source.pdbx_synchrotron_site       ? 
# 
_reflns.B_iso_Wilson_estimate            ? 
_reflns.entry_id                         6L01 
_reflns.data_reduction_details           ? 
_reflns.data_reduction_method            ? 
_reflns.d_resolution_high                2.60 
_reflns.d_resolution_low                 21.54 
_reflns.details                          ? 
_reflns.limit_h_max                      ? 
_reflns.limit_h_min                      ? 
_reflns.limit_k_max                      ? 
_reflns.limit_k_min                      ? 
_reflns.limit_l_max                      ? 
_reflns.limit_l_min                      ? 
_reflns.number_all                       ? 
_reflns.number_obs                       6243 
_reflns.observed_criterion               ? 
_reflns.observed_criterion_F_max         ? 
_reflns.observed_criterion_F_min         ? 
_reflns.observed_criterion_I_max         ? 
_reflns.observed_criterion_I_min         ? 
_reflns.observed_criterion_sigma_F       ? 
_reflns.observed_criterion_sigma_I       ? 
_reflns.percent_possible_obs             100.0 
_reflns.R_free_details                   ? 
_reflns.Rmerge_F_all                     ? 
_reflns.Rmerge_F_obs                     ? 
_reflns.Friedel_coverage                 ? 
_reflns.number_gt                        ? 
_reflns.threshold_expression             ? 
_reflns.pdbx_redundancy                  5.72 
_reflns.pdbx_Rmerge_I_obs                0.149 
_reflns.pdbx_Rmerge_I_all                ? 
_reflns.pdbx_Rsym_value                  ? 
_reflns.pdbx_netI_over_av_sigmaI         ? 
_reflns.pdbx_netI_over_sigmaI            7.8 
_reflns.pdbx_res_netI_over_av_sigmaI_2   ? 
_reflns.pdbx_res_netI_over_sigmaI_2      ? 
_reflns.pdbx_chi_squared                 ? 
_reflns.pdbx_scaling_rejects             ? 
_reflns.pdbx_d_res_high_opt              ? 
_reflns.pdbx_d_res_low_opt               ? 
_reflns.pdbx_d_res_opt_method            ? 
_reflns.phase_calculation_details        ? 
_reflns.pdbx_Rrim_I_all                  ? 
_reflns.pdbx_Rpim_I_all                  ? 
_reflns.pdbx_d_opt                       ? 
_reflns.pdbx_number_measured_all         ? 
_reflns.pdbx_diffrn_id                   1 
_reflns.pdbx_ordinal                     1 
_reflns.pdbx_CC_half                     ? 
_reflns.pdbx_R_split                     ? 
# 
_reflns_shell.d_res_high                  2.60 
_reflns_shell.d_res_low                   2.69 
_reflns_shell.meanI_over_sigI_all         ? 
_reflns_shell.meanI_over_sigI_obs         ? 
_reflns_shell.number_measured_all         ? 
_reflns_shell.number_measured_obs         ? 
_reflns_shell.number_possible             ? 
_reflns_shell.number_unique_all           ? 
_reflns_shell.number_unique_obs           598 
_reflns_shell.percent_possible_all        ? 
_reflns_shell.percent_possible_obs        ? 
_reflns_shell.Rmerge_F_all                ? 
_reflns_shell.Rmerge_F_obs                ? 
_reflns_shell.Rmerge_I_all                ? 
_reflns_shell.Rmerge_I_obs                0.325 
_reflns_shell.meanI_over_sigI_gt          ? 
_reflns_shell.meanI_over_uI_all           ? 
_reflns_shell.meanI_over_uI_gt            ? 
_reflns_shell.number_measured_gt          ? 
_reflns_shell.number_unique_gt            ? 
_reflns_shell.percent_possible_gt         ? 
_reflns_shell.Rmerge_F_gt                 ? 
_reflns_shell.Rmerge_I_gt                 ? 
_reflns_shell.pdbx_redundancy             ? 
_reflns_shell.pdbx_Rsym_value             ? 
_reflns_shell.pdbx_chi_squared            ? 
_reflns_shell.pdbx_netI_over_sigmaI_all   ? 
_reflns_shell.pdbx_netI_over_sigmaI_obs   ? 
_reflns_shell.pdbx_Rrim_I_all             ? 
_reflns_shell.pdbx_Rpim_I_all             ? 
_reflns_shell.pdbx_rejects                ? 
_reflns_shell.pdbx_ordinal                1 
_reflns_shell.pdbx_diffrn_id              1 
_reflns_shell.pdbx_CC_half                ? 
_reflns_shell.pdbx_R_split                ? 
# 
_refine.aniso_B[1][1]                            ? 
_refine.aniso_B[1][2]                            ? 
_refine.aniso_B[1][3]                            ? 
_refine.aniso_B[2][2]                            ? 
_refine.aniso_B[2][3]                            ? 
_refine.aniso_B[3][3]                            ? 
_refine.B_iso_max                                ? 
_refine.B_iso_mean                               ? 
_refine.B_iso_min                                ? 
_refine.correlation_coeff_Fo_to_Fc               ? 
_refine.correlation_coeff_Fo_to_Fc_free          ? 
_refine.details                                  ? 
_refine.diff_density_max                         ? 
_refine.diff_density_max_esd                     ? 
_refine.diff_density_min                         ? 
_refine.diff_density_min_esd                     ? 
_refine.diff_density_rms                         ? 
_refine.diff_density_rms_esd                     ? 
_refine.entry_id                                 6L01 
_refine.pdbx_refine_id                           'X-RAY DIFFRACTION' 
_refine.ls_abs_structure_details                 ? 
_refine.ls_abs_structure_Flack                   ? 
_refine.ls_abs_structure_Flack_esd               ? 
_refine.ls_abs_structure_Rogers                  ? 
_refine.ls_abs_structure_Rogers_esd              ? 
_refine.ls_d_res_high                            2.60 
_refine.ls_d_res_low                             21.54 
_refine.ls_extinction_coef                       ? 
_refine.ls_extinction_coef_esd                   ? 
_refine.ls_extinction_expression                 ? 
_refine.ls_extinction_method                     ? 
_refine.ls_goodness_of_fit_all                   ? 
_refine.ls_goodness_of_fit_all_esd               ? 
_refine.ls_goodness_of_fit_obs                   ? 
_refine.ls_goodness_of_fit_obs_esd               ? 
_refine.ls_hydrogen_treatment                    ? 
_refine.ls_matrix_type                           ? 
_refine.ls_number_constraints                    ? 
_refine.ls_number_parameters                     ? 
_refine.ls_number_reflns_all                     ? 
_refine.ls_number_reflns_obs                     5930 
_refine.ls_number_reflns_R_free                  287 
_refine.ls_number_reflns_R_work                  ? 
_refine.ls_number_restraints                     ? 
_refine.ls_percent_reflns_obs                    99.63 
_refine.ls_percent_reflns_R_free                 ? 
_refine.ls_R_factor_all                          ? 
_refine.ls_R_factor_obs                          0.23304 
_refine.ls_R_factor_R_free                       0.28675 
_refine.ls_R_factor_R_free_error                 ? 
_refine.ls_R_factor_R_free_error_details         ? 
_refine.ls_R_factor_R_work                       0.23027 
_refine.ls_R_Fsqd_factor_obs                     ? 
_refine.ls_R_I_factor_obs                        ? 
_refine.ls_redundancy_reflns_all                 ? 
_refine.ls_redundancy_reflns_obs                 ? 
_refine.ls_restrained_S_all                      ? 
_refine.ls_restrained_S_obs                      ? 
_refine.ls_shift_over_esd_max                    ? 
_refine.ls_shift_over_esd_mean                   ? 
_refine.ls_structure_factor_coef                 ? 
_refine.ls_weighting_details                     ? 
_refine.ls_weighting_scheme                      ? 
_refine.ls_wR_factor_all                         ? 
_refine.ls_wR_factor_obs                         ? 
_refine.ls_wR_factor_R_free                      ? 
_refine.ls_wR_factor_R_work                      ? 
_refine.occupancy_max                            ? 
_refine.occupancy_min                            ? 
_refine.solvent_model_details                    ? 
_refine.solvent_model_param_bsol                 ? 
_refine.solvent_model_param_ksol                 ? 
_refine.ls_R_factor_gt                           ? 
_refine.ls_goodness_of_fit_gt                    ? 
_refine.ls_goodness_of_fit_ref                   ? 
_refine.ls_shift_over_su_max                     ? 
_refine.ls_shift_over_su_max_lt                  ? 
_refine.ls_shift_over_su_mean                    ? 
_refine.ls_shift_over_su_mean_lt                 ? 
_refine.pdbx_ls_sigma_I                          ? 
_refine.pdbx_ls_sigma_F                          ? 
_refine.pdbx_ls_sigma_Fsqd                       ? 
_refine.pdbx_data_cutoff_high_absF               ? 
_refine.pdbx_data_cutoff_high_rms_absF           ? 
_refine.pdbx_data_cutoff_low_absF                ? 
_refine.pdbx_isotropic_thermal_model             ? 
_refine.pdbx_ls_cross_valid_method               'FREE R-VALUE' 
_refine.pdbx_method_to_determine_struct          'MOLECULAR REPLACEMENT' 
_refine.pdbx_starting_model                      1AJ6 
_refine.pdbx_stereochemistry_target_values       ? 
_refine.pdbx_R_Free_selection_details            ? 
_refine.pdbx_stereochem_target_val_spec_case     ? 
_refine.pdbx_overall_ESU_R                       ? 
_refine.pdbx_overall_ESU_R_Free                  ? 
_refine.pdbx_solvent_vdw_probe_radii             ? 
_refine.pdbx_solvent_ion_probe_radii             ? 
_refine.pdbx_solvent_shrinkage_radii             ? 
_refine.pdbx_real_space_R                        ? 
_refine.pdbx_density_correlation                 ? 
_refine.pdbx_pd_number_of_powder_patterns        ? 
_refine.pdbx_pd_number_of_points                 ? 
_refine.pdbx_pd_meas_number_of_points            ? 
_refine.pdbx_pd_proc_ls_prof_R_factor            ? 
_refine.pdbx_pd_proc_ls_prof_wR_factor           ? 
_refine.pdbx_pd_Marquardt_correlation_coeff      ? 
_refine.pdbx_pd_Fsqrd_R_factor                   ? 
_refine.pdbx_pd_ls_matrix_band_width             ? 
_refine.pdbx_overall_phase_error                 ? 
_refine.pdbx_overall_SU_R_free_Cruickshank_DPI   ? 
_refine.pdbx_overall_SU_R_free_Blow_DPI          ? 
_refine.pdbx_overall_SU_R_Blow_DPI               ? 
_refine.pdbx_TLS_residual_ADP_flag               ? 
_refine.pdbx_diffrn_id                           1 
_refine.overall_SU_B                             ? 
_refine.overall_SU_ML                            ? 
_refine.overall_SU_R_Cruickshank_DPI             ? 
_refine.overall_SU_R_free                        ? 
_refine.overall_FOM_free_R_set                   ? 
_refine.overall_FOM_work_R_set                   ? 
_refine.pdbx_average_fsc_overall                 ? 
_refine.pdbx_average_fsc_work                    ? 
_refine.pdbx_average_fsc_free                    ? 
# 
_refine_hist.pdbx_refine_id                   'X-RAY DIFFRACTION' 
_refine_hist.cycle_id                         LAST 
_refine_hist.pdbx_number_atoms_protein        1524 
_refine_hist.pdbx_number_atoms_nucleic_acid   0 
_refine_hist.pdbx_number_atoms_ligand         26 
_refine_hist.number_atoms_solvent             19 
_refine_hist.number_atoms_total               1569 
_refine_hist.d_res_high                       2.60 
_refine_hist.d_res_low                        21.54 
# 
_refine_ls_shell.R_factor_R_free                  0.350 
_refine_ls_shell.R_factor_R_free_error            ? 
_refine_ls_shell.R_factor_R_work                  0.336 
_refine_ls_shell.R_factor_all                     ? 
_refine_ls_shell.R_factor_obs                     ? 
_refine_ls_shell.d_res_high                       2.600 
_refine_ls_shell.d_res_low                        2.667 
_refine_ls_shell.number_reflns_R_free             14 
_refine_ls_shell.number_reflns_R_work             ? 
_refine_ls_shell.number_reflns_all                ? 
_refine_ls_shell.number_reflns_obs                430 
_refine_ls_shell.pdbx_R_complete                  ? 
_refine_ls_shell.pdbx_fsc_free                    ? 
_refine_ls_shell.pdbx_fsc_work                    ? 
_refine_ls_shell.pdbx_phase_error                 ? 
_refine_ls_shell.pdbx_refine_id                   'X-RAY DIFFRACTION' 
_refine_ls_shell.pdbx_total_number_of_bins_used   ? 
_refine_ls_shell.percent_reflns_R_free            ? 
_refine_ls_shell.percent_reflns_obs               ? 
_refine_ls_shell.redundancy_reflns_all            ? 
_refine_ls_shell.redundancy_reflns_obs            ? 
_refine_ls_shell.wR_factor_R_free                 ? 
_refine_ls_shell.wR_factor_R_work                 ? 
_refine_ls_shell.wR_factor_all                    ? 
_refine_ls_shell.wR_factor_obs                    ? 
# 
_struct.entry_id                     6L01 
_struct.title                        
'Crystal structure of E.coli DNA gyrase B in complex with 2-oxo-1,2-dihydroquinoline derivative' 
_struct.pdbx_model_details           ? 
_struct.pdbx_formula_weight          ? 
_struct.pdbx_formula_weight_method   ? 
_struct.pdbx_model_type_details      ? 
_struct.pdbx_CASP_flag               N 
# 
_struct_keywords.entry_id        6L01 
_struct_keywords.text            'Inhibitor, Complex, Topoisomerase, Escherichia coli, ISOMERASE' 
_struct_keywords.pdbx_keywords   ISOMERASE 
# 
loop_
_struct_asym.id 
_struct_asym.pdbx_blank_PDB_chainid_flag 
_struct_asym.pdbx_modified 
_struct_asym.entity_id 
_struct_asym.details 
A N N 1 ? 
B N N 2 ? 
C N N 3 ? 
# 
loop_
_struct_conf.conf_type_id 
_struct_conf.id 
_struct_conf.pdbx_PDB_helix_id 
_struct_conf.beg_label_comp_id 
_struct_conf.beg_label_asym_id 
_struct_conf.beg_label_seq_id 
_struct_conf.pdbx_beg_PDB_ins_code 
_struct_conf.end_label_comp_id 
_struct_conf.end_label_asym_id 
_struct_conf.end_label_seq_id 
_struct_conf.pdbx_end_PDB_ins_code 
_struct_conf.beg_auth_comp_id 
_struct_conf.beg_auth_asym_id 
_struct_conf.beg_auth_seq_id 
_struct_conf.end_auth_comp_id 
_struct_conf.end_auth_asym_id 
_struct_conf.end_auth_seq_id 
_struct_conf.pdbx_PDB_helix_class 
_struct_conf.details 
_struct_conf.pdbx_PDB_helix_length 
HELX_P HELX_P1 AA1 SER A 7   ? ARG A 22  ? SER A 7   ARG A 22  1 ? 16 
HELX_P HELX_P2 AA2 PRO A 23  ? TYR A 26  ? PRO A 23  TYR A 26  5 ? 4  
HELX_P HELX_P3 AA3 GLY A 33  ? ALA A 53  ? GLY A 33  ALA A 53  1 ? 21 
HELX_P HELX_P4 AA4 SER A 89  ? VAL A 97  ? SER A 89  VAL A 97  1 ? 9  
HELX_P HELX_P5 AA5 GLY A 119 ? LEU A 126 ? GLY A 119 LEU A 126 1 ? 8  
HELX_P HELX_P6 AA6 GLU A 183 ? ASN A 198 ? GLU A 183 ASN A 198 1 ? 16 
# 
_struct_conf_type.id          HELX_P 
_struct_conf_type.criteria    ? 
_struct_conf_type.reference   ? 
# 
loop_
_struct_sheet.id 
_struct_sheet.type 
_struct_sheet.number_strands 
_struct_sheet.details 
AA1 ? 3 ? 
AA2 ? 8 ? 
# 
loop_
_struct_sheet_order.sheet_id 
_struct_sheet_order.range_id_1 
_struct_sheet_order.range_id_2 
_struct_sheet_order.offset 
_struct_sheet_order.sense 
AA1 1 2 ? anti-parallel 
AA1 2 3 ? anti-parallel 
AA2 1 2 ? anti-parallel 
AA2 2 3 ? anti-parallel 
AA2 3 4 ? anti-parallel 
AA2 4 5 ? anti-parallel 
AA2 5 6 ? anti-parallel 
AA2 6 7 ? parallel      
AA2 7 8 ? anti-parallel 
# 
loop_
_struct_sheet_range.sheet_id 
_struct_sheet_range.id 
_struct_sheet_range.beg_label_comp_id 
_struct_sheet_range.beg_label_asym_id 
_struct_sheet_range.beg_label_seq_id 
_struct_sheet_range.pdbx_beg_PDB_ins_code 
_struct_sheet_range.end_label_comp_id 
_struct_sheet_range.end_label_asym_id 
_struct_sheet_range.end_label_seq_id 
_struct_sheet_range.pdbx_end_PDB_ins_code 
_struct_sheet_range.beg_auth_comp_id 
_struct_sheet_range.beg_auth_asym_id 
_struct_sheet_range.beg_auth_seq_id 
_struct_sheet_range.end_auth_comp_id 
_struct_sheet_range.end_auth_asym_id 
_struct_sheet_range.end_auth_seq_id 
AA1 1 VAL A 149 ? PRO A 150 ? VAL A 149 PRO A 150 
AA1 2 LYS A 139 ? GLU A 146 ? LYS A 139 GLU A 146 
AA1 3 ALA A 155 ? GLU A 159 ? ALA A 155 GLU A 159 
AA2 1 VAL A 149 ? PRO A 150 ? VAL A 149 PRO A 150 
AA2 2 LYS A 139 ? GLU A 146 ? LYS A 139 GLU A 146 
AA2 3 SER A 127 ? ARG A 136 ? SER A 127 ARG A 136 
AA2 4 GLY A 164 ? PRO A 171 ? GLY A 164 PRO A 171 
AA2 5 VAL A 69  ? ASP A 73  ? VAL A 69  ASP A 73  
AA2 6 GLU A 58  ? ILE A 63  ? GLU A 58  ILE A 63  
AA2 7 SER A 202 ? ASP A 207 ? SER A 202 ASP A 207 
AA2 8 GLU A 213 ? PHE A 216 ? GLU A 213 PHE A 216 
# 
loop_
_pdbx_struct_sheet_hbond.sheet_id 
_pdbx_struct_sheet_hbond.range_id_1 
_pdbx_struct_sheet_hbond.range_id_2 
_pdbx_struct_sheet_hbond.range_1_label_atom_id 
_pdbx_struct_sheet_hbond.range_1_label_comp_id 
_pdbx_struct_sheet_hbond.range_1_label_asym_id 
_pdbx_struct_sheet_hbond.range_1_label_seq_id 
_pdbx_struct_sheet_hbond.range_1_PDB_ins_code 
_pdbx_struct_sheet_hbond.range_1_auth_atom_id 
_pdbx_struct_sheet_hbond.range_1_auth_comp_id 
_pdbx_struct_sheet_hbond.range_1_auth_asym_id 
_pdbx_struct_sheet_hbond.range_1_auth_seq_id 
_pdbx_struct_sheet_hbond.range_2_label_atom_id 
_pdbx_struct_sheet_hbond.range_2_label_comp_id 
_pdbx_struct_sheet_hbond.range_2_label_asym_id 
_pdbx_struct_sheet_hbond.range_2_label_seq_id 
_pdbx_struct_sheet_hbond.range_2_PDB_ins_code 
_pdbx_struct_sheet_hbond.range_2_auth_atom_id 
_pdbx_struct_sheet_hbond.range_2_auth_comp_id 
_pdbx_struct_sheet_hbond.range_2_auth_asym_id 
_pdbx_struct_sheet_hbond.range_2_auth_seq_id 
AA1 1 2 O VAL A 149 ? O VAL A 149 N GLU A 146 ? N GLU A 146 
AA1 2 3 N ILE A 140 ? N ILE A 140 O THR A 157 ? O THR A 157 
AA2 1 2 O VAL A 149 ? O VAL A 149 N GLU A 146 ? N GLU A 146 
AA2 2 3 O HIS A 141 ? O HIS A 141 N ILE A 134 ? N ILE A 134 
AA2 3 4 N GLU A 131 ? N GLU A 131 O ARG A 168 ? O ARG A 168 
AA2 4 5 O THR A 165 ? O THR A 165 N ASP A 73  ? N ASP A 73  
AA2 5 6 O GLN A 72  ? O GLN A 72  N ILE A 60  ? N ILE A 60  
AA2 6 7 N VAL A 61  ? N VAL A 61  O ARG A 204 ? O ARG A 204 
AA2 7 8 N ILE A 203 ? N ILE A 203 O PHE A 216 ? O PHE A 216 
# 
_struct_site.id                   AC1 
_struct_site.pdbx_evidence_code   Software 
_struct_site.pdbx_auth_asym_id    A 
_struct_site.pdbx_auth_comp_id    E0U 
_struct_site.pdbx_auth_seq_id     301 
_struct_site.pdbx_auth_ins_code   ? 
_struct_site.pdbx_num_residues    12 
_struct_site.details              'binding site for residue E0U A 301' 
# 
loop_
_struct_site_gen.id 
_struct_site_gen.site_id 
_struct_site_gen.pdbx_num_res 
_struct_site_gen.label_comp_id 
_struct_site_gen.label_asym_id 
_struct_site_gen.label_seq_id 
_struct_site_gen.pdbx_auth_ins_code 
_struct_site_gen.auth_comp_id 
_struct_site_gen.auth_asym_id 
_struct_site_gen.auth_seq_id 
_struct_site_gen.label_atom_id 
_struct_site_gen.label_alt_id 
_struct_site_gen.symmetry 
_struct_site_gen.details 
1  AC1 12 ASN A 46  ? ASN A 46  . ? 1_555 ? 
2  AC1 12 GLU A 50  ? GLU A 50  . ? 1_555 ? 
3  AC1 12 VAL A 71  ? VAL A 71  . ? 1_555 ? 
4  AC1 12 ASP A 73  ? ASP A 73  . ? 1_555 ? 
5  AC1 12 ARG A 76  ? ARG A 76  . ? 1_555 ? 
6  AC1 12 GLY A 77  ? GLY A 77  . ? 1_555 ? 
7  AC1 12 ILE A 78  ? ILE A 78  . ? 1_555 ? 
8  AC1 12 PRO A 79  ? PRO A 79  . ? 1_555 ? 
9  AC1 12 VAL A 120 ? VAL A 120 . ? 1_555 ? 
10 AC1 12 THR A 165 ? THR A 165 . ? 1_555 ? 
11 AC1 12 VAL A 167 ? VAL A 167 . ? 1_555 ? 
12 AC1 12 HOH C .   ? HOH A 403 . ? 1_555 ? 
# 
_atom_sites.entry_id                    6L01 
_atom_sites.Cartn_transf_matrix[1][1]   ? 
_atom_sites.Cartn_transf_matrix[1][2]   ? 
_atom_sites.Cartn_transf_matrix[1][3]   ? 
_atom_sites.Cartn_transf_matrix[2][1]   ? 
_atom_sites.Cartn_transf_matrix[2][2]   ? 
_atom_sites.Cartn_transf_matrix[2][3]   ? 
_atom_sites.Cartn_transf_matrix[3][1]   ? 
_atom_sites.Cartn_transf_matrix[3][2]   ? 
_atom_sites.Cartn_transf_matrix[3][3]   ? 
_atom_sites.Cartn_transf_vector[1]      ? 
_atom_sites.Cartn_transf_vector[2]      ? 
_atom_sites.Cartn_transf_vector[3]      ? 
_atom_sites.fract_transf_matrix[1][1]   0.00221379 
_atom_sites.fract_transf_matrix[1][2]   -0.01846410 
_atom_sites.fract_transf_matrix[1][3]   0.01524895 
_atom_sites.fract_transf_matrix[2][1]   -0.01459193 
_atom_sites.fract_transf_matrix[2][2]   -0.00279488 
_atom_sites.fract_transf_matrix[2][3]   -0.00126575 
_atom_sites.fract_transf_matrix[3][1]   0.00269613 
_atom_sites.fract_transf_matrix[3][2]   -0.00897661 
_atom_sites.fract_transf_matrix[3][3]   -0.01126069 
_atom_sites.fract_transf_vector[1]      -0.015565 
_atom_sites.fract_transf_vector[2]      -0.068141 
_atom_sites.fract_transf_vector[3]      0.180970 
_atom_sites.solution_primary            ? 
_atom_sites.solution_secondary          ? 
_atom_sites.solution_hydrogens          ? 
_atom_sites.special_details             ? 
# 
loop_
_atom_type.symbol 
C 
N 
O 
S 
# 
loop_
_atom_site.group_PDB 
_atom_site.id 
_atom_site.type_symbol 
_atom_site.label_atom_id 
_atom_site.label_alt_id 
_atom_site.label_comp_id 
_atom_site.label_asym_id 
_atom_site.label_entity_id 
_atom_site.label_seq_id 
_atom_site.pdbx_PDB_ins_code 
_atom_site.Cartn_x 
_atom_site.Cartn_y 
_atom_site.Cartn_z 
_atom_site.occupancy 
_atom_site.B_iso_or_equiv 
_atom_site.pdbx_formal_charge 
_atom_site.auth_seq_id 
_atom_site.auth_comp_id 
_atom_site.auth_asym_id 
_atom_site.auth_atom_id 
_atom_site.pdbx_PDB_model_num 
ATOM   1    N N   . SER A 1 7   ? 17.709  -17.909 -0.041  1.00 56.37  ? 7   SER A N   1 
ATOM   2    C CA  . SER A 1 7   ? 17.029  -19.173 0.382   1.00 58.53  ? 7   SER A CA  1 
ATOM   3    C C   . SER A 1 7   ? 15.518  -18.941 0.397   1.00 60.23  ? 7   SER A C   1 
ATOM   4    O O   . SER A 1 7   ? 14.764  -19.483 -0.419  1.00 60.61  ? 7   SER A O   1 
ATOM   5    C CB  . SER A 1 7   ? 17.553  -19.593 1.758   1.00 58.14  ? 7   SER A CB  1 
ATOM   6    O OG  . SER A 1 7   ? 17.627  -18.450 2.597   1.00 57.47  ? 7   SER A OG  1 
ATOM   7    N N   . SER A 1 8   ? 15.084  -18.088 1.308   1.00 62.41  ? 8   SER A N   1 
ATOM   8    C CA  . SER A 1 8   ? 13.747  -17.512 1.209   1.00 56.92  ? 8   SER A CA  1 
ATOM   9    C C   . SER A 1 8   ? 13.770  -16.314 0.281   1.00 52.72  ? 8   SER A C   1 
ATOM   10   O O   . SER A 1 8   ? 12.775  -16.047 -0.379  1.00 54.42  ? 8   SER A O   1 
ATOM   11   C CB  . SER A 1 8   ? 13.225  -17.083 2.571   1.00 56.86  ? 8   SER A CB  1 
ATOM   12   O OG  . SER A 1 8   ? 13.602  -18.024 3.546   1.00 59.63  ? 8   SER A OG  1 
ATOM   13   N N   . SER A 1 9   ? 14.892  -15.591 0.210   1.00 45.79  ? 9   SER A N   1 
ATOM   14   C CA  . SER A 1 9   ? 14.963  -14.521 -0.773  1.00 42.53  ? 9   SER A CA  1 
ATOM   15   C C   . SER A 1 9   ? 14.672  -15.171 -2.128  1.00 41.04  ? 9   SER A C   1 
ATOM   16   O O   . SER A 1 9   ? 13.955  -14.597 -2.939  1.00 40.82  ? 9   SER A O   1 
ATOM   17   C CB  . SER A 1 9   ? 16.273  -13.709 -0.709  1.00 41.04  ? 9   SER A CB  1 
ATOM   18   O OG  . SER A 1 9   ? 17.271  -14.120 -1.614  1.00 38.79  ? 9   SER A OG  1 
ATOM   19   N N   . ILE A 1 10  ? 15.088  -16.428 -2.298  1.00 38.16  ? 10  ILE A N   1 
ATOM   20   C CA  . ILE A 1 10  ? 14.928  -17.119 -3.570  1.00 35.79  ? 10  ILE A CA  1 
ATOM   21   C C   . ILE A 1 10  ? 13.485  -17.197 -3.998  1.00 34.70  ? 10  ILE A C   1 
ATOM   22   O O   . ILE A 1 10  ? 13.178  -16.874 -5.139  1.00 33.82  ? 10  ILE A O   1 
ATOM   23   C CB  . ILE A 1 10  ? 15.565  -18.530 -3.571  1.00 35.30  ? 10  ILE A CB  1 
ATOM   24   C CG1 . ILE A 1 10  ? 17.033  -18.420 -3.122  1.00 35.09  ? 10  ILE A CG1 1 
ATOM   25   C CG2 . ILE A 1 10  ? 15.472  -19.156 -4.959  1.00 34.51  ? 10  ILE A CG2 1 
ATOM   26   C CD1 . ILE A 1 10  ? 17.948  -19.583 -3.426  1.00 33.75  ? 10  ILE A CD1 1 
ATOM   27   N N   . LYS A 1 11  ? 12.612  -17.599 -3.080  1.00 36.23  ? 11  LYS A N   1 
ATOM   28   C CA  . LYS A 1 11  ? 11.169  -17.733 -3.370  1.00 36.22  ? 11  LYS A CA  1 
ATOM   29   C C   . LYS A 1 11  ? 10.487  -16.396 -3.603  1.00 31.23  ? 11  LYS A C   1 
ATOM   30   O O   . LYS A 1 11  ? 9.542   -16.312 -4.386  1.00 28.65  ? 11  LYS A O   1 
ATOM   31   C CB  . LYS A 1 11  ? 10.438  -18.452 -2.231  1.00 40.48  ? 11  LYS A CB  1 
ATOM   32   C CG  . LYS A 1 11  ? 11.088  -19.760 -1.807  1.00 46.47  ? 11  LYS A CG  1 
ATOM   33   C CD  . LYS A 1 11  ? 10.077  -20.759 -1.213  1.00 50.43  ? 11  LYS A CD  1 
ATOM   34   C CE  . LYS A 1 11  ? 10.760  -22.082 -0.838  1.00 49.96  ? 11  LYS A CE  1 
ATOM   35   N NZ  . LYS A 1 11  ? 9.809   -23.224 -0.784  1.00 49.18  ? 11  LYS A NZ  1 
ATOM   36   N N   . VAL A 1 12  ? 10.945  -15.383 -2.872  1.00 29.20  ? 12  VAL A N   1 
ATOM   37   C CA  . VAL A 1 12  ? 10.417  -14.031 -2.969  1.00 30.13  ? 12  VAL A CA  1 
ATOM   38   C C   . VAL A 1 12  ? 10.669  -13.523 -4.374  1.00 30.06  ? 12  VAL A C   1 
ATOM   39   O O   . VAL A 1 12  ? 9.748   -13.072 -5.029  1.00 32.78  ? 12  VAL A O   1 
ATOM   40   C CB  . VAL A 1 12  ? 11.064  -13.061 -1.929  1.00 30.81  ? 12  VAL A CB  1 
ATOM   41   C CG1 . VAL A 1 12  ? 10.728  -11.598 -2.213  1.00 30.59  ? 12  VAL A CG1 1 
ATOM   42   C CG2 . VAL A 1 12  ? 10.651  -13.412 -0.503  1.00 31.09  ? 12  VAL A CG2 1 
ATOM   43   N N   . LEU A 1 13  ? 11.903  -13.627 -4.852  1.00 29.20  ? 13  LEU A N   1 
ATOM   44   C CA  . LEU A 1 13  ? 12.221  -13.131 -6.185  1.00 28.97  ? 13  LEU A CA  1 
ATOM   45   C C   . LEU A 1 13  ? 11.504  -13.951 -7.233  1.00 29.88  ? 13  LEU A C   1 
ATOM   46   O O   . LEU A 1 13  ? 11.131  -13.408 -8.274  1.00 31.29  ? 13  LEU A O   1 
ATOM   47   C CB  . LEU A 1 13  ? 13.718  -13.157 -6.451  1.00 28.40  ? 13  LEU A CB  1 
ATOM   48   C CG  . LEU A 1 13  ? 14.585  -12.314 -5.521  1.00 27.93  ? 13  LEU A CG  1 
ATOM   49   C CD1 . LEU A 1 13  ? 16.036  -12.391 -5.973  1.00 28.20  ? 13  LEU A CD1 1 
ATOM   50   C CD2 . LEU A 1 13  ? 14.108  -10.875 -5.450  1.00 27.33  ? 13  LEU A CD2 1 
ATOM   51   N N   . LYS A 1 14  ? 11.323  -15.245 -6.955  1.00 30.68  ? 14  LYS A N   1 
ATOM   52   C CA  . LYS A 1 14  ? 10.473  -16.112 -7.787  1.00 32.31  ? 14  LYS A CA  1 
ATOM   53   C C   . LYS A 1 14  ? 9.055   -15.563 -7.870  1.00 30.83  ? 14  LYS A C   1 
ATOM   54   O O   . LYS A 1 14  ? 8.522   -15.470 -8.951  1.00 31.14  ? 14  LYS A O   1 
ATOM   55   C CB  . LYS A 1 14  ? 10.392  -17.545 -7.252  1.00 35.29  ? 14  LYS A CB  1 
ATOM   56   C CG  . LYS A 1 14  ? 11.456  -18.512 -7.736  1.00 37.89  ? 14  LYS A CG  1 
ATOM   57   C CD  . LYS A 1 14  ? 11.444  -19.794 -6.880  1.00 40.48  ? 14  LYS A CD  1 
ATOM   58   C CE  . LYS A 1 14  ? 12.655  -20.732 -7.079  1.00 41.99  ? 14  LYS A CE  1 
ATOM   59   N NZ  . LYS A 1 14  ? 13.494  -20.537 -8.306  1.00 40.70  ? 14  LYS A NZ  1 
ATOM   60   N N   . GLY A 1 15  ? 8.450   -15.230 -6.726  1.00 29.04  ? 15  GLY A N   1 
ATOM   61   C CA  . GLY A 1 15  ? 7.119   -14.625 -6.691  1.00 29.10  ? 15  GLY A CA  1 
ATOM   62   C C   . GLY A 1 15  ? 7.039   -13.280 -7.401  1.00 29.16  ? 15  GLY A C   1 
ATOM   63   O O   . GLY A 1 15  ? 6.060   -12.966 -8.055  1.00 30.87  ? 15  GLY A O   1 
ATOM   64   N N   . LEU A 1 16  ? 8.073   -12.474 -7.274  1.00 28.86  ? 16  LEU A N   1 
ATOM   65   C CA  . LEU A 1 16  ? 8.087   -11.177 -7.906  1.00 29.68  ? 16  LEU A CA  1 
ATOM   66   C C   . LEU A 1 16  ? 8.137   -11.284 -9.413  1.00 30.73  ? 16  LEU A C   1 
ATOM   67   O O   . LEU A 1 16  ? 7.403   -10.568 -10.098 1.00 30.29  ? 16  LEU A O   1 
ATOM   68   C CB  . LEU A 1 16  ? 9.281   -10.377 -7.419  1.00 30.82  ? 16  LEU A CB  1 
ATOM   69   C CG  . LEU A 1 16  ? 9.196   -9.947  -5.956  1.00 31.77  ? 16  LEU A CG  1 
ATOM   70   C CD1 . LEU A 1 16  ? 10.488  -9.242  -5.611  1.00 32.01  ? 16  LEU A CD1 1 
ATOM   71   C CD2 . LEU A 1 16  ? 8.000   -9.052  -5.650  1.00 32.00  ? 16  LEU A CD2 1 
ATOM   72   N N   . ASP A 1 17  ? 9.021   -12.149 -9.918  1.00 31.76  ? 17  ASP A N   1 
ATOM   73   C CA  . ASP A 1 17  ? 9.008   -12.531 -11.330 1.00 34.09  ? 17  ASP A CA  1 
ATOM   74   C C   . ASP A 1 17  ? 7.610   -12.840 -11.803 1.00 29.95  ? 17  ASP A C   1 
ATOM   75   O O   . ASP A 1 17  ? 7.110   -12.258 -12.778 1.00 28.63  ? 17  ASP A O   1 
ATOM   76   C CB  . ASP A 1 17  ? 9.818   -13.809 -11.587 1.00 40.41  ? 17  ASP A CB  1 
ATOM   77   C CG  . ASP A 1 17  ? 11.138  -13.538 -12.244 1.00 47.65  ? 17  ASP A CG  1 
ATOM   78   O OD1 . ASP A 1 17  ? 11.158  -13.124 -13.436 1.00 46.59  ? 17  ASP A OD1 1 
ATOM   79   O OD2 . ASP A 1 17  ? 12.162  -13.750 -11.548 1.00 62.16  ? 17  ASP A OD2 1 
ATOM   80   N N   . ALA A 1 18  ? 7.015   -13.792 -11.090 1.00 26.13  ? 18  ALA A N   1 
ATOM   81   C CA  . ALA A 1 18  ? 5.728   -14.342 -11.438 1.00 24.90  ? 18  ALA A CA  1 
ATOM   82   C C   . ALA A 1 18  ? 4.711   -13.225 -11.723 1.00 23.78  ? 18  ALA A C   1 
ATOM   83   O O   . ALA A 1 18  ? 3.986   -13.262 -12.723 1.00 21.89  ? 18  ALA A O   1 
ATOM   84   C CB  . ALA A 1 18  ? 5.242   -15.275 -10.333 1.00 23.57  ? 18  ALA A CB  1 
ATOM   85   N N   . VAL A 1 19  ? 4.720   -12.221 -10.860 1.00 22.48  ? 19  VAL A N   1 
ATOM   86   C CA  . VAL A 1 19  ? 3.749   -11.189 -10.911 1.00 23.56  ? 19  VAL A CA  1 
ATOM   87   C C   . VAL A 1 19  ? 4.046   -10.196 -12.021 1.00 25.68  ? 19  VAL A C   1 
ATOM   88   O O   . VAL A 1 19  ? 3.160   -9.846  -12.774 1.00 24.71  ? 19  VAL A O   1 
ATOM   89   C CB  . VAL A 1 19  ? 3.661   -10.492 -9.562  1.00 23.47  ? 19  VAL A CB  1 
ATOM   90   C CG1 . VAL A 1 19  ? 2.661   -9.346  -9.614  1.00 23.90  ? 19  VAL A CG1 1 
ATOM   91   C CG2 . VAL A 1 19  ? 3.225   -11.484 -8.506  1.00 23.40  ? 19  VAL A CG2 1 
ATOM   92   N N   . ARG A 1 20  ? 5.285   -9.738  -12.131 1.00 30.29  ? 20  ARG A N   1 
ATOM   93   C CA  . ARG A 1 20  ? 5.646   -8.795  -13.202 1.00 34.32  ? 20  ARG A CA  1 
ATOM   94   C C   . ARG A 1 20  ? 5.513   -9.438  -14.592 1.00 35.14  ? 20  ARG A C   1 
ATOM   95   O O   . ARG A 1 20  ? 5.289   -8.736  -15.565 1.00 31.39  ? 20  ARG A O   1 
ATOM   96   C CB  . ARG A 1 20  ? 7.062   -8.254  -12.998 1.00 38.54  ? 20  ARG A CB  1 
ATOM   97   C CG  . ARG A 1 20  ? 8.142   -9.231  -13.401 1.00 44.13  ? 20  ARG A CG  1 
ATOM   98   C CD  . ARG A 1 20  ? 9.502   -8.737  -12.976 1.00 51.53  ? 20  ARG A CD  1 
ATOM   99   N NE  . ARG A 1 20  ? 10.581  -9.687  -13.292 1.00 55.41  ? 20  ARG A NE  1 
ATOM   100  C CZ  . ARG A 1 20  ? 11.889  -9.391  -13.288 1.00 59.73  ? 20  ARG A CZ  1 
ATOM   101  N NH1 . ARG A 1 20  ? 12.341  -8.158  -13.001 1.00 57.42  ? 20  ARG A NH1 1 
ATOM   102  N NH2 . ARG A 1 20  ? 12.770  -10.346 -13.588 1.00 63.87  ? 20  ARG A NH2 1 
ATOM   103  N N   . LYS A 1 21  ? 5.673   -10.769 -14.660 1.00 38.28  ? 21  LYS A N   1 
ATOM   104  C CA  . LYS A 1 21  ? 5.498   -11.569 -15.897 1.00 38.15  ? 21  LYS A CA  1 
ATOM   105  C C   . LYS A 1 21  ? 4.044   -11.754 -16.374 1.00 37.52  ? 21  LYS A C   1 
ATOM   106  O O   . LYS A 1 21  ? 3.765   -11.806 -17.582 1.00 34.76  ? 21  LYS A O   1 
ATOM   107  C CB  . LYS A 1 21  ? 6.071   -12.970 -15.708 1.00 41.22  ? 21  LYS A CB  1 
ATOM   108  C CG  . LYS A 1 21  ? 7.570   -13.134 -15.874 1.00 43.89  ? 21  LYS A CG  1 
ATOM   109  C CD  . LYS A 1 21  ? 7.883   -14.623 -15.742 1.00 48.33  ? 21  LYS A CD  1 
ATOM   110  C CE  . LYS A 1 21  ? 9.367   -14.969 -15.791 1.00 51.40  ? 21  LYS A CE  1 
ATOM   111  N NZ  . LYS A 1 21  ? 10.017  -14.596 -17.072 1.00 52.35  ? 21  LYS A NZ  1 
ATOM   112  N N   . ARG A 1 22  ? 3.132   -11.930 -15.427 1.00 36.91  ? 22  ARG A N   1 
ATOM   113  C CA  . ARG A 1 22  ? 1.716   -12.090 -15.740 1.00 35.84  ? 22  ARG A CA  1 
ATOM   114  C C   . ARG A 1 22  ? 0.918   -11.239 -14.771 1.00 35.41  ? 22  ARG A C   1 
ATOM   115  O O   . ARG A 1 22  ? 0.243   -11.780 -13.908 1.00 33.82  ? 22  ARG A O   1 
ATOM   116  C CB  . ARG A 1 22  ? 1.297   -13.544 -15.597 1.00 36.64  ? 22  ARG A CB  1 
ATOM   117  C CG  . ARG A 1 22  ? 1.997   -14.512 -16.530 1.00 38.69  ? 22  ARG A CG  1 
ATOM   118  C CD  . ARG A 1 22  ? 1.748   -15.984 -16.179 1.00 40.05  ? 22  ARG A CD  1 
ATOM   119  N NE  . ARG A 1 22  ? 3.025   -16.685 -16.165 1.00 41.79  ? 22  ARG A NE  1 
ATOM   120  C CZ  . ARG A 1 22  ? 3.607   -17.265 -17.208 1.00 44.08  ? 22  ARG A CZ  1 
ATOM   121  N NH1 . ARG A 1 22  ? 4.807   -17.824 -17.050 1.00 46.29  ? 22  ARG A NH1 1 
ATOM   122  N NH2 . ARG A 1 22  ? 3.011   -17.315 -18.398 1.00 44.20  ? 22  ARG A NH2 1 
ATOM   123  N N   . PRO A 1 23  ? 0.998   -9.902  -14.900 1.00 35.86  ? 23  PRO A N   1 
ATOM   124  C CA  . PRO A 1 23  ? 0.257   -8.986  -14.032 1.00 37.01  ? 23  PRO A CA  1 
ATOM   125  C C   . PRO A 1 23  ? -1.286  -9.105  -14.085 1.00 37.08  ? 23  PRO A C   1 
ATOM   126  O O   . PRO A 1 23  ? -1.942  -8.917  -13.062 1.00 38.99  ? 23  PRO A O   1 
ATOM   127  C CB  . PRO A 1 23  ? 0.729   -7.596  -14.511 1.00 37.69  ? 23  PRO A CB  1 
ATOM   128  C CG  . PRO A 1 23  ? 1.281   -7.807  -15.869 1.00 35.86  ? 23  PRO A CG  1 
ATOM   129  C CD  . PRO A 1 23  ? 1.903   -9.162  -15.795 1.00 35.81  ? 23  PRO A CD  1 
ATOM   130  N N   . GLY A 1 24  ? -1.853  -9.445  -15.241 1.00 36.34  ? 24  GLY A N   1 
ATOM   131  C CA  . GLY A 1 24  ? -3.301  -9.641  -15.367 1.00 36.57  ? 24  GLY A CA  1 
ATOM   132  C C   . GLY A 1 24  ? -3.905  -10.751 -14.524 1.00 36.93  ? 24  GLY A C   1 
ATOM   133  O O   . GLY A 1 24  ? -5.117  -10.780 -14.281 1.00 40.09  ? 24  GLY A O   1 
ATOM   134  N N   . MET A 1 25  ? -3.048  -11.673 -14.115 1.00 35.57  ? 25  MET A N   1 
ATOM   135  C CA  . MET A 1 25  ? -3.395  -12.814 -13.297 1.00 35.77  ? 25  MET A CA  1 
ATOM   136  C C   . MET A 1 25  ? -3.607  -12.378 -11.835 1.00 32.71  ? 25  MET A C   1 
ATOM   137  O O   . MET A 1 25  ? -4.311  -13.062 -11.091 1.00 31.78  ? 25  MET A O   1 
ATOM   138  C CB  . MET A 1 25  ? -2.242  -13.857 -13.391 1.00 40.40  ? 25  MET A CB  1 
ATOM   139  C CG  . MET A 1 25  ? -2.605  -15.295 -13.754 1.00 44.10  ? 25  MET A CG  1 
ATOM   140  S SD  . MET A 1 25  ? -3.381  -15.463 -15.393 1.00 50.25  ? 25  MET A SD  1 
ATOM   141  C CE  . MET A 1 25  ? -5.119  -15.629 -14.935 1.00 47.54  ? 25  MET A CE  1 
ATOM   142  N N   . TYR A 1 26  ? -2.962  -11.273 -11.431 1.00 28.28  ? 26  TYR A N   1 
ATOM   143  C CA  . TYR A 1 26  ? -2.965  -10.785 -10.051 1.00 26.29  ? 26  TYR A CA  1 
ATOM   144  C C   . TYR A 1 26  ? -3.621  -9.409  -9.872  1.00 27.00  ? 26  TYR A C   1 
ATOM   145  O O   . TYR A 1 26  ? -4.292  -9.183  -8.880  1.00 27.63  ? 26  TYR A O   1 
ATOM   146  C CB  . TYR A 1 26  ? -1.537  -10.672 -9.526  1.00 24.38  ? 26  TYR A CB  1 
ATOM   147  C CG  . TYR A 1 26  ? -0.746  -11.935 -9.616  1.00 23.22  ? 26  TYR A CG  1 
ATOM   148  C CD1 . TYR A 1 26  ? -0.088  -12.255 -10.775 1.00 23.33  ? 26  TYR A CD1 1 
ATOM   149  C CD2 . TYR A 1 26  ? -0.655  -12.808 -8.540  1.00 22.76  ? 26  TYR A CD2 1 
ATOM   150  C CE1 . TYR A 1 26  ? 0.636   -13.423 -10.898 1.00 23.95  ? 26  TYR A CE1 1 
ATOM   151  C CE2 . TYR A 1 26  ? 0.070   -13.985 -8.628  1.00 23.01  ? 26  TYR A CE2 1 
ATOM   152  C CZ  . TYR A 1 26  ? 0.723   -14.295 -9.814  1.00 24.43  ? 26  TYR A CZ  1 
ATOM   153  O OH  . TYR A 1 26  ? 1.473   -15.458 -9.952  1.00 23.64  ? 26  TYR A OH  1 
ATOM   154  N N   . ILE A 1 27  ? -3.383  -8.469  -10.781 1.00 26.47  ? 27  ILE A N   1 
ATOM   155  C CA  . ILE A 1 27  ? -3.853  -7.108  -10.591 1.00 26.09  ? 27  ILE A CA  1 
ATOM   156  C C   . ILE A 1 27  ? -5.027  -6.741  -11.506 1.00 26.03  ? 27  ILE A C   1 
ATOM   157  O O   . ILE A 1 27  ? -5.826  -5.851  -11.154 1.00 26.97  ? 27  ILE A O   1 
ATOM   158  C CB  . ILE A 1 27  ? -2.682  -6.084  -10.729 1.00 26.27  ? 27  ILE A CB  1 
ATOM   159  C CG1 . ILE A 1 27  ? -2.975  -4.766  -9.988  1.00 27.27  ? 27  ILE A CG1 1 
ATOM   160  C CG2 . ILE A 1 27  ? -2.387  -5.734  -12.169 1.00 26.01  ? 27  ILE A CG2 1 
ATOM   161  C CD1 . ILE A 1 27  ? -3.146  -4.897  -8.486  1.00 27.69  ? 27  ILE A CD1 1 
ATOM   162  N N   . GLY A 1 28  ? -5.126  -7.414  -12.658 1.00 24.10  ? 28  GLY A N   1 
ATOM   163  C CA  . GLY A 1 28  ? -6.107  -7.066  -13.671 1.00 23.96  ? 28  GLY A CA  1 
ATOM   164  C C   . GLY A 1 28  ? -5.478  -6.470  -14.908 1.00 23.20  ? 28  GLY A C   1 
ATOM   165  O O   . GLY A 1 28  ? -4.314  -6.672  -15.167 1.00 24.09  ? 28  GLY A O   1 
ATOM   166  N N   . ASP A 1 29  ? -6.264  -5.736  -15.676 1.00 22.91  ? 29  ASP A N   1 
ATOM   167  C CA  . ASP A 1 29  ? -5.862  -5.296  -17.008 1.00 23.45  ? 29  ASP A CA  1 
ATOM   168  C C   . ASP A 1 29  ? -4.892  -4.149  -16.901 1.00 23.18  ? 29  ASP A C   1 
ATOM   169  O O   . ASP A 1 29  ? -5.140  -3.217  -16.163 1.00 24.85  ? 29  ASP A O   1 
ATOM   170  C CB  . ASP A 1 29  ? -7.095  -4.854  -17.811 1.00 23.93  ? 29  ASP A CB  1 
ATOM   171  C CG  . ASP A 1 29  ? -6.743  -4.377  -19.194 1.00 25.38  ? 29  ASP A CG  1 
ATOM   172  O OD1 . ASP A 1 29  ? -6.167  -3.260  -19.304 1.00 25.07  ? 29  ASP A OD1 1 
ATOM   173  O OD2 . ASP A 1 29  ? -7.015  -5.135  -20.167 1.00 26.82  ? 29  ASP A OD2 1 
ATOM   174  N N   . THR A 1 30  ? -3.834  -4.169  -17.686 1.00 23.45  ? 30  THR A N   1 
ATOM   175  C CA  . THR A 1 30  ? -2.827  -3.136  -17.597 1.00 24.23  ? 30  THR A CA  1 
ATOM   176  C C   . THR A 1 30  ? -2.967  -1.972  -18.598 1.00 25.75  ? 30  THR A C   1 
ATOM   177  O O   . THR A 1 30  ? -2.131  -1.064  -18.598 1.00 25.93  ? 30  THR A O   1 
ATOM   178  C CB  . THR A 1 30  ? -1.431  -3.776  -17.681 1.00 24.97  ? 30  THR A CB  1 
ATOM   179  O OG1 . THR A 1 30  ? -1.370  -4.698  -18.774 1.00 26.89  ? 30  THR A OG1 1 
ATOM   180  C CG2 . THR A 1 30  ? -1.109  -4.538  -16.413 1.00 24.76  ? 30  THR A CG2 1 
ATOM   181  N N   . ASP A 1 31  ? -3.991  -1.963  -19.447 1.00 28.28  ? 31  ASP A N   1 
ATOM   182  C CA  . ASP A 1 31  ? -4.199  -0.817  -20.372 1.00 31.85  ? 31  ASP A CA  1 
ATOM   183  C C   . ASP A 1 31  ? -5.478  -0.027  -20.121 1.00 31.71  ? 31  ASP A C   1 
ATOM   184  O O   . ASP A 1 31  ? -5.665  1.035   -20.690 1.00 31.16  ? 31  ASP A O   1 
ATOM   185  C CB  . ASP A 1 31  ? -4.220  -1.235  -21.861 1.00 34.43  ? 31  ASP A CB  1 
ATOM   186  C CG  . ASP A 1 31  ? -3.412  -2.509  -22.163 1.00 35.31  ? 31  ASP A CG  1 
ATOM   187  O OD1 . ASP A 1 31  ? -2.139  -2.498  -22.140 1.00 32.51  ? 31  ASP A OD1 1 
ATOM   188  O OD2 . ASP A 1 31  ? -4.106  -3.517  -22.472 1.00 35.80  ? 31  ASP A OD2 1 
ATOM   189  N N   . ASP A 1 32  ? -6.331  -0.575  -19.265 1.00 32.15  ? 32  ASP A N   1 
ATOM   190  C CA  . ASP A 1 32  ? -7.717  -0.154  -19.042 1.00 31.35  ? 32  ASP A CA  1 
ATOM   191  C C   . ASP A 1 32  ? -7.943  0.966   -18.058 1.00 29.59  ? 32  ASP A C   1 
ATOM   192  O O   . ASP A 1 32  ? -9.031  1.528   -18.007 1.00 29.22  ? 32  ASP A O   1 
ATOM   193  C CB  . ASP A 1 32  ? -8.434  -1.297  -18.321 1.00 32.49  ? 32  ASP A CB  1 
ATOM   194  C CG  . ASP A 1 32  ? -9.495  -1.878  -19.068 1.00 34.31  ? 32  ASP A CG  1 
ATOM   195  O OD1 . ASP A 1 32  ? -9.663  -1.478  -20.218 1.00 39.39  ? 32  ASP A OD1 1 
ATOM   196  O OD2 . ASP A 1 32  ? -10.188 -2.738  -18.477 1.00 35.03  ? 32  ASP A OD2 1 
ATOM   197  N N   . GLY A 1 33  ? -6.983  1.172   -17.169 1.00 27.74  ? 33  GLY A N   1 
ATOM   198  C CA  . GLY A 1 33  ? -7.259  1.852   -15.910 1.00 26.95  ? 33  GLY A CA  1 
ATOM   199  C C   . GLY A 1 33  ? -7.600  0.876   -14.786 1.00 26.21  ? 33  GLY A C   1 
ATOM   200  O O   . GLY A 1 33  ? -7.398  1.208   -13.632 1.00 24.86  ? 33  GLY A O   1 
ATOM   201  N N   . THR A 1 34  ? -8.032  -0.350  -15.100 1.00 26.18  ? 34  THR A N   1 
ATOM   202  C CA  . THR A 1 34  ? -8.703  -1.218  -14.111 1.00 25.24  ? 34  THR A CA  1 
ATOM   203  C C   . THR A 1 34  ? -7.676  -1.741  -13.132 1.00 24.52  ? 34  THR A C   1 
ATOM   204  O O   . THR A 1 34  ? -7.847  -1.591  -11.935 1.00 25.64  ? 34  THR A O   1 
ATOM   205  C CB  . THR A 1 34  ? -9.513  -2.384  -14.734 1.00 24.23  ? 34  THR A CB  1 
ATOM   206  O OG1 . THR A 1 34  ? -9.010  -2.681  -16.032 1.00 24.32  ? 34  THR A OG1 1 
ATOM   207  C CG2 . THR A 1 34  ? -10.965 -2.005  -14.909 1.00 24.30  ? 34  THR A CG2 1 
ATOM   208  N N   . GLY A 1 35  ? -6.581  -2.288  -13.636 1.00 23.51  ? 35  GLY A N   1 
ATOM   209  C CA  . GLY A 1 35  ? -5.499  -2.777  -12.768 1.00 22.33  ? 35  GLY A CA  1 
ATOM   210  C C   . GLY A 1 35  ? -4.809  -1.667  -11.992 1.00 20.96  ? 35  GLY A C   1 
ATOM   211  O O   . GLY A 1 35  ? -4.544  -1.826  -10.821 1.00 21.16  ? 35  GLY A O   1 
ATOM   212  N N   . LEU A 1 36  ? -4.543  -0.543  -12.648 1.00 20.20  ? 36  LEU A N   1 
ATOM   213  C CA  . LEU A 1 36  ? -3.848  0.594   -12.044 1.00 20.06  ? 36  LEU A CA  1 
ATOM   214  C C   . LEU A 1 36  ? -4.582  1.056   -10.794 1.00 20.68  ? 36  LEU A C   1 
ATOM   215  O O   . LEU A 1 36  ? -3.972  1.251   -9.771  1.00 19.87  ? 36  LEU A O   1 
ATOM   216  C CB  . LEU A 1 36  ? -3.759  1.765   -13.049 1.00 19.88  ? 36  LEU A CB  1 
ATOM   217  C CG  . LEU A 1 36  ? -3.242  3.122   -12.551 1.00 19.75  ? 36  LEU A CG  1 
ATOM   218  C CD1 . LEU A 1 36  ? -1.728  3.110   -12.429 1.00 19.96  ? 36  LEU A CD1 1 
ATOM   219  C CD2 . LEU A 1 36  ? -3.680  4.256   -13.460 1.00 19.40  ? 36  LEU A CD2 1 
ATOM   220  N N   . HIS A 1 37  ? -5.895  1.245   -10.897 1.00 21.76  ? 37  HIS A N   1 
ATOM   221  C CA  . HIS A 1 37  ? -6.705  1.657   -9.757  1.00 21.71  ? 37  HIS A CA  1 
ATOM   222  C C   . HIS A 1 37  ? -6.838  0.541   -8.737  1.00 23.04  ? 37  HIS A C   1 
ATOM   223  O O   . HIS A 1 37  ? -6.876  0.828   -7.566  1.00 25.01  ? 37  HIS A O   1 
ATOM   224  C CB  . HIS A 1 37  ? -8.064  2.207   -10.197 1.00 21.32  ? 37  HIS A CB  1 
ATOM   225  C CG  . HIS A 1 37  ? -7.958  3.516   -10.922 1.00 21.75  ? 37  HIS A CG  1 
ATOM   226  N ND1 . HIS A 1 37  ? -7.741  3.604   -12.281 1.00 20.80  ? 37  HIS A ND1 1 
ATOM   227  C CD2 . HIS A 1 37  ? -7.987  4.791   -10.465 1.00 22.50  ? 37  HIS A CD2 1 
ATOM   228  C CE1 . HIS A 1 37  ? -7.657  4.873   -12.632 1.00 21.59  ? 37  HIS A CE1 1 
ATOM   229  N NE2 . HIS A 1 37  ? -7.792  5.616   -11.548 1.00 22.17  ? 37  HIS A NE2 1 
ATOM   230  N N   . HIS A 1 38  ? -6.901  -0.720  -9.158  1.00 24.25  ? 38  HIS A N   1 
ATOM   231  C CA  . HIS A 1 38  ? -6.912  -1.863  -8.213  1.00 24.79  ? 38  HIS A CA  1 
ATOM   232  C C   . HIS A 1 38  ? -5.681  -1.883  -7.312  1.00 23.15  ? 38  HIS A C   1 
ATOM   233  O O   . HIS A 1 38  ? -5.765  -2.335  -6.169  1.00 23.15  ? 38  HIS A O   1 
ATOM   234  C CB  . HIS A 1 38  ? -7.062  -3.215  -8.954  1.00 26.97  ? 38  HIS A CB  1 
ATOM   235  C CG  . HIS A 1 38  ? -7.055  -4.422  -8.052  1.00 28.91  ? 38  HIS A CG  1 
ATOM   236  N ND1 . HIS A 1 38  ? -6.472  -5.621  -8.418  1.00 30.28  ? 38  HIS A ND1 1 
ATOM   237  C CD2 . HIS A 1 38  ? -7.540  -4.610  -6.796  1.00 29.80  ? 38  HIS A CD2 1 
ATOM   238  C CE1 . HIS A 1 38  ? -6.597  -6.491  -7.425  1.00 30.72  ? 38  HIS A CE1 1 
ATOM   239  N NE2 . HIS A 1 38  ? -7.231  -5.900  -6.425  1.00 29.53  ? 38  HIS A NE2 1 
ATOM   240  N N   . MET A 1 39  ? -4.555  -1.384  -7.817  1.00 21.15  ? 39  MET A N   1 
ATOM   241  C CA  . MET A 1 39  ? -3.344  -1.209  -7.002  1.00 21.15  ? 39  MET A CA  1 
ATOM   242  C C   . MET A 1 39  ? -3.564  -0.389  -5.711  1.00 21.68  ? 39  MET A C   1 
ATOM   243  O O   . MET A 1 39  ? -2.954  -0.668  -4.675  1.00 22.21  ? 39  MET A O   1 
ATOM   244  C CB  . MET A 1 39  ? -2.263  -0.506  -7.803  1.00 20.51  ? 39  MET A CB  1 
ATOM   245  C CG  . MET A 1 39  ? -1.738  -1.237  -9.038  1.00 19.91  ? 39  MET A CG  1 
ATOM   246  S SD  . MET A 1 39  ? -0.226  -2.115  -8.658  1.00 18.82  ? 39  MET A SD  1 
ATOM   247  C CE  . MET A 1 39  ? 0.997   -0.834  -8.853  1.00 18.81  ? 39  MET A CE  1 
ATOM   248  N N   . VAL A 1 40  ? -4.445  0.607   -5.792  1.00 21.06  ? 40  VAL A N   1 
ATOM   249  C CA  . VAL A 1 40  ? -4.792  1.457   -4.665  1.00 19.72  ? 40  VAL A CA  1 
ATOM   250  C C   . VAL A 1 40  ? -5.679  0.718   -3.717  1.00 19.14  ? 40  VAL A C   1 
ATOM   251  O O   . VAL A 1 40  ? -5.451  0.737   -2.531  1.00 20.16  ? 40  VAL A O   1 
ATOM   252  C CB  . VAL A 1 40  ? -5.546  2.727   -5.108  1.00 19.52  ? 40  VAL A CB  1 
ATOM   253  C CG1 . VAL A 1 40  ? -5.850  3.611   -3.907  1.00 19.58  ? 40  VAL A CG1 1 
ATOM   254  C CG2 . VAL A 1 40  ? -4.725  3.507   -6.131  1.00 19.60  ? 40  VAL A CG2 1 
ATOM   255  N N   . PHE A 1 41  ? -6.701  0.073   -4.242  1.00 19.21  ? 41  PHE A N   1 
ATOM   256  C CA  . PHE A 1 41  ? -7.670  -0.621  -3.402  1.00 19.61  ? 41  PHE A CA  1 
ATOM   257  C C   . PHE A 1 41  ? -7.068  -1.799  -2.656  1.00 20.49  ? 41  PHE A C   1 
ATOM   258  O O   . PHE A 1 41  ? -7.491  -2.118  -1.561  1.00 19.40  ? 41  PHE A O   1 
ATOM   259  C CB  . PHE A 1 41  ? -8.859  -1.090  -4.220  1.00 19.24  ? 41  PHE A CB  1 
ATOM   260  C CG  . PHE A 1 41  ? -9.437  -0.028  -5.107  1.00 19.30  ? 41  PHE A CG  1 
ATOM   261  C CD1 . PHE A 1 41  ? -9.613  1.273   -4.654  1.00 19.38  ? 41  PHE A CD1 1 
ATOM   262  C CD2 . PHE A 1 41  ? -9.799  -0.328  -6.409  1.00 19.47  ? 41  PHE A CD2 1 
ATOM   263  C CE1 . PHE A 1 41  ? -10.133 2.243   -5.480  1.00 19.13  ? 41  PHE A CE1 1 
ATOM   264  C CE2 . PHE A 1 41  ? -10.325 0.633   -7.234  1.00 19.12  ? 41  PHE A CE2 1 
ATOM   265  C CZ  . PHE A 1 41  ? -10.492 1.923   -6.772  1.00 19.09  ? 41  PHE A CZ  1 
ATOM   266  N N   . GLU A 1 42  ? -6.081  -2.439  -3.253  1.00 22.53  ? 42  GLU A N   1 
ATOM   267  C CA  . GLU A 1 42  ? -5.384  -3.515  -2.580  1.00 24.72  ? 42  GLU A CA  1 
ATOM   268  C C   . GLU A 1 42  ? -4.689  -3.008  -1.324  1.00 24.21  ? 42  GLU A C   1 
ATOM   269  O O   . GLU A 1 42  ? -4.766  -3.640  -0.282  1.00 24.80  ? 42  GLU A O   1 
ATOM   270  C CB  . GLU A 1 42  ? -4.381  -4.182  -3.531  1.00 27.19  ? 42  GLU A CB  1 
ATOM   271  C CG  . GLU A 1 42  ? -3.537  -5.290  -2.903  1.00 29.23  ? 42  GLU A CG  1 
ATOM   272  C CD  . GLU A 1 42  ? -4.369  -6.349  -2.186  1.00 31.67  ? 42  GLU A CD  1 
ATOM   273  O OE1 . GLU A 1 42  ? -3.894  -6.896  -1.138  1.00 33.15  ? 42  GLU A OE1 1 
ATOM   274  O OE2 . GLU A 1 42  ? -5.491  -6.643  -2.690  1.00 31.84  ? 42  GLU A OE2 1 
ATOM   275  N N   . VAL A 1 43  ? -4.029  -1.862  -1.431  1.00 23.88  ? 43  VAL A N   1 
ATOM   276  C CA  . VAL A 1 43  ? -3.331  -1.264  -0.293  1.00 23.96  ? 43  VAL A CA  1 
ATOM   277  C C   . VAL A 1 43  ? -4.373  -0.784  0.745   1.00 25.03  ? 43  VAL A C   1 
ATOM   278  O O   . VAL A 1 43  ? -4.172  -0.951  1.936   1.00 25.58  ? 43  VAL A O   1 
ATOM   279  C CB  . VAL A 1 43  ? -2.380  -0.089  -0.720  1.00 23.55  ? 43  VAL A CB  1 
ATOM   280  C CG1 . VAL A 1 43  ? -1.640  0.494   0.476   1.00 23.59  ? 43  VAL A CG1 1 
ATOM   281  C CG2 . VAL A 1 43  ? -1.345  -0.518  -1.754  1.00 22.51  ? 43  VAL A CG2 1 
ATOM   282  N N   . VAL A 1 44  ? -5.481  -0.200  0.292   1.00 26.17  ? 44  VAL A N   1 
ATOM   283  C CA  . VAL A 1 44  ? -6.512  0.331   1.184   1.00 26.24  ? 44  VAL A CA  1 
ATOM   284  C C   . VAL A 1 44  ? -7.179  -0.820  1.922   1.00 29.27  ? 44  VAL A C   1 
ATOM   285  O O   . VAL A 1 44  ? -7.501  -0.721  3.107   1.00 32.82  ? 44  VAL A O   1 
ATOM   286  C CB  . VAL A 1 44  ? -7.588  1.085   0.392   1.00 24.88  ? 44  VAL A CB  1 
ATOM   287  C CG1 . VAL A 1 44  ? -8.732  1.519   1.284   1.00 24.15  ? 44  VAL A CG1 1 
ATOM   288  C CG2 . VAL A 1 44  ? -6.994  2.297   -0.301  1.00 25.19  ? 44  VAL A CG2 1 
ATOM   289  N N   . ASP A 1 45  ? -7.420  -1.889  1.181   1.00 32.73  ? 45  ASP A N   1 
ATOM   290  C CA  . ASP A 1 45  ? -7.844  -3.202  1.703   1.00 35.52  ? 45  ASP A CA  1 
ATOM   291  C C   . ASP A 1 45  ? -7.095  -3.664  2.948   1.00 33.09  ? 45  ASP A C   1 
ATOM   292  O O   . ASP A 1 45  ? -7.671  -4.254  3.849   1.00 34.20  ? 45  ASP A O   1 
ATOM   293  C CB  . ASP A 1 45  ? -7.571  -4.262  0.630   1.00 40.84  ? 45  ASP A CB  1 
ATOM   294  C CG  . ASP A 1 45  ? -8.753  -5.089  0.329   1.00 44.88  ? 45  ASP A CG  1 
ATOM   295  O OD1 . ASP A 1 45  ? -9.570  -4.647  -0.510  1.00 42.54  ? 45  ASP A OD1 1 
ATOM   296  O OD2 . ASP A 1 45  ? -8.831  -6.194  0.908   1.00 53.36  ? 45  ASP A OD2 1 
ATOM   297  N N   . ASN A 1 46  ? -5.781  -3.463  2.934   1.00 29.98  ? 46  ASN A N   1 
ATOM   298  C CA  . ASN A 1 46  ? -4.922  -3.852  4.037   1.00 28.43  ? 46  ASN A CA  1 
ATOM   299  C C   . ASN A 1 46  ? -5.157  -2.982  5.250   1.00 27.56  ? 46  ASN A C   1 
ATOM   300  O O   . ASN A 1 46  ? -5.129  -3.460  6.379   1.00 27.20  ? 46  ASN A O   1 
ATOM   301  C CB  . ASN A 1 46  ? -3.462  -3.778  3.614   1.00 27.63  ? 46  ASN A CB  1 
ATOM   302  C CG  . ASN A 1 46  ? -3.029  -4.981  2.796   1.00 28.25  ? 46  ASN A CG  1 
ATOM   303  O OD1 . ASN A 1 46  ? -2.278  -5.797  3.286   1.00 29.90  ? 46  ASN A OD1 1 
ATOM   304  N ND2 . ASN A 1 46  ? -3.496  -5.099  1.561   1.00 28.02  ? 46  ASN A ND2 1 
ATOM   305  N N   . ALA A 1 47  ? -5.371  -1.696  5.011   1.00 27.81  ? 47  ALA A N   1 
ATOM   306  C CA  . ALA A 1 47  ? -5.646  -0.743  6.090   1.00 27.93  ? 47  ALA A CA  1 
ATOM   307  C C   . ALA A 1 47  ? -7.026  -0.981  6.709   1.00 29.59  ? 47  ALA A C   1 
ATOM   308  O O   . ALA A 1 47  ? -7.214  -0.775  7.915   1.00 31.64  ? 47  ALA A O   1 
ATOM   309  C CB  . ALA A 1 47  ? -5.539  0.676   5.576   1.00 27.02  ? 47  ALA A CB  1 
ATOM   310  N N   . ILE A 1 48  ? -7.979  -1.410  5.879   1.00 28.84  ? 48  ILE A N   1 
ATOM   311  C CA  . ILE A 1 48  ? -9.301  -1.809  6.352   1.00 28.78  ? 48  ILE A CA  1 
ATOM   312  C C   . ILE A 1 48  ? -9.256  -3.039  7.265   1.00 28.77  ? 48  ILE A C   1 
ATOM   313  O O   . ILE A 1 48  ? -9.946  -3.061  8.288   1.00 31.22  ? 48  ILE A O   1 
ATOM   314  C CB  . ILE A 1 48  ? -10.291 -1.963  5.173   1.00 29.05  ? 48  ILE A CB  1 
ATOM   315  C CG1 . ILE A 1 48  ? -10.550 -0.535  4.647   1.00 28.44  ? 48  ILE A CG1 1 
ATOM   316  C CG2 . ILE A 1 48  ? -11.561 -2.754  5.599   1.00 29.10  ? 48  ILE A CG2 1 
ATOM   317  C CD1 . ILE A 1 48  ? -11.595 -0.390  3.587   1.00 28.55  ? 48  ILE A CD1 1 
ATOM   318  N N   . ASP A 1 49  ? -8.430  -4.031  6.946   1.00 27.46  ? 49  ASP A N   1 
ATOM   319  C CA  . ASP A 1 49  ? -8.233  -5.149  7.878   1.00 27.62  ? 49  ASP A CA  1 
ATOM   320  C C   . ASP A 1 49  ? -7.826  -4.643  9.272   1.00 29.10  ? 49  ASP A C   1 
ATOM   321  O O   . ASP A 1 49  ? -8.423  -5.062  10.280  1.00 28.98  ? 49  ASP A O   1 
ATOM   322  C CB  . ASP A 1 49  ? -7.193  -6.147  7.376   1.00 25.88  ? 49  ASP A CB  1 
ATOM   323  C CG  . ASP A 1 49  ? -7.708  -7.027  6.270   1.00 25.35  ? 49  ASP A CG  1 
ATOM   324  O OD1 . ASP A 1 49  ? -8.923  -6.961  5.955   1.00 25.86  ? 49  ASP A OD1 1 
ATOM   325  O OD2 . ASP A 1 49  ? -6.892  -7.799  5.718   1.00 23.38  ? 49  ASP A OD2 1 
ATOM   326  N N   . GLU A 1 50  ? -6.846  -3.737  9.316   1.00 29.72  ? 50  GLU A N   1 
ATOM   327  C CA  . GLU A 1 50  ? -6.385  -3.143  10.582  1.00 32.00  ? 50  GLU A CA  1 
ATOM   328  C C   . GLU A 1 50  ? -7.473  -2.349  11.307  1.00 32.93  ? 50  GLU A C   1 
ATOM   329  O O   . GLU A 1 50  ? -7.453  -2.249  12.545  1.00 32.69  ? 50  GLU A O   1 
ATOM   330  C CB  . GLU A 1 50  ? -5.142  -2.261  10.364  1.00 32.62  ? 50  GLU A CB  1 
ATOM   331  C CG  . GLU A 1 50  ? -4.489  -1.711  11.629  1.00 32.74  ? 50  GLU A CG  1 
ATOM   332  C CD  . GLU A 1 50  ? -3.715  -2.754  12.416  1.00 33.42  ? 50  GLU A CD  1 
ATOM   333  O OE1 . GLU A 1 50  ? -3.907  -3.986  12.224  1.00 31.78  ? 50  GLU A OE1 1 
ATOM   334  O OE2 . GLU A 1 50  ? -2.882  -2.311  13.230  1.00 35.57  ? 50  GLU A OE2 1 
ATOM   335  N N   . ALA A 1 51  ? -8.403  -1.796  10.535  1.00 36.17  ? 51  ALA A N   1 
ATOM   336  C CA  . ALA A 1 51  ? -9.614  -1.153  11.068  1.00 38.60  ? 51  ALA A CA  1 
ATOM   337  C C   . ALA A 1 51  ? -10.675 -2.131  11.530  1.00 41.49  ? 51  ALA A C   1 
ATOM   338  O O   . ALA A 1 51  ? -11.342 -1.865  12.525  1.00 43.99  ? 51  ALA A O   1 
ATOM   339  C CB  . ALA A 1 51  ? -10.202 -0.212  10.046  1.00 38.08  ? 51  ALA A CB  1 
ATOM   340  N N   . LEU A 1 52  ? -10.837 -3.246  10.821  1.00 46.46  ? 52  LEU A N   1 
ATOM   341  C CA  . LEU A 1 52  ? -11.704 -4.355  11.285  1.00 51.26  ? 52  LEU A CA  1 
ATOM   342  C C   . LEU A 1 52  ? -11.209 -5.038  12.581  1.00 52.78  ? 52  LEU A C   1 
ATOM   343  O O   . LEU A 1 52  ? -11.997 -5.675  13.287  1.00 54.36  ? 52  LEU A O   1 
ATOM   344  C CB  . LEU A 1 52  ? -11.909 -5.405  10.164  1.00 52.84  ? 52  LEU A CB  1 
ATOM   345  C CG  . LEU A 1 52  ? -13.077 -5.185  9.172   1.00 54.35  ? 52  LEU A CG  1 
ATOM   346  C CD1 . LEU A 1 52  ? -13.356 -3.707  8.865   1.00 54.14  ? 52  LEU A CD1 1 
ATOM   347  C CD2 . LEU A 1 52  ? -12.854 -5.978  7.876   1.00 54.05  ? 52  LEU A CD2 1 
ATOM   348  N N   . ALA A 1 53  ? -9.916  -4.901  12.872  1.00 54.02  ? 53  ALA A N   1 
ATOM   349  C CA  . ALA A 1 53  ? -9.310  -5.418  14.100  1.00 54.58  ? 53  ALA A CA  1 
ATOM   350  C C   . ALA A 1 53  ? -9.470  -4.475  15.285  1.00 51.66  ? 53  ALA A C   1 
ATOM   351  O O   . ALA A 1 53  ? -9.159  -4.841  16.415  1.00 55.12  ? 53  ALA A O   1 
ATOM   352  C CB  . ALA A 1 53  ? -7.835  -5.699  13.866  1.00 56.51  ? 53  ALA A CB  1 
ATOM   353  N N   . GLY A 1 54  ? -9.922  -3.258  15.014  1.00 48.41  ? 54  GLY A N   1 
ATOM   354  C CA  . GLY A 1 54  ? -10.298 -2.315  16.036  1.00 47.22  ? 54  GLY A CA  1 
ATOM   355  C C   . GLY A 1 54  ? -9.158  -1.424  16.437  1.00 45.91  ? 54  GLY A C   1 
ATOM   356  O O   . GLY A 1 54  ? -9.201  -0.862  17.523  1.00 50.35  ? 54  GLY A O   1 
ATOM   357  N N   . HIS A 1 55  ? -8.156  -1.263  15.570  1.00 44.23  ? 55  HIS A N   1 
ATOM   358  C CA  . HIS A 1 55  ? -7.003  -0.412  15.883  1.00 42.97  ? 55  HIS A CA  1 
ATOM   359  C C   . HIS A 1 55  ? -6.889  0.848   15.060  1.00 41.12  ? 55  HIS A C   1 
ATOM   360  O O   . HIS A 1 55  ? -6.190  1.763   15.476  1.00 39.25  ? 55  HIS A O   1 
ATOM   361  C CB  . HIS A 1 55  ? -5.734  -1.243  15.836  1.00 43.31  ? 55  HIS A CB  1 
ATOM   362  C CG  . HIS A 1 55  ? -5.749  -2.362  16.830  1.00 44.47  ? 55  HIS A CG  1 
ATOM   363  N ND1 . HIS A 1 55  ? -5.914  -3.686  16.472  1.00 43.55  ? 55  HIS A ND1 1 
ATOM   364  C CD2 . HIS A 1 55  ? -5.701  -2.340  18.183  1.00 43.48  ? 55  HIS A CD2 1 
ATOM   365  C CE1 . HIS A 1 55  ? -5.925  -4.433  17.560  1.00 44.29  ? 55  HIS A CE1 1 
ATOM   366  N NE2 . HIS A 1 55  ? -5.794  -3.642  18.611  1.00 43.85  ? 55  HIS A NE2 1 
ATOM   367  N N   . CYS A 1 56  ? -7.613  0.920   13.943  1.00 42.08  ? 56  CYS A N   1 
ATOM   368  C CA  . CYS A 1 56  ? -7.516  2.035   12.996  1.00 44.38  ? 56  CYS A CA  1 
ATOM   369  C C   . CYS A 1 56  ? -8.831  2.807   12.977  1.00 45.65  ? 56  CYS A C   1 
ATOM   370  O O   . CYS A 1 56  ? -9.922  2.237   12.842  1.00 42.93  ? 56  CYS A O   1 
ATOM   371  C CB  . CYS A 1 56  ? -7.152  1.520   11.586  1.00 45.10  ? 56  CYS A CB  1 
ATOM   372  S SG  . CYS A 1 56  ? -7.276  2.709   10.222  1.00 41.17  ? 56  CYS A SG  1 
ATOM   373  N N   . LYS A 1 57  ? -8.708  4.114   13.129  1.00 49.22  ? 57  LYS A N   1 
ATOM   374  C CA  . LYS A 1 57  ? -9.862  4.992   13.140  1.00 51.74  ? 57  LYS A CA  1 
ATOM   375  C C   . LYS A 1 57  ? -9.970  5.727   11.806  1.00 48.29  ? 57  LYS A C   1 
ATOM   376  O O   . LYS A 1 57  ? -11.048 5.792   11.243  1.00 49.79  ? 57  LYS A O   1 
ATOM   377  C CB  . LYS A 1 57  ? -9.782  5.981   14.325  1.00 54.89  ? 57  LYS A CB  1 
ATOM   378  C CG  . LYS A 1 57  ? -9.651  5.324   15.705  1.00 58.23  ? 57  LYS A CG  1 
ATOM   379  C CD  . LYS A 1 57  ? -10.921 4.597   16.190  1.00 62.43  ? 57  LYS A CD  1 
ATOM   380  C CE  . LYS A 1 57  ? -11.776 5.447   17.134  1.00 64.56  ? 57  LYS A CE  1 
ATOM   381  N NZ  . LYS A 1 57  ? -11.121 5.723   18.450  1.00 62.83  ? 57  LYS A NZ  1 
ATOM   382  N N   . GLU A 1 58  ? -8.861  6.270   11.304  1.00 45.83  ? 58  GLU A N   1 
ATOM   383  C CA  . GLU A 1 58  ? -8.865  7.079   10.078  1.00 45.44  ? 58  GLU A CA  1 
ATOM   384  C C   . GLU A 1 58  ? -7.873  6.565   9.025   1.00 42.46  ? 58  GLU A C   1 
ATOM   385  O O   . GLU A 1 58  ? -6.750  6.121   9.345   1.00 46.15  ? 58  GLU A O   1 
ATOM   386  C CB  . GLU A 1 58  ? -8.561  8.557   10.396  1.00 49.40  ? 58  GLU A CB  1 
ATOM   387  C CG  . GLU A 1 58  ? -9.768  9.501   10.325  1.00 53.44  ? 58  GLU A CG  1 
ATOM   388  C CD  . GLU A 1 58  ? -10.572 9.599   11.625  1.00 56.62  ? 58  GLU A CD  1 
ATOM   389  O OE1 . GLU A 1 58  ? -9.979  9.590   12.733  1.00 57.59  ? 58  GLU A OE1 1 
ATOM   390  O OE2 . GLU A 1 58  ? -11.816 9.725   11.543  1.00 57.57  ? 58  GLU A OE2 1 
ATOM   391  N N   . ILE A 1 59  ? -8.292  6.644   7.767   1.00 35.33  ? 59  ILE A N   1 
ATOM   392  C CA  . ILE A 1 59  ? -7.450  6.256   6.649   1.00 30.76  ? 59  ILE A CA  1 
ATOM   393  C C   . ILE A 1 59  ? -7.377  7.447   5.729   1.00 29.11  ? 59  ILE A C   1 
ATOM   394  O O   . ILE A 1 59  ? -8.371  8.139   5.536   1.00 27.48  ? 59  ILE A O   1 
ATOM   395  C CB  . ILE A 1 59  ? -8.018  5.041   5.918   1.00 30.04  ? 59  ILE A CB  1 
ATOM   396  C CG1 . ILE A 1 59  ? -8.010  3.822   6.851   1.00 29.46  ? 59  ILE A CG1 1 
ATOM   397  C CG2 . ILE A 1 59  ? -7.220  4.757   4.652   1.00 30.91  ? 59  ILE A CG2 1 
ATOM   398  C CD1 . ILE A 1 59  ? -8.754  2.618   6.307   1.00 29.15  ? 59  ILE A CD1 1 
ATOM   399  N N   . ILE A 1 60  ? -6.193  7.694   5.180   1.00 28.28  ? 60  ILE A N   1 
ATOM   400  C CA  . ILE A 1 60  ? -5.996  8.822   4.290   1.00 27.75  ? 60  ILE A CA  1 
ATOM   401  C C   . ILE A 1 60  ? -5.384  8.358   2.985   1.00 28.32  ? 60  ILE A C   1 
ATOM   402  O O   . ILE A 1 60  ? -4.213  7.977   2.951   1.00 30.57  ? 60  ILE A O   1 
ATOM   403  C CB  . ILE A 1 60  ? -5.083  9.880   4.909   1.00 27.85  ? 60  ILE A CB  1 
ATOM   404  C CG1 . ILE A 1 60  ? -5.513  10.181  6.351   1.00 29.21  ? 60  ILE A CG1 1 
ATOM   405  C CG2 . ILE A 1 60  ? -5.114  11.150  4.061   1.00 27.99  ? 60  ILE A CG2 1 
ATOM   406  C CD1 . ILE A 1 60  ? -4.648  11.212  7.080   1.00 29.32  ? 60  ILE A CD1 1 
ATOM   407  N N   . VAL A 1 61  ? -6.168  8.431   1.908   1.00 27.06  ? 61  VAL A N   1 
ATOM   408  C CA  . VAL A 1 61  ? -5.685  8.148   0.568   1.00 25.75  ? 61  VAL A CA  1 
ATOM   409  C C   . VAL A 1 61  ? -5.367  9.471   -0.110  1.00 26.17  ? 61  VAL A C   1 
ATOM   410  O O   . VAL A 1 61  ? -6.225  10.313  -0.240  1.00 26.20  ? 61  VAL A O   1 
ATOM   411  C CB  . VAL A 1 61  ? -6.718  7.364   -0.236  1.00 25.53  ? 61  VAL A CB  1 
ATOM   412  C CG1 . VAL A 1 61  ? -6.210  7.080   -1.644  1.00 25.92  ? 61  VAL A CG1 1 
ATOM   413  C CG2 . VAL A 1 61  ? -7.050  6.061   0.501   1.00 25.69  ? 61  VAL A CG2 1 
ATOM   414  N N   . THR A 1 62  ? -4.119  9.646   -0.541  1.00 26.68  ? 62  THR A N   1 
ATOM   415  C CA  . THR A 1 62  ? -3.684  10.865  -1.195  1.00 25.03  ? 62  THR A CA  1 
ATOM   416  C C   . THR A 1 62  ? -3.175  10.554  -2.614  1.00 25.75  ? 62  THR A C   1 
ATOM   417  O O   . THR A 1 62  ? -2.319  9.679   -2.804  1.00 23.65  ? 62  THR A O   1 
ATOM   418  C CB  . THR A 1 62  ? -2.574  11.551  -0.369  1.00 25.17  ? 62  THR A CB  1 
ATOM   419  O OG1 . THR A 1 62  ? -2.970  11.660  1.009   1.00 23.93  ? 62  THR A OG1 1 
ATOM   420  C CG2 . THR A 1 62  ? -2.263  12.937  -0.937  1.00 25.17  ? 62  THR A CG2 1 
ATOM   421  N N   . ILE A 1 63  ? -3.716  11.280  -3.596  1.00 27.39  ? 63  ILE A N   1 
ATOM   422  C CA  . ILE A 1 63  ? -3.176  11.310  -4.960  1.00 27.24  ? 63  ILE A CA  1 
ATOM   423  C C   . ILE A 1 63  ? -2.158  12.440  -4.996  1.00 26.47  ? 63  ILE A C   1 
ATOM   424  O O   . ILE A 1 63  ? -2.520  13.594  -4.873  1.00 25.68  ? 63  ILE A O   1 
ATOM   425  C CB  . ILE A 1 63  ? -4.262  11.568  -6.015  1.00 27.79  ? 63  ILE A CB  1 
ATOM   426  C CG1 . ILE A 1 63  ? -5.321  10.472  -5.971  1.00 29.69  ? 63  ILE A CG1 1 
ATOM   427  C CG2 . ILE A 1 63  ? -3.674  11.581  -7.421  1.00 27.69  ? 63  ILE A CG2 1 
ATOM   428  C CD1 . ILE A 1 63  ? -6.572  10.797  -6.804  1.00 31.08  ? 63  ILE A CD1 1 
ATOM   429  N N   . HIS A 1 64  ? -0.883  12.097  -5.133  1.00 27.88  ? 64  HIS A N   1 
ATOM   430  C CA  . HIS A 1 64  ? 0.203   13.084  -5.184  1.00 28.32  ? 64  HIS A CA  1 
ATOM   431  C C   . HIS A 1 64  ? 0.391   13.656  -6.587  1.00 28.78  ? 64  HIS A C   1 
ATOM   432  O O   . HIS A 1 64  ? -0.165  13.153  -7.556  1.00 29.41  ? 64  HIS A O   1 
ATOM   433  C CB  . HIS A 1 64  ? 1.485   12.457  -4.680  1.00 28.34  ? 64  HIS A CB  1 
ATOM   434  C CG  . HIS A 1 64  ? 1.378   11.943  -3.281  1.00 29.63  ? 64  HIS A CG  1 
ATOM   435  N ND1 . HIS A 1 64  ? 1.494   12.761  -2.180  1.00 30.52  ? 64  HIS A ND1 1 
ATOM   436  C CD2 . HIS A 1 64  ? 1.138   10.697  -2.801  1.00 29.82  ? 64  HIS A CD2 1 
ATOM   437  C CE1 . HIS A 1 64  ? 1.349   12.039  -1.080  1.00 29.94  ? 64  HIS A CE1 1 
ATOM   438  N NE2 . HIS A 1 64  ? 1.136   10.785  -1.429  1.00 29.54  ? 64  HIS A NE2 1 
ATOM   439  N N   . ALA A 1 65  ? 1.172   14.721  -6.699  1.00 30.24  ? 65  ALA A N   1 
ATOM   440  C CA  . ALA A 1 65  ? 1.293   15.449  -7.970  1.00 31.36  ? 65  ALA A CA  1 
ATOM   441  C C   . ALA A 1 65  ? 2.134   14.697  -9.003  1.00 31.44  ? 65  ALA A C   1 
ATOM   442  O O   . ALA A 1 65  ? 1.853   14.774  -10.203 1.00 31.80  ? 65  ALA A O   1 
ATOM   443  C CB  . ALA A 1 65  ? 1.845   16.848  -7.733  1.00 32.35  ? 65  ALA A CB  1 
ATOM   444  N N   . ASP A 1 66  ? 3.136   13.950  -8.523  1.00 31.57  ? 66  ASP A N   1 
ATOM   445  C CA  . ASP A 1 66  ? 3.984   13.080  -9.364  1.00 30.85  ? 66  ASP A CA  1 
ATOM   446  C C   . ASP A 1 66  ? 3.295   11.777  -9.725  1.00 31.43  ? 66  ASP A C   1 
ATOM   447  O O   . ASP A 1 66  ? 3.950   10.808  -10.086 1.00 33.57  ? 66  ASP A O   1 
ATOM   448  C CB  . ASP A 1 66  ? 5.342   12.776  -8.667  1.00 30.09  ? 66  ASP A CB  1 
ATOM   449  C CG  . ASP A 1 66  ? 5.198   11.928  -7.378  1.00 29.74  ? 66  ASP A CG  1 
ATOM   450  O OD1 . ASP A 1 66  ? 4.060   11.642  -6.950  1.00 29.25  ? 66  ASP A OD1 1 
ATOM   451  O OD2 . ASP A 1 66  ? 6.234   11.583  -6.774  1.00 28.32  ? 66  ASP A OD2 1 
ATOM   452  N N   . ASN A 1 67  ? 1.984   11.721  -9.558  1.00 32.89  ? 67  ASN A N   1 
ATOM   453  C CA  . ASN A 1 67  ? 1.218   10.614  -10.035 1.00 35.30  ? 67  ASN A CA  1 
ATOM   454  C C   . ASN A 1 67  ? 1.508   9.279   -9.277  1.00 33.78  ? 67  ASN A C   1 
ATOM   455  O O   . ASN A 1 67  ? 1.553   8.184   -9.855  1.00 32.34  ? 67  ASN A O   1 
ATOM   456  C CB  . ASN A 1 67  ? 1.428   10.504  -11.545 1.00 37.74  ? 67  ASN A CB  1 
ATOM   457  C CG  . ASN A 1 67  ? 0.405   9.638   -12.177 1.00 42.79  ? 67  ASN A CG  1 
ATOM   458  O OD1 . ASN A 1 67  ? -0.801  9.802   -11.943 1.00 47.32  ? 67  ASN A OD1 1 
ATOM   459  N ND2 . ASN A 1 67  ? 0.871   8.646   -12.916 1.00 46.87  ? 67  ASN A ND2 1 
ATOM   460  N N   . SER A 1 68  ? 1.702   9.407   -7.966  1.00 31.30  ? 68  SER A N   1 
ATOM   461  C CA  . SER A 1 68  ? 1.871   8.278   -7.066  1.00 29.31  ? 68  SER A CA  1 
ATOM   462  C C   . SER A 1 68  ? 0.734   8.394   -6.089  1.00 26.41  ? 68  SER A C   1 
ATOM   463  O O   . SER A 1 68  ? 0.118   9.445   -6.029  1.00 24.70  ? 68  SER A O   1 
ATOM   464  C CB  . SER A 1 68  ? 3.213   8.384   -6.350  1.00 29.96  ? 68  SER A CB  1 
ATOM   465  O OG  . SER A 1 68  ? 3.253   9.511   -5.503  1.00 30.12  ? 68  SER A OG  1 
ATOM   466  N N   . VAL A 1 69  ? 0.442   7.326   -5.346  1.00 25.45  ? 69  VAL A N   1 
ATOM   467  C CA  . VAL A 1 69  ? -0.659  7.335   -4.367  1.00 25.20  ? 69  VAL A CA  1 
ATOM   468  C C   . VAL A 1 69  ? -0.118  6.830   -3.042  1.00 24.90  ? 69  VAL A C   1 
ATOM   469  O O   . VAL A 1 69  ? 0.776   5.995   -3.019  1.00 25.27  ? 69  VAL A O   1 
ATOM   470  C CB  . VAL A 1 69  ? -1.894  6.511   -4.836  1.00 25.60  ? 69  VAL A CB  1 
ATOM   471  C CG1 . VAL A 1 69  ? -2.942  6.378   -3.745  1.00 26.19  ? 69  VAL A CG1 1 
ATOM   472  C CG2 . VAL A 1 69  ? -2.557  7.154   -6.057  1.00 25.83  ? 69  VAL A CG2 1 
ATOM   473  N N   . SER A 1 70  ? -0.640  7.376   -1.944  1.00 24.43  ? 70  SER A N   1 
ATOM   474  C CA  . SER A 1 70  ? -0.318  6.875   -0.624  1.00 23.71  ? 70  SER A CA  1 
ATOM   475  C C   . SER A 1 70  ? -1.573  6.554   0.182   1.00 22.92  ? 70  SER A C   1 
ATOM   476  O O   . SER A 1 70  ? -2.622  7.111   -0.064  1.00 22.27  ? 70  SER A O   1 
ATOM   477  C CB  . SER A 1 70  ? 0.571   7.861   0.090   1.00 23.38  ? 70  SER A CB  1 
ATOM   478  O OG  . SER A 1 70  ? -0.136  9.019   0.389   1.00 24.26  ? 70  SER A OG  1 
ATOM   479  N N   . VAL A 1 71  ? -1.442  5.606   1.103   1.00 23.52  ? 71  VAL A N   1 
ATOM   480  C CA  . VAL A 1 71  ? -2.513  5.213   2.020   1.00 25.36  ? 71  VAL A CA  1 
ATOM   481  C C   . VAL A 1 71  ? -1.914  5.229   3.418   1.00 26.41  ? 71  VAL A C   1 
ATOM   482  O O   . VAL A 1 71  ? -0.959  4.515   3.687   1.00 27.35  ? 71  VAL A O   1 
ATOM   483  C CB  . VAL A 1 71  ? -3.025  3.794   1.723   1.00 25.36  ? 71  VAL A CB  1 
ATOM   484  C CG1 . VAL A 1 71  ? -4.215  3.439   2.596   1.00 24.80  ? 71  VAL A CG1 1 
ATOM   485  C CG2 . VAL A 1 71  ? -3.360  3.660   0.247   1.00 26.33  ? 71  VAL A CG2 1 
ATOM   486  N N   . GLN A 1 72  ? -2.476  6.046   4.296   1.00 27.76  ? 72  GLN A N   1 
ATOM   487  C CA  . GLN A 1 72  ? -2.000  6.211   5.667   1.00 28.41  ? 72  GLN A CA  1 
ATOM   488  C C   . GLN A 1 72  ? -3.097  5.767   6.641   1.00 28.48  ? 72  GLN A C   1 
ATOM   489  O O   . GLN A 1 72  ? -4.262  6.192   6.542   1.00 29.16  ? 72  GLN A O   1 
ATOM   490  C CB  . GLN A 1 72  ? -1.653  7.680   5.895   1.00 29.97  ? 72  GLN A CB  1 
ATOM   491  C CG  . GLN A 1 72  ? -1.446  8.111   7.347   1.00 33.64  ? 72  GLN A CG  1 
ATOM   492  C CD  . GLN A 1 72  ? 0.012   8.088   7.778   1.00 37.14  ? 72  GLN A CD  1 
ATOM   493  O OE1 . GLN A 1 72  ? 0.797   8.943   7.321   1.00 38.62  ? 72  GLN A OE1 1 
ATOM   494  N NE2 . GLN A 1 72  ? 0.399   7.100   8.655   1.00 36.11  ? 72  GLN A NE2 1 
ATOM   495  N N   . ASP A 1 73  ? -2.723  4.926   7.593   1.00 28.05  ? 73  ASP A N   1 
ATOM   496  C CA  . ASP A 1 73  ? -3.619  4.609   8.696   1.00 29.25  ? 73  ASP A CA  1 
ATOM   497  C C   . ASP A 1 73  ? -2.945  4.904   10.032  1.00 30.15  ? 73  ASP A C   1 
ATOM   498  O O   . ASP A 1 73  ? -1.711  5.034   10.100  1.00 28.05  ? 73  ASP A O   1 
ATOM   499  C CB  . ASP A 1 73  ? -4.137  3.168   8.604   1.00 29.05  ? 73  ASP A CB  1 
ATOM   500  C CG  . ASP A 1 73  ? -3.073  2.096   8.906   1.00 29.58  ? 73  ASP A CG  1 
ATOM   501  O OD1 . ASP A 1 73  ? -2.218  2.264   9.809   1.00 30.12  ? 73  ASP A OD1 1 
ATOM   502  O OD2 . ASP A 1 73  ? -3.126  1.033   8.249   1.00 29.26  ? 73  ASP A OD2 1 
ATOM   503  N N   . ASP A 1 74  ? -3.776  5.011   11.070  1.00 31.78  ? 74  ASP A N   1 
ATOM   504  C CA  . ASP A 1 74  ? -3.323  5.257   12.428  1.00 32.73  ? 74  ASP A CA  1 
ATOM   505  C C   . ASP A 1 74  ? -3.546  4.017   13.292  1.00 30.89  ? 74  ASP A C   1 
ATOM   506  O O   . ASP A 1 74  ? -3.886  4.129   14.462  1.00 31.29  ? 74  ASP A O   1 
ATOM   507  C CB  . ASP A 1 74  ? -3.992  6.515   13.005  1.00 35.23  ? 74  ASP A CB  1 
ATOM   508  C CG  . ASP A 1 74  ? -5.553  6.422   13.083  1.00 37.98  ? 74  ASP A CG  1 
ATOM   509  O OD1 . ASP A 1 74  ? -6.192  5.330   12.893  1.00 35.81  ? 74  ASP A OD1 1 
ATOM   510  O OD2 . ASP A 1 74  ? -6.132  7.503   13.342  1.00 38.18  ? 74  ASP A OD2 1 
ATOM   511  N N   . GLY A 1 75  ? -3.309  2.841   12.713  1.00 29.82  ? 75  GLY A N   1 
ATOM   512  C CA  . GLY A 1 75  ? -3.363  1.587   13.447  1.00 30.57  ? 75  GLY A CA  1 
ATOM   513  C C   . GLY A 1 75  ? -2.127  1.340   14.305  1.00 31.38  ? 75  GLY A C   1 
ATOM   514  O O   . GLY A 1 75  ? -1.433  2.286   14.723  1.00 29.75  ? 75  GLY A O   1 
ATOM   515  N N   . ARG A 1 76  ? -1.858  0.053   14.551  1.00 33.07  ? 76  ARG A N   1 
ATOM   516  C CA  . ARG A 1 76  ? -0.732  -0.386  15.380  1.00 35.38  ? 76  ARG A CA  1 
ATOM   517  C C   . ARG A 1 76  ? 0.629   -0.166  14.713  1.00 38.12  ? 76  ARG A C   1 
ATOM   518  O O   . ARG A 1 76  ? 1.633   0.005   15.406  1.00 44.27  ? 76  ARG A O   1 
ATOM   519  C CB  . ARG A 1 76  ? -0.854  -1.880  15.722  1.00 35.63  ? 76  ARG A CB  1 
ATOM   520  C CG  . ARG A 1 76  ? -2.097  -2.279  16.518  1.00 35.75  ? 76  ARG A CG  1 
ATOM   521  C CD  . ARG A 1 76  ? -2.312  -3.792  16.627  1.00 35.04  ? 76  ARG A CD  1 
ATOM   522  N NE  . ARG A 1 76  ? -2.773  -4.380  15.369  1.00 36.27  ? 76  ARG A NE  1 
ATOM   523  C CZ  . ARG A 1 76  ? -3.133  -5.656  15.194  1.00 39.81  ? 76  ARG A CZ  1 
ATOM   524  N NH1 . ARG A 1 76  ? -3.517  -6.090  13.992  1.00 39.95  ? 76  ARG A NH1 1 
ATOM   525  N NH2 . ARG A 1 76  ? -3.096  -6.522  16.201  1.00 43.21  ? 76  ARG A NH2 1 
ATOM   526  N N   . GLY A 1 77  ? 0.667   -0.195  13.380  1.00 39.51  ? 77  GLY A N   1 
ATOM   527  C CA  . GLY A 1 77  ? 1.923   -0.213  12.626  1.00 37.14  ? 77  GLY A CA  1 
ATOM   528  C C   . GLY A 1 77  ? 2.330   -1.656  12.411  1.00 35.87  ? 77  GLY A C   1 
ATOM   529  O O   . GLY A 1 77  ? 2.134   -2.487  13.295  1.00 36.78  ? 77  GLY A O   1 
ATOM   530  N N   . ILE A 1 78  ? 2.896   -1.964  11.249  1.00 34.45  ? 78  ILE A N   1 
ATOM   531  C CA  . ILE A 1 78  ? 3.225   -3.351  10.927  1.00 34.69  ? 78  ILE A CA  1 
ATOM   532  C C   . ILE A 1 78  ? 4.367   -3.747  11.847  1.00 34.53  ? 78  ILE A C   1 
ATOM   533  O O   . ILE A 1 78  ? 5.285   -2.950  12.036  1.00 35.64  ? 78  ILE A O   1 
ATOM   534  C CB  . ILE A 1 78  ? 3.639   -3.579  9.449   1.00 35.47  ? 78  ILE A CB  1 
ATOM   535  C CG1 . ILE A 1 78  ? 2.559   -3.077  8.473   1.00 35.86  ? 78  ILE A CG1 1 
ATOM   536  C CG2 . ILE A 1 78  ? 3.835   -5.071  9.167   1.00 34.98  ? 78  ILE A CG2 1 
ATOM   537  C CD1 . ILE A 1 78  ? 2.992   -3.000  7.015   1.00 35.20  ? 78  ILE A CD1 1 
ATOM   538  N N   . PRO A 1 79  ? 4.314   -4.958  12.438  1.00 33.32  ? 79  PRO A N   1 
ATOM   539  C CA  . PRO A 1 79  ? 5.413   -5.403  13.300  1.00 34.97  ? 79  PRO A CA  1 
ATOM   540  C C   . PRO A 1 79  ? 6.779   -5.277  12.627  1.00 36.08  ? 79  PRO A C   1 
ATOM   541  O O   . PRO A 1 79  ? 6.921   -5.601  11.455  1.00 35.77  ? 79  PRO A O   1 
ATOM   542  C CB  . PRO A 1 79  ? 5.084   -6.871  13.569  1.00 36.18  ? 79  PRO A CB  1 
ATOM   543  C CG  . PRO A 1 79  ? 3.597   -6.946  13.429  1.00 36.28  ? 79  PRO A CG  1 
ATOM   544  C CD  . PRO A 1 79  ? 3.249   -5.967  12.351  1.00 34.33  ? 79  PRO A CD  1 
ATOM   545  N N   . THR A 1 80  ? 7.760   -4.776  13.364  1.00 37.36  ? 80  THR A N   1 
ATOM   546  C CA  . THR A 1 80  ? 9.092   -4.515  12.827  1.00 37.80  ? 80  THR A CA  1 
ATOM   547  C C   . THR A 1 80  ? 10.159  -5.520  13.257  1.00 39.42  ? 80  THR A C   1 
ATOM   548  O O   . THR A 1 80  ? 11.256  -5.524  12.679  1.00 38.63  ? 80  THR A O   1 
ATOM   549  C CB  . THR A 1 80  ? 9.587   -3.147  13.293  1.00 37.46  ? 80  THR A CB  1 
ATOM   550  O OG1 . THR A 1 80  ? 9.580   -3.127  14.720  1.00 35.80  ? 80  THR A OG1 1 
ATOM   551  C CG2 . THR A 1 80  ? 8.693   -2.028  12.740  1.00 36.79  ? 80  THR A CG2 1 
ATOM   552  N N   . GLY A 1 81  ? 9.864   -6.338  14.273  1.00 40.41  ? 81  GLY A N   1 
ATOM   553  C CA  . GLY A 1 81  ? 10.843  -7.272  14.817  1.00 41.89  ? 81  GLY A CA  1 
ATOM   554  C C   . GLY A 1 81  ? 11.307  -8.251  13.762  1.00 44.14  ? 81  GLY A C   1 
ATOM   555  O O   . GLY A 1 81  ? 10.493  -8.732  12.975  1.00 46.00  ? 81  GLY A O   1 
ATOM   556  N N   . ILE A 1 82  ? 12.599  -8.565  13.762  1.00 48.82  ? 82  ILE A N   1 
ATOM   557  C CA  . ILE A 1 82  ? 13.181  -9.443  12.750  1.00 50.97  ? 82  ILE A CA  1 
ATOM   558  C C   . ILE A 1 82  ? 12.579  -10.802 13.074  1.00 56.97  ? 82  ILE A C   1 
ATOM   559  O O   . ILE A 1 82  ? 12.605  -11.219 14.218  1.00 55.76  ? 82  ILE A O   1 
ATOM   560  C CB  . ILE A 1 82  ? 14.726  -9.446  12.762  1.00 49.11  ? 82  ILE A CB  1 
ATOM   561  C CG1 . ILE A 1 82  ? 15.276  -8.031  12.468  1.00 50.04  ? 82  ILE A CG1 1 
ATOM   562  C CG2 . ILE A 1 82  ? 15.270  -10.432 11.738  1.00 47.22  ? 82  ILE A CG2 1 
ATOM   563  C CD1 . ILE A 1 82  ? 15.312  -7.073  13.655  1.00 49.47  ? 82  ILE A CD1 1 
ATOM   564  N N   . HIS A 1 83  ? 11.967  -11.415 12.067  1.00 66.65  ? 83  HIS A N   1 
ATOM   565  C CA  . HIS A 1 83  ? 11.096  -12.572 12.222  1.00 78.64  ? 83  HIS A CA  1 
ATOM   566  C C   . HIS A 1 83  ? 12.014  -13.806 12.162  1.00 86.15  ? 83  HIS A C   1 
ATOM   567  O O   . HIS A 1 83  ? 12.029  -14.502 11.151  1.00 86.34  ? 83  HIS A O   1 
ATOM   568  C CB  . HIS A 1 83  ? 10.053  -12.529 11.065  1.00 85.10  ? 83  HIS A CB  1 
ATOM   569  C CG  . HIS A 1 83  ? 8.881   -13.464 11.231  1.00 94.56  ? 83  HIS A CG  1 
ATOM   570  N ND1 . HIS A 1 83  ? 8.643   -14.525 10.376  1.00 98.94  ? 83  HIS A ND1 1 
ATOM   571  C CD2 . HIS A 1 83  ? 7.857   -13.470 12.122  1.00 99.08  ? 83  HIS A CD2 1 
ATOM   572  C CE1 . HIS A 1 83  ? 7.539   -15.152 10.746  1.00 97.80  ? 83  HIS A CE1 1 
ATOM   573  N NE2 . HIS A 1 83  ? 7.046   -14.535 11.805  1.00 99.73  ? 83  HIS A NE2 1 
ATOM   574  N N   . PRO A 1 84  ? 12.744  -14.125 13.260  1.00 90.61  ? 84  PRO A N   1 
ATOM   575  C CA  . PRO A 1 84  ? 14.064  -14.788 13.102  1.00 87.09  ? 84  PRO A CA  1 
ATOM   576  C C   . PRO A 1 84  ? 14.100  -16.242 12.575  1.00 81.54  ? 84  PRO A C   1 
ATOM   577  O O   . PRO A 1 84  ? 14.908  -17.025 13.037  1.00 75.43  ? 84  PRO A O   1 
ATOM   578  C CB  . PRO A 1 84  ? 14.627  -14.716 14.525  1.00 88.44  ? 84  PRO A CB  1 
ATOM   579  C CG  . PRO A 1 84  ? 13.412  -14.934 15.370  1.00 89.79  ? 84  PRO A CG  1 
ATOM   580  C CD  . PRO A 1 84  ? 12.234  -14.318 14.634  1.00 89.02  ? 84  PRO A CD  1 
ATOM   581  N N   . GLU A 1 85  ? 13.227  -16.582 11.630  1.00 83.71  ? 85  GLU A N   1 
ATOM   582  C CA  . GLU A 1 85  ? 13.306  -17.808 10.860  1.00 87.64  ? 85  GLU A CA  1 
ATOM   583  C C   . GLU A 1 85  ? 13.938  -17.324 9.562   1.00 83.82  ? 85  GLU A C   1 
ATOM   584  O O   . GLU A 1 85  ? 15.059  -17.702 9.264   1.00 81.97  ? 85  GLU A O   1 
ATOM   585  C CB  . GLU A 1 85  ? 11.913  -18.440 10.693  1.00 91.74  ? 85  GLU A CB  1 
ATOM   586  C CG  . GLU A 1 85  ? 11.405  -19.120 11.981  1.00 95.10  ? 85  GLU A CG  1 
ATOM   587  C CD  . GLU A 1 85  ? 9.908   -18.944 12.261  1.00 97.81  ? 85  GLU A CD  1 
ATOM   588  O OE1 . GLU A 1 85  ? 9.098   -18.992 11.308  1.00 100.48 ? 85  GLU A OE1 1 
ATOM   589  O OE2 . GLU A 1 85  ? 9.540   -18.765 13.449  1.00 90.47  ? 85  GLU A OE2 1 
ATOM   590  N N   . GLU A 1 86  ? 13.246  -16.422 8.853   1.00 82.61  ? 86  GLU A N   1 
ATOM   591  C CA  . GLU A 1 86  ? 13.863  -15.564 7.807   1.00 72.28  ? 86  GLU A CA  1 
ATOM   592  C C   . GLU A 1 86  ? 14.683  -14.459 8.497   1.00 65.07  ? 86  GLU A C   1 
ATOM   593  O O   . GLU A 1 86  ? 14.463  -14.139 9.669   1.00 57.67  ? 86  GLU A O   1 
ATOM   594  C CB  . GLU A 1 86  ? 12.822  -14.893 6.882   1.00 69.96  ? 86  GLU A CB  1 
ATOM   595  C CG  . GLU A 1 86  ? 11.668  -15.777 6.403   1.00 68.68  ? 86  GLU A CG  1 
ATOM   596  C CD  . GLU A 1 86  ? 10.381  -15.660 7.215   1.00 63.05  ? 86  GLU A CD  1 
ATOM   597  O OE1 . GLU A 1 86  ? 9.355   -16.148 6.709   1.00 56.57  ? 86  GLU A OE1 1 
ATOM   598  O OE2 . GLU A 1 86  ? 10.383  -15.102 8.340   1.00 63.70  ? 86  GLU A OE2 1 
ATOM   599  N N   . GLY A 1 87  ? 15.593  -13.834 7.763   1.00 58.94  ? 87  GLY A N   1 
ATOM   600  C CA  . GLY A 1 87  ? 16.549  -12.914 8.379   1.00 55.77  ? 87  GLY A CA  1 
ATOM   601  C C   . GLY A 1 87  ? 16.173  -11.450 8.353   1.00 53.03  ? 87  GLY A C   1 
ATOM   602  O O   . GLY A 1 87  ? 17.076  -10.611 8.370   1.00 52.26  ? 87  GLY A O   1 
ATOM   603  N N   . VAL A 1 88  ? 14.872  -11.130 8.325   1.00 50.45  ? 88  VAL A N   1 
ATOM   604  C CA  . VAL A 1 88  ? 14.395  -9.741  8.098   1.00 47.22  ? 88  VAL A CA  1 
ATOM   605  C C   . VAL A 1 88  ? 13.093  -9.425  8.832   1.00 42.71  ? 88  VAL A C   1 
ATOM   606  O O   . VAL A 1 88  ? 12.286  -10.341 9.097   1.00 41.53  ? 88  VAL A O   1 
ATOM   607  C CB  . VAL A 1 88  ? 14.174  -9.447  6.590   1.00 48.05  ? 88  VAL A CB  1 
ATOM   608  C CG1 . VAL A 1 88  ? 15.494  -9.573  5.818   1.00 49.41  ? 88  VAL A CG1 1 
ATOM   609  C CG2 . VAL A 1 88  ? 13.069  -10.340 6.006   1.00 47.58  ? 88  VAL A CG2 1 
ATOM   610  N N   . SER A 1 89  ? 12.894  -8.131  9.129   1.00 38.74  ? 89  SER A N   1 
ATOM   611  C CA  . SER A 1 89  ? 11.648  -7.613  9.737   1.00 35.14  ? 89  SER A CA  1 
ATOM   612  C C   . SER A 1 89  ? 10.372  -8.297  9.221   1.00 33.37  ? 89  SER A C   1 
ATOM   613  O O   . SER A 1 89  ? 10.238  -8.598  8.029   1.00 34.16  ? 89  SER A O   1 
ATOM   614  C CB  . SER A 1 89  ? 11.519  -6.098  9.529   1.00 34.02  ? 89  SER A CB  1 
ATOM   615  O OG  . SER A 1 89  ? 11.329  -5.752  8.165   1.00 31.57  ? 89  SER A OG  1 
ATOM   616  N N   . ALA A 1 90  ? 9.447   -8.572  10.132  1.00 31.37  ? 90  ALA A N   1 
ATOM   617  C CA  . ALA A 1 90  ? 8.149   -9.102  9.754   1.00 31.13  ? 90  ALA A CA  1 
ATOM   618  C C   . ALA A 1 90  ? 7.529   -8.216  8.652   1.00 31.34  ? 90  ALA A C   1 
ATOM   619  O O   . ALA A 1 90  ? 6.967   -8.736  7.696   1.00 34.42  ? 90  ALA A O   1 
ATOM   620  C CB  . ALA A 1 90  ? 7.238   -9.177  10.972  1.00 30.97  ? 90  ALA A CB  1 
ATOM   621  N N   . ALA A 1 91  ? 7.667   -6.890  8.771   1.00 28.98  ? 91  ALA A N   1 
ATOM   622  C CA  . ALA A 1 91  ? 7.138   -5.941  7.783   1.00 26.97  ? 91  ALA A CA  1 
ATOM   623  C C   . ALA A 1 91  ? 7.608   -6.256  6.384   1.00 25.68  ? 91  ALA A C   1 
ATOM   624  O O   . ALA A 1 91  ? 6.810   -6.260  5.471   1.00 24.46  ? 91  ALA A O   1 
ATOM   625  C CB  . ALA A 1 91  ? 7.511   -4.504  8.137   1.00 27.04  ? 91  ALA A CB  1 
ATOM   626  N N   . GLU A 1 92  ? 8.902   -6.516  6.231   1.00 25.13  ? 92  GLU A N   1 
ATOM   627  C CA  . GLU A 1 92  ? 9.472   -6.874  4.937   1.00 25.32  ? 92  GLU A CA  1 
ATOM   628  C C   . GLU A 1 92  ? 8.891   -8.176  4.353   1.00 25.36  ? 92  GLU A C   1 
ATOM   629  O O   . GLU A 1 92  ? 8.747   -8.301  3.138   1.00 24.57  ? 92  GLU A O   1 
ATOM   630  C CB  . GLU A 1 92  ? 11.019  -6.939  5.022   1.00 25.25  ? 92  GLU A CB  1 
ATOM   631  C CG  . GLU A 1 92  ? 11.711  -7.090  3.663   1.00 24.33  ? 92  GLU A CG  1 
ATOM   632  C CD  . GLU A 1 92  ? 13.217  -7.175  3.718   1.00 23.73  ? 92  GLU A CD  1 
ATOM   633  O OE1 . GLU A 1 92  ? 13.870  -6.476  4.514   1.00 23.99  ? 92  GLU A OE1 1 
ATOM   634  O OE2 . GLU A 1 92  ? 13.753  -7.951  2.924   1.00 23.36  ? 92  GLU A OE2 1 
ATOM   635  N N   . VAL A 1 93  ? 8.568   -9.127  5.219   1.00 25.99  ? 93  VAL A N   1 
ATOM   636  C CA  . VAL A 1 93  ? 7.939   -10.386 4.811   1.00 27.81  ? 93  VAL A CA  1 
ATOM   637  C C   . VAL A 1 93  ? 6.514   -10.137 4.278   1.00 29.46  ? 93  VAL A C   1 
ATOM   638  O O   . VAL A 1 93  ? 6.086   -10.730 3.263   1.00 27.87  ? 93  VAL A O   1 
ATOM   639  C CB  . VAL A 1 93  ? 7.896   -11.405 5.991   1.00 29.17  ? 93  VAL A CB  1 
ATOM   640  C CG1 . VAL A 1 93  ? 7.393   -12.777 5.534   1.00 29.89  ? 93  VAL A CG1 1 
ATOM   641  C CG2 . VAL A 1 93  ? 9.273   -11.534 6.657   1.00 30.32  ? 93  VAL A CG2 1 
ATOM   642  N N   . ILE A 1 94  ? 5.794   -9.253  4.975   1.00 31.79  ? 94  ILE A N   1 
ATOM   643  C CA  . ILE A 1 94  ? 4.445   -8.837  4.595   1.00 32.90  ? 94  ILE A CA  1 
ATOM   644  C C   . ILE A 1 94  ? 4.461   -8.162  3.220   1.00 33.01  ? 94  ILE A C   1 
ATOM   645  O O   . ILE A 1 94  ? 3.608   -8.450  2.395   1.00 36.55  ? 94  ILE A O   1 
ATOM   646  C CB  . ILE A 1 94  ? 3.831   -7.838  5.629   1.00 33.49  ? 94  ILE A CB  1 
ATOM   647  C CG1 . ILE A 1 94  ? 3.666   -8.465  7.033   1.00 33.98  ? 94  ILE A CG1 1 
ATOM   648  C CG2 . ILE A 1 94  ? 2.507   -7.241  5.130   1.00 32.86  ? 94  ILE A CG2 1 
ATOM   649  C CD1 . ILE A 1 94  ? 2.794   -9.699  7.119   1.00 35.17  ? 94  ILE A CD1 1 
ATOM   650  N N   . MET A 1 95  ? 5.412   -7.255  3.001   1.00 32.98  ? 95  MET A N   1 
ATOM   651  C CA  . MET A 1 95  ? 5.508   -6.470  1.761   1.00 33.21  ? 95  MET A CA  1 
ATOM   652  C C   . MET A 1 95  ? 5.993   -7.266  0.554   1.00 32.13  ? 95  MET A C   1 
ATOM   653  O O   . MET A 1 95  ? 5.853   -6.793  -0.574  1.00 32.40  ? 95  MET A O   1 
ATOM   654  C CB  . MET A 1 95  ? 6.504   -5.313  1.927   1.00 34.07  ? 95  MET A CB  1 
ATOM   655  C CG  . MET A 1 95  ? 6.168   -4.256  2.965   1.00 35.63  ? 95  MET A CG  1 
ATOM   656  S SD  . MET A 1 95  ? 4.564   -3.435  2.810   1.00 37.59  ? 95  MET A SD  1 
ATOM   657  C CE  . MET A 1 95  ? 4.613   -2.813  1.139   1.00 37.86  ? 95  MET A CE  1 
ATOM   658  N N   . THR A 1 96  ? 6.627   -8.415  0.788   1.00 31.32  ? 96  THR A N   1 
ATOM   659  C CA  . THR A 1 96  ? 7.349   -9.136  -0.281  1.00 31.99  ? 96  THR A CA  1 
ATOM   660  C C   . THR A 1 96  ? 6.863   -10.545 -0.582  1.00 31.20  ? 96  THR A C   1 
ATOM   661  O O   . THR A 1 96  ? 7.084   -11.024 -1.689  1.00 31.60  ? 96  THR A O   1 
ATOM   662  C CB  . THR A 1 96  ? 8.881   -9.208  -0.011  1.00 32.06  ? 96  THR A CB  1 
ATOM   663  O OG1 . THR A 1 96  ? 9.145   -9.905  1.214   1.00 32.07  ? 96  THR A OG1 1 
ATOM   664  C CG2 . THR A 1 96  ? 9.490   -7.828  0.061   1.00 32.24  ? 96  THR A CG2 1 
ATOM   665  N N   . VAL A 1 97  ? 6.215   -11.209 0.373   1.00 31.34  ? 97  VAL A N   1 
ATOM   666  C CA  . VAL A 1 97  ? 5.696   -12.551 0.140   1.00 32.17  ? 97  VAL A CA  1 
ATOM   667  C C   . VAL A 1 97  ? 4.265   -12.555 -0.459  1.00 34.40  ? 97  VAL A C   1 
ATOM   668  O O   . VAL A 1 97  ? 3.368   -11.830 -0.010  1.00 32.33  ? 97  VAL A O   1 
ATOM   669  C CB  . VAL A 1 97  ? 5.794   -13.394 1.435   1.00 31.93  ? 97  VAL A CB  1 
ATOM   670  C CG1 . VAL A 1 97  ? 5.153   -14.776 1.262   1.00 30.17  ? 97  VAL A CG1 1 
ATOM   671  C CG2 . VAL A 1 97  ? 7.262   -13.510 1.867   1.00 31.37  ? 97  VAL A CG2 1 
ATOM   672  N N   . LEU A 1 98  ? 4.083   -13.389 -1.482  1.00 37.99  ? 98  LEU A N   1 
ATOM   673  C CA  . LEU A 1 98  ? 2.772   -13.673 -2.075  1.00 42.77  ? 98  LEU A CA  1 
ATOM   674  C C   . LEU A 1 98  ? 1.826   -14.409 -1.118  1.00 50.33  ? 98  LEU A C   1 
ATOM   675  O O   . LEU A 1 98  ? 2.148   -15.513 -0.696  1.00 52.99  ? 98  LEU A O   1 
ATOM   676  C CB  . LEU A 1 98  ? 2.959   -14.531 -3.333  1.00 40.54  ? 98  LEU A CB  1 
ATOM   677  C CG  . LEU A 1 98  ? 3.020   -13.827 -4.703  1.00 41.48  ? 98  LEU A CG  1 
ATOM   678  C CD1 . LEU A 1 98  ? 3.720   -12.469 -4.695  1.00 41.34  ? 98  LEU A CD1 1 
ATOM   679  C CD2 . LEU A 1 98  ? 3.662   -14.769 -5.714  1.00 42.28  ? 98  LEU A CD2 1 
ATOM   680  N N   . HIS A 1 99  ? 0.664   -13.823 -0.804  1.00 60.40  ? 99  HIS A N   1 
ATOM   681  C CA  . HIS A 1 99  ? -0.369  -14.476 0.055   1.00 68.09  ? 99  HIS A CA  1 
ATOM   682  C C   . HIS A 1 99  ? 0.175   -15.013 1.381   1.00 64.14  ? 99  HIS A C   1 
ATOM   683  O O   . HIS A 1 99  ? 0.557   -14.258 2.252   1.00 58.92  ? 99  HIS A O   1 
ATOM   684  C CB  . HIS A 1 99  ? -1.065  -15.640 -0.674  1.00 74.94  ? 99  HIS A CB  1 
ATOM   685  C CG  . HIS A 1 99  ? -1.783  -15.234 -1.922  1.00 84.98  ? 99  HIS A CG  1 
ATOM   686  N ND1 . HIS A 1 99  ? -1.122  -14.930 -3.095  1.00 88.97  ? 99  HIS A ND1 1 
ATOM   687  C CD2 . HIS A 1 99  ? -3.105  -15.091 -2.187  1.00 88.13  ? 99  HIS A CD2 1 
ATOM   688  C CE1 . HIS A 1 99  ? -2.003  -14.610 -4.027  1.00 87.44  ? 99  HIS A CE1 1 
ATOM   689  N NE2 . HIS A 1 99  ? -3.214  -14.700 -3.503  1.00 90.95  ? 99  HIS A NE2 1 
ATOM   690  N N   . GLY A 1 117 ? -8.381  -10.174 -2.890  1.00 40.23  ? 117 GLY A N   1 
ATOM   691  C CA  . GLY A 1 117 ? -7.372  -9.883  -1.867  1.00 41.67  ? 117 GLY A CA  1 
ATOM   692  C C   . GLY A 1 117 ? -6.100  -10.662 -2.167  1.00 44.88  ? 117 GLY A C   1 
ATOM   693  O O   . GLY A 1 117 ? -6.050  -11.879 -1.920  1.00 46.74  ? 117 GLY A O   1 
ATOM   694  N N   . VAL A 1 118 ? -5.088  -9.973  -2.715  1.00 46.59  ? 118 VAL A N   1 
ATOM   695  C CA  . VAL A 1 118 ? -3.840  -10.617 -3.207  1.00 48.02  ? 118 VAL A CA  1 
ATOM   696  C C   . VAL A 1 118 ? -2.568  -10.296 -2.389  1.00 48.82  ? 118 VAL A C   1 
ATOM   697  O O   . VAL A 1 118 ? -1.529  -10.979 -2.526  1.00 52.21  ? 118 VAL A O   1 
ATOM   698  C CB  . VAL A 1 118 ? -3.581  -10.342 -4.716  1.00 47.65  ? 118 VAL A CB  1 
ATOM   699  C CG1 . VAL A 1 118 ? -2.984  -11.598 -5.370  1.00 49.91  ? 118 VAL A CG1 1 
ATOM   700  C CG2 . VAL A 1 118 ? -4.864  -9.962  -5.453  1.00 46.04  ? 118 VAL A CG2 1 
ATOM   701  N N   . GLY A 1 119 ? -2.662  -9.312  -1.498  1.00 46.34  ? 119 GLY A N   1 
ATOM   702  C CA  . GLY A 1 119 ? -1.529  -8.880  -0.693  1.00 44.02  ? 119 GLY A CA  1 
ATOM   703  C C   . GLY A 1 119 ? -0.841  -7.699  -1.332  1.00 41.18  ? 119 GLY A C   1 
ATOM   704  O O   . GLY A 1 119 ? -0.888  -7.522  -2.542  1.00 43.39  ? 119 GLY A O   1 
ATOM   705  N N   . VAL A 1 120 ? -0.237  -6.864  -0.500  1.00 37.63  ? 120 VAL A N   1 
ATOM   706  C CA  . VAL A 1 120 ? 0.575   -5.754  -0.983  1.00 35.00  ? 120 VAL A CA  1 
ATOM   707  C C   . VAL A 1 120 ? 1.754   -6.139  -1.875  1.00 32.64  ? 120 VAL A C   1 
ATOM   708  O O   . VAL A 1 120 ? 2.161   -5.333  -2.701  1.00 30.73  ? 120 VAL A O   1 
ATOM   709  C CB  . VAL A 1 120 ? 1.131   -4.856  0.148   1.00 36.07  ? 120 VAL A CB  1 
ATOM   710  C CG1 . VAL A 1 120 ? 0.220   -3.671  0.339   1.00 37.73  ? 120 VAL A CG1 1 
ATOM   711  C CG2 . VAL A 1 120 ? 1.371   -5.607  1.465   1.00 35.84  ? 120 VAL A CG2 1 
ATOM   712  N N   . SER A 1 121 ? 2.300   -7.343  -1.719  1.00 30.31  ? 121 SER A N   1 
ATOM   713  C CA  . SER A 1 121 ? 3.428   -7.743  -2.545  1.00 28.83  ? 121 SER A CA  1 
ATOM   714  C C   . SER A 1 121 ? 3.137   -7.652  -4.040  1.00 27.30  ? 121 SER A C   1 
ATOM   715  O O   . SER A 1 121 ? 4.044   -7.350  -4.801  1.00 27.57  ? 121 SER A O   1 
ATOM   716  C CB  . SER A 1 121 ? 3.933   -9.133  -2.178  1.00 28.56  ? 121 SER A CB  1 
ATOM   717  O OG  . SER A 1 121 ? 3.010   -10.142 -2.506  1.00 28.11  ? 121 SER A OG  1 
ATOM   718  N N   . VAL A 1 122 ? 1.888   -7.884  -4.453  1.00 25.40  ? 122 VAL A N   1 
ATOM   719  C CA  . VAL A 1 122 ? 1.489   -7.680  -5.864  1.00 24.61  ? 122 VAL A CA  1 
ATOM   720  C C   . VAL A 1 122 ? 1.662   -6.216  -6.269  1.00 23.35  ? 122 VAL A C   1 
ATOM   721  O O   . VAL A 1 122 ? 2.118   -5.917  -7.358  1.00 23.23  ? 122 VAL A O   1 
ATOM   722  C CB  . VAL A 1 122 ? 0.015   -8.111  -6.136  1.00 24.37  ? 122 VAL A CB  1 
ATOM   723  C CG1 . VAL A 1 122 ? -0.486  -7.637  -7.492  1.00 23.94  ? 122 VAL A CG1 1 
ATOM   724  C CG2 . VAL A 1 122 ? -0.125  -9.615  -6.067  1.00 24.74  ? 122 VAL A CG2 1 
ATOM   725  N N   . VAL A 1 123 ? 1.264   -5.313  -5.392  1.00 22.02  ? 123 VAL A N   1 
ATOM   726  C CA  . VAL A 1 123 ? 1.362   -3.906  -5.664  1.00 21.32  ? 123 VAL A CA  1 
ATOM   727  C C   . VAL A 1 123 ? 2.817   -3.492  -5.668  1.00 21.71  ? 123 VAL A C   1 
ATOM   728  O O   . VAL A 1 123 ? 3.230   -2.694  -6.503  1.00 23.13  ? 123 VAL A O   1 
ATOM   729  C CB  . VAL A 1 123 ? 0.616   -3.100  -4.597  1.00 21.24  ? 123 VAL A CB  1 
ATOM   730  C CG1 . VAL A 1 123 ? 0.926   -1.606  -4.726  1.00 21.52  ? 123 VAL A CG1 1 
ATOM   731  C CG2 . VAL A 1 123 ? -0.884  -3.382  -4.685  1.00 21.17  ? 123 VAL A CG2 1 
ATOM   732  N N   . ASN A 1 124 ? 3.572   -4.018  -4.704  1.00 21.79  ? 124 ASN A N   1 
ATOM   733  C CA  . ASN A 1 124 ? 5.008   -3.740  -4.526  1.00 20.96  ? 124 ASN A CA  1 
ATOM   734  C C   . ASN A 1 124 ? 5.800   -4.241  -5.758  1.00 19.67  ? 124 ASN A C   1 
ATOM   735  O O   . ASN A 1 124 ? 6.711   -3.578  -6.230  1.00 20.06  ? 124 ASN A O   1 
ATOM   736  C CB  . ASN A 1 124 ? 5.491   -4.408  -3.200  1.00 20.77  ? 124 ASN A CB  1 
ATOM   737  C CG  . ASN A 1 124 ? 6.824   -3.891  -2.707  1.00 20.67  ? 124 ASN A CG  1 
ATOM   738  O OD1 . ASN A 1 124 ? 7.351   -2.892  -3.195  1.00 21.55  ? 124 ASN A OD1 1 
ATOM   739  N ND2 . ASN A 1 124 ? 7.385   -4.583  -1.727  1.00 20.69  ? 124 ASN A ND2 1 
ATOM   740  N N   . ALA A 1 125 ? 5.425   -5.396  -6.281  1.00 18.10  ? 125 ALA A N   1 
ATOM   741  C CA  . ALA A 1 125 ? 6.112   -5.983  -7.426  1.00 18.12  ? 125 ALA A CA  1 
ATOM   742  C C   . ALA A 1 125 ? 5.949   -5.159  -8.703  1.00 18.21  ? 125 ALA A C   1 
ATOM   743  O O   . ALA A 1 125 ? 6.841   -5.127  -9.549  1.00 18.24  ? 125 ALA A O   1 
ATOM   744  C CB  . ALA A 1 125 ? 5.610   -7.396  -7.662  1.00 17.55  ? 125 ALA A CB  1 
ATOM   745  N N   . LEU A 1 126 ? 4.802   -4.501  -8.833  1.00 18.25  ? 126 LEU A N   1 
ATOM   746  C CA  . LEU A 1 126 ? 4.454   -3.725  -10.018 1.00 17.86  ? 126 LEU A CA  1 
ATOM   747  C C   . LEU A 1 126 ? 4.601   -2.247  -9.761  1.00 18.13  ? 126 LEU A C   1 
ATOM   748  O O   . LEU A 1 126 ? 4.059   -1.446  -10.505 1.00 18.93  ? 126 LEU A O   1 
ATOM   749  C CB  . LEU A 1 126 ? 3.010   -3.994  -10.395 1.00 17.94  ? 126 LEU A CB  1 
ATOM   750  C CG  . LEU A 1 126 ? 2.600   -5.446  -10.618 1.00 17.87  ? 126 LEU A CG  1 
ATOM   751  C CD1 . LEU A 1 126 ? 1.109   -5.470  -10.917 1.00 18.23  ? 126 LEU A CD1 1 
ATOM   752  C CD2 . LEU A 1 126 ? 3.414   -6.077  -11.732 1.00 17.66  ? 126 LEU A CD2 1 
ATOM   753  N N   . SER A 1 127 ? 5.321   -1.893  -8.708  1.00 18.08  ? 127 SER A N   1 
ATOM   754  C CA  . SER A 1 127 ? 5.659   -0.542  -8.431  1.00 18.83  ? 127 SER A CA  1 
ATOM   755  C C   . SER A 1 127 ? 7.140   -0.326  -8.668  1.00 20.74  ? 127 SER A C   1 
ATOM   756  O O   . SER A 1 127 ? 7.987   -1.001  -8.108  1.00 19.61  ? 127 SER A O   1 
ATOM   757  C CB  . SER A 1 127 ? 5.327   -0.227  -7.005  1.00 18.12  ? 127 SER A CB  1 
ATOM   758  O OG  . SER A 1 127 ? 3.942   -0.281  -6.869  1.00 18.14  ? 127 SER A OG  1 
ATOM   759  N N   . GLN A 1 128 ? 7.426   0.655   -9.500  1.00 23.62  ? 128 GLN A N   1 
ATOM   760  C CA  . GLN A 1 128 ? 8.751   1.121   -9.763  1.00 26.88  ? 128 GLN A CA  1 
ATOM   761  C C   . GLN A 1 128 ? 9.489   1.534   -8.503  1.00 27.77  ? 128 GLN A C   1 
ATOM   762  O O   . GLN A 1 128 ? 10.699  1.304   -8.384  1.00 27.75  ? 128 GLN A O   1 
ATOM   763  C CB  . GLN A 1 128 ? 8.600   2.293   -10.688 1.00 30.78  ? 128 GLN A CB  1 
ATOM   764  C CG  . GLN A 1 128 ? 9.829   3.067   -10.983 1.00 35.21  ? 128 GLN A CG  1 
ATOM   765  C CD  . GLN A 1 128 ? 9.467   4.311   -11.759 1.00 42.44  ? 128 GLN A CD  1 
ATOM   766  O OE1 . GLN A 1 128 ? 10.039  5.378   -11.506 1.00 51.60  ? 128 GLN A OE1 1 
ATOM   767  N NE2 . GLN A 1 128 ? 8.498   4.199   -12.699 1.00 41.88  ? 128 GLN A NE2 1 
ATOM   768  N N   . LYS A 1 129 ? 8.747   2.172   -7.597  1.00 29.44  ? 129 LYS A N   1 
ATOM   769  C CA  . LYS A 1 129 ? 9.232   2.644   -6.303  1.00 29.23  ? 129 LYS A CA  1 
ATOM   770  C C   . LYS A 1 129 ? 8.126   2.483   -5.268  1.00 27.81  ? 129 LYS A C   1 
ATOM   771  O O   . LYS A 1 129 ? 6.950   2.666   -5.586  1.00 26.56  ? 129 LYS A O   1 
ATOM   772  C CB  . LYS A 1 129 ? 9.566   4.112   -6.449  1.00 32.45  ? 129 LYS A CB  1 
ATOM   773  C CG  . LYS A 1 129 ? 10.361  4.720   -5.319  1.00 36.11  ? 129 LYS A CG  1 
ATOM   774  C CD  . LYS A 1 129 ? 10.894  6.088   -5.762  1.00 38.06  ? 129 LYS A CD  1 
ATOM   775  C CE  . LYS A 1 129 ? 11.035  7.054   -4.594  1.00 41.09  ? 129 LYS A CE  1 
ATOM   776  N NZ  . LYS A 1 129 ? 10.679  8.455   -4.968  1.00 42.85  ? 129 LYS A NZ  1 
ATOM   777  N N   . LEU A 1 130 ? 8.481   2.123   -4.038  1.00 27.06  ? 130 LEU A N   1 
ATOM   778  C CA  . LEU A 1 130 ? 7.488   2.046   -2.945  1.00 25.52  ? 130 LEU A CA  1 
ATOM   779  C C   . LEU A 1 130 ? 8.146   2.388   -1.609  1.00 25.20  ? 130 LEU A C   1 
ATOM   780  O O   . LEU A 1 130 ? 9.148   1.762   -1.235  1.00 24.75  ? 130 LEU A O   1 
ATOM   781  C CB  . LEU A 1 130 ? 6.834   0.662   -2.869  1.00 24.09  ? 130 LEU A CB  1 
ATOM   782  C CG  . LEU A 1 130 ? 5.706   0.510   -1.817  1.00 24.11  ? 130 LEU A CG  1 
ATOM   783  C CD1 . LEU A 1 130 ? 4.701   -0.566  -2.212  1.00 23.80  ? 130 LEU A CD1 1 
ATOM   784  C CD2 . LEU A 1 130 ? 6.241   0.198   -0.426  1.00 24.04  ? 130 LEU A CD2 1 
ATOM   785  N N   . GLU A 1 131 ? 7.552   3.347   -0.895  1.00 24.33  ? 131 GLU A N   1 
ATOM   786  C CA  . GLU A 1 131 ? 8.032   3.810   0.421   1.00 23.31  ? 131 GLU A CA  1 
ATOM   787  C C   . GLU A 1 131 ? 7.125   3.304   1.533   1.00 22.47  ? 131 GLU A C   1 
ATOM   788  O O   . GLU A 1 131 ? 5.912   3.476   1.481   1.00 22.38  ? 131 GLU A O   1 
ATOM   789  C CB  . GLU A 1 131 ? 8.061   5.336   0.423   1.00 24.21  ? 131 GLU A CB  1 
ATOM   790  C CG  . GLU A 1 131 ? 8.100   6.015   1.779   1.00 25.11  ? 131 GLU A CG  1 
ATOM   791  C CD  . GLU A 1 131 ? 8.097   7.537   1.679   1.00 26.14  ? 131 GLU A CD  1 
ATOM   792  O OE1 . GLU A 1 131 ? 7.452   8.151   0.772   1.00 25.06  ? 131 GLU A OE1 1 
ATOM   793  O OE2 . GLU A 1 131 ? 8.744   8.125   2.563   1.00 28.15  ? 131 GLU A OE2 1 
ATOM   794  N N   . LEU A 1 132 ? 7.714   2.685   2.548   1.00 22.15  ? 132 LEU A N   1 
ATOM   795  C CA  . LEU A 1 132 ? 6.973   2.199   3.728   1.00 21.08  ? 132 LEU A CA  1 
ATOM   796  C C   . LEU A 1 132 ? 7.440   2.982   4.935   1.00 20.81  ? 132 LEU A C   1 
ATOM   797  O O   . LEU A 1 132 ? 8.636   3.106   5.155   1.00 20.89  ? 132 LEU A O   1 
ATOM   798  C CB  . LEU A 1 132 ? 7.248   0.727   3.969   1.00 20.55  ? 132 LEU A CB  1 
ATOM   799  C CG  . LEU A 1 132 ? 6.666   0.093   5.231   1.00 20.72  ? 132 LEU A CG  1 
ATOM   800  C CD1 . LEU A 1 132 ? 5.154   0.084   5.184   1.00 20.97  ? 132 LEU A CD1 1 
ATOM   801  C CD2 . LEU A 1 132 ? 7.152   -1.332  5.354   1.00 21.04  ? 132 LEU A CD2 1 
ATOM   802  N N   . VAL A 1 133 ? 6.502   3.521   5.709   1.00 21.29  ? 133 VAL A N   1 
ATOM   803  C CA  . VAL A 1 133 ? 6.806   4.228   6.950   1.00 20.72  ? 133 VAL A CA  1 
ATOM   804  C C   . VAL A 1 133 ? 5.905   3.651   8.039   1.00 22.01  ? 133 VAL A C   1 
ATOM   805  O O   . VAL A 1 133 ? 4.690   3.667   7.909   1.00 21.41  ? 133 VAL A O   1 
ATOM   806  C CB  . VAL A 1 133 ? 6.611   5.743   6.806   1.00 19.86  ? 133 VAL A CB  1 
ATOM   807  C CG1 . VAL A 1 133 ? 6.958   6.450   8.109   1.00 20.31  ? 133 VAL A CG1 1 
ATOM   808  C CG2 . VAL A 1 133 ? 7.437   6.311   5.653   1.00 19.52  ? 133 VAL A CG2 1 
ATOM   809  N N   . ILE A 1 134 ? 6.519   3.118   9.089   1.00 24.95  ? 134 ILE A N   1 
ATOM   810  C CA  . ILE A 1 134 ? 5.806   2.556   10.235  1.00 27.49  ? 134 ILE A CA  1 
ATOM   811  C C   . ILE A 1 134 ? 6.165   3.303   11.521  1.00 29.98  ? 134 ILE A C   1 
ATOM   812  O O   . ILE A 1 134 ? 7.341   3.595   11.785  1.00 35.08  ? 134 ILE A O   1 
ATOM   813  C CB  . ILE A 1 134 ? 6.169   1.094   10.428  1.00 28.30  ? 134 ILE A CB  1 
ATOM   814  C CG1 . ILE A 1 134 ? 5.645   0.288   9.262   1.00 29.06  ? 134 ILE A CG1 1 
ATOM   815  C CG2 . ILE A 1 134 ? 5.593   0.552   11.738  1.00 28.93  ? 134 ILE A CG2 1 
ATOM   816  C CD1 . ILE A 1 134 ? 6.333   -1.053  9.167   1.00 30.15  ? 134 ILE A CD1 1 
ATOM   817  N N   . GLN A 1 135 ? 5.145   3.609   12.314  1.00 30.51  ? 135 GLN A N   1 
ATOM   818  C CA  . GLN A 1 135 ? 5.312   4.333   13.570  1.00 30.64  ? 135 GLN A CA  1 
ATOM   819  C C   . GLN A 1 135 ? 4.849   3.376   14.634  1.00 31.12  ? 135 GLN A C   1 
ATOM   820  O O   . GLN A 1 135 ? 3.683   2.978   14.640  1.00 34.43  ? 135 GLN A O   1 
ATOM   821  C CB  . GLN A 1 135 ? 4.465   5.594   13.557  1.00 30.22  ? 135 GLN A CB  1 
ATOM   822  C CG  . GLN A 1 135 ? 4.971   6.616   12.563  1.00 30.09  ? 135 GLN A CG  1 
ATOM   823  C CD  . GLN A 1 135 ? 3.957   7.679   12.266  1.00 31.64  ? 135 GLN A CD  1 
ATOM   824  O OE1 . GLN A 1 135 ? 2.780   7.403   11.967  1.00 31.82  ? 135 GLN A OE1 1 
ATOM   825  N NE2 . GLN A 1 135 ? 4.409   8.916   12.323  1.00 34.65  ? 135 GLN A NE2 1 
ATOM   826  N N   . ARG A 1 136 ? 5.755   2.956   15.503  1.00 30.06  ? 136 ARG A N   1 
ATOM   827  C CA  . ARG A 1 136 ? 5.447   1.844   16.397  1.00 30.64  ? 136 ARG A CA  1 
ATOM   828  C C   . ARG A 1 136 ? 6.485   1.708   17.510  1.00 32.58  ? 136 ARG A C   1 
ATOM   829  O O   . ARG A 1 136 ? 7.708   1.880   17.278  1.00 30.54  ? 136 ARG A O   1 
ATOM   830  C CB  . ARG A 1 136 ? 5.386   0.558   15.585  1.00 30.26  ? 136 ARG A CB  1 
ATOM   831  C CG  . ARG A 1 136 ? 4.902   -0.643  16.334  1.00 29.63  ? 136 ARG A CG  1 
ATOM   832  C CD  . ARG A 1 136 ? 5.012   -1.868  15.464  1.00 28.65  ? 136 ARG A CD  1 
ATOM   833  N NE  . ARG A 1 136 ? 4.963   -3.074  16.290  1.00 28.08  ? 136 ARG A NE  1 
ATOM   834  C CZ  . ARG A 1 136 ? 3.874   -3.810  16.532  1.00 27.57  ? 136 ARG A CZ  1 
ATOM   835  N NH1 . ARG A 1 136 ? 2.680   -3.497  16.038  1.00 27.50  ? 136 ARG A NH1 1 
ATOM   836  N NH2 . ARG A 1 136 ? 3.983   -4.891  17.292  1.00 28.39  ? 136 ARG A NH2 1 
ATOM   837  N N   . GLU A 1 137 ? 5.968   1.402   18.708  1.00 35.21  ? 137 GLU A N   1 
ATOM   838  C CA  . GLU A 1 137 ? 6.719   1.395   19.969  1.00 37.00  ? 137 GLU A CA  1 
ATOM   839  C C   . GLU A 1 137 ? 7.682   2.596   20.070  1.00 35.89  ? 137 GLU A C   1 
ATOM   840  O O   . GLU A 1 137 ? 8.881   2.439   20.350  1.00 34.32  ? 137 GLU A O   1 
ATOM   841  C CB  . GLU A 1 137 ? 7.436   0.047   20.145  1.00 41.82  ? 137 GLU A CB  1 
ATOM   842  C CG  . GLU A 1 137 ? 6.497   -1.170  20.179  1.00 45.32  ? 137 GLU A CG  1 
ATOM   843  C CD  . GLU A 1 137 ? 7.178   -2.500  19.831  1.00 51.38  ? 137 GLU A CD  1 
ATOM   844  O OE1 . GLU A 1 137 ? 6.966   -3.493  20.574  1.00 52.75  ? 137 GLU A OE1 1 
ATOM   845  O OE2 . GLU A 1 137 ? 7.905   -2.573  18.802  1.00 56.37  ? 137 GLU A OE2 1 
ATOM   846  N N   . GLY A 1 138 ? 7.138   3.787   19.801  1.00 35.39  ? 138 GLY A N   1 
ATOM   847  C CA  . GLY A 1 138 ? 7.858   5.035   19.969  1.00 37.77  ? 138 GLY A CA  1 
ATOM   848  C C   . GLY A 1 138 ? 8.888   5.395   18.908  1.00 41.36  ? 138 GLY A C   1 
ATOM   849  O O   . GLY A 1 138 ? 9.621   6.389   19.052  1.00 37.57  ? 138 GLY A O   1 
ATOM   850  N N   . LYS A 1 139 ? 8.943   4.606   17.833  1.00 48.65  ? 139 LYS A N   1 
ATOM   851  C CA  . LYS A 1 139 ? 9.903   4.834   16.749  1.00 49.53  ? 139 LYS A CA  1 
ATOM   852  C C   . LYS A 1 139 ? 9.226   4.885   15.355  1.00 46.76  ? 139 LYS A C   1 
ATOM   853  O O   . LYS A 1 139 ? 8.124   4.366   15.129  1.00 43.47  ? 139 LYS A O   1 
ATOM   854  C CB  . LYS A 1 139 ? 11.034  3.781   16.795  1.00 53.27  ? 139 LYS A CB  1 
ATOM   855  C CG  . LYS A 1 139 ? 11.849  3.712   18.094  1.00 57.03  ? 139 LYS A CG  1 
ATOM   856  C CD  . LYS A 1 139 ? 12.654  4.989   18.418  1.00 65.65  ? 139 LYS A CD  1 
ATOM   857  C CE  . LYS A 1 139 ? 13.485  4.860   19.702  1.00 70.30  ? 139 LYS A CE  1 
ATOM   858  N NZ  . LYS A 1 139 ? 12.656  4.765   20.951  1.00 74.25  ? 139 LYS A NZ  1 
ATOM   859  N N   . ILE A 1 140 ? 9.921   5.550   14.438  1.00 46.74  ? 140 ILE A N   1 
ATOM   860  C CA  . ILE A 1 140 ? 9.548   5.660   13.031  1.00 43.04  ? 140 ILE A CA  1 
ATOM   861  C C   . ILE A 1 140 ? 10.564  4.872   12.228  1.00 39.04  ? 140 ILE A C   1 
ATOM   862  O O   . ILE A 1 140 ? 11.766  5.198   12.258  1.00 41.31  ? 140 ILE A O   1 
ATOM   863  C CB  . ILE A 1 140 ? 9.659   7.115   12.527  1.00 42.19  ? 140 ILE A CB  1 
ATOM   864  C CG1 . ILE A 1 140 ? 8.867   8.067   13.444  1.00 42.34  ? 140 ILE A CG1 1 
ATOM   865  C CG2 . ILE A 1 140 ? 9.248   7.191   11.055  1.00 39.43  ? 140 ILE A CG2 1 
ATOM   866  C CD1 . ILE A 1 140 ? 9.195   9.535   13.217  1.00 43.03  ? 140 ILE A CD1 1 
ATOM   867  N N   . HIS A 1 141 ? 10.072  3.886   11.488  1.00 35.06  ? 141 HIS A N   1 
ATOM   868  C CA  . HIS A 1 141 ? 10.896  3.043   10.649  1.00 33.36  ? 141 HIS A CA  1 
ATOM   869  C C   . HIS A 1 141 ? 10.581  3.349   9.209   1.00 30.40  ? 141 HIS A C   1 
ATOM   870  O O   . HIS A 1 141 ? 9.429   3.476   8.888   1.00 29.05  ? 141 HIS A O   1 
ATOM   871  C CB  . HIS A 1 141 ? 10.564  1.584   10.909  1.00 34.22  ? 141 HIS A CB  1 
ATOM   872  C CG  . HIS A 1 141 ? 10.518  1.217   12.355  1.00 36.54  ? 141 HIS A CG  1 
ATOM   873  N ND1 . HIS A 1 141 ? 11.387  0.307   12.916  1.00 37.67  ? 141 HIS A ND1 1 
ATOM   874  C CD2 . HIS A 1 141 ? 9.696   1.618   13.355  1.00 39.16  ? 141 HIS A CD2 1 
ATOM   875  C CE1 . HIS A 1 141 ? 11.103  0.165   14.199  1.00 39.31  ? 141 HIS A CE1 1 
ATOM   876  N NE2 . HIS A 1 141 ? 10.079  0.949   14.490  1.00 39.34  ? 141 HIS A NE2 1 
ATOM   877  N N   . ARG A 1 142 ? 11.586  3.452   8.345   1.00 31.18  ? 142 ARG A N   1 
ATOM   878  C CA  . ARG A 1 142 ? 11.358  3.578   6.889   1.00 31.85  ? 142 ARG A CA  1 
ATOM   879  C C   . ARG A 1 142 ? 12.160  2.547   6.041   1.00 29.62  ? 142 ARG A C   1 
ATOM   880  O O   . ARG A 1 142 ? 13.305  2.197   6.352   1.00 30.07  ? 142 ARG A O   1 
ATOM   881  C CB  . ARG A 1 142 ? 11.669  5.006   6.455   1.00 34.48  ? 142 ARG A CB  1 
ATOM   882  C CG  . ARG A 1 142 ? 11.268  5.398   5.025   1.00 36.60  ? 142 ARG A CG  1 
ATOM   883  C CD  . ARG A 1 142 ? 11.457  6.918   4.889   1.00 38.48  ? 142 ARG A CD  1 
ATOM   884  N NE  . ARG A 1 142 ? 11.273  7.518   3.555   1.00 40.11  ? 142 ARG A NE  1 
ATOM   885  C CZ  . ARG A 1 142 ? 12.243  7.810   2.667   1.00 43.77  ? 142 ARG A CZ  1 
ATOM   886  N NH1 . ARG A 1 142 ? 11.920  8.390   1.510   1.00 44.78  ? 142 ARG A NH1 1 
ATOM   887  N NH2 . ARG A 1 142 ? 13.532  7.526   2.887   1.00 46.00  ? 142 ARG A NH2 1 
ATOM   888  N N   . GLN A 1 143 ? 11.521  2.048   4.990   1.00 27.06  ? 143 GLN A N   1 
ATOM   889  C CA  . GLN A 1 143 ? 12.125  1.120   4.031   1.00 24.68  ? 143 GLN A CA  1 
ATOM   890  C C   . GLN A 1 143 ? 11.720  1.572   2.614   1.00 23.73  ? 143 GLN A C   1 
ATOM   891  O O   . GLN A 1 143 ? 10.629  2.061   2.406   1.00 24.43  ? 143 GLN A O   1 
ATOM   892  C CB  . GLN A 1 143 ? 11.669  -0.318  4.313   1.00 23.03  ? 143 GLN A CB  1 
ATOM   893  C CG  . GLN A 1 143 ? 12.585  -1.348  3.658   1.00 23.45  ? 143 GLN A CG  1 
ATOM   894  C CD  . GLN A 1 143 ? 12.264  -2.804  3.992   1.00 23.85  ? 143 GLN A CD  1 
ATOM   895  O OE1 . GLN A 1 143 ? 11.187  -3.099  4.528   1.00 24.58  ? 143 GLN A OE1 1 
ATOM   896  N NE2 . GLN A 1 143 ? 13.194  -3.729  3.656   1.00 21.75  ? 143 GLN A NE2 1 
ATOM   897  N N   . ILE A 1 144 ? 12.607  1.438   1.647   1.00 22.62  ? 144 ILE A N   1 
ATOM   898  C CA  . ILE A 1 144 ? 12.300  1.792   0.270   1.00 22.85  ? 144 ILE A CA  1 
ATOM   899  C C   . ILE A 1 144 ? 12.427  0.509   -0.563  1.00 23.31  ? 144 ILE A C   1 
ATOM   900  O O   . ILE A 1 144 ? 13.349  -0.269  -0.343  1.00 24.25  ? 144 ILE A O   1 
ATOM   901  C CB  . ILE A 1 144 ? 13.269  2.896   -0.233  1.00 22.89  ? 144 ILE A CB  1 
ATOM   902  C CG1 . ILE A 1 144 ? 13.047  4.193   0.534   1.00 22.44  ? 144 ILE A CG1 1 
ATOM   903  C CG2 . ILE A 1 144 ? 13.186  3.099   -1.746  1.00 22.50  ? 144 ILE A CG2 1 
ATOM   904  C CD1 . ILE A 1 144 ? 11.707  4.828   0.288   1.00 23.80  ? 144 ILE A CD1 1 
ATOM   905  N N   . TYR A 1 145 ? 11.511  0.292   -1.515  1.00 23.68  ? 145 TYR A N   1 
ATOM   906  C CA  . TYR A 1 145 ? 11.596  -0.836  -2.449  1.00 24.02  ? 145 TYR A CA  1 
ATOM   907  C C   . TYR A 1 145 ? 11.639  -0.335  -3.895  1.00 25.04  ? 145 TYR A C   1 
ATOM   908  O O   . TYR A 1 145 ? 11.153  0.774   -4.185  1.00 25.88  ? 145 TYR A O   1 
ATOM   909  C CB  . TYR A 1 145 ? 10.409  -1.791  -2.284  1.00 23.81  ? 145 TYR A CB  1 
ATOM   910  C CG  . TYR A 1 145 ? 10.214  -2.366  -0.899  1.00 23.42  ? 145 TYR A CG  1 
ATOM   911  C CD1 . TYR A 1 145 ? 9.521   -1.644  0.050   1.00 23.65  ? 145 TYR A CD1 1 
ATOM   912  C CD2 . TYR A 1 145 ? 10.687  -3.648  -0.544  1.00 22.68  ? 145 TYR A CD2 1 
ATOM   913  C CE1 . TYR A 1 145 ? 9.319   -2.159  1.310   1.00 24.27  ? 145 TYR A CE1 1 
ATOM   914  C CE2 . TYR A 1 145 ? 10.483  -4.182  0.729   1.00 22.58  ? 145 TYR A CE2 1 
ATOM   915  C CZ  . TYR A 1 145 ? 9.809   -3.448  1.650   1.00 23.41  ? 145 TYR A CZ  1 
ATOM   916  O OH  . TYR A 1 145 ? 9.588   -3.978  2.893   1.00 22.12  ? 145 TYR A OH  1 
ATOM   917  N N   . GLU A 1 146 ? 12.223  -1.150  -4.784  1.00 25.45  ? 146 GLU A N   1 
ATOM   918  C CA  . GLU A 1 146 ? 12.163  -0.922  -6.232  1.00 26.57  ? 146 GLU A CA  1 
ATOM   919  C C   . GLU A 1 146 ? 11.729  -2.211  -6.857  1.00 25.34  ? 146 GLU A C   1 
ATOM   920  O O   . GLU A 1 146 ? 12.391  -3.232  -6.678  1.00 23.90  ? 146 GLU A O   1 
ATOM   921  C CB  . GLU A 1 146 ? 13.526  -0.540  -6.807  1.00 29.37  ? 146 GLU A CB  1 
ATOM   922  C CG  . GLU A 1 146 ? 13.837  0.952   -6.740  1.00 31.80  ? 146 GLU A CG  1 
ATOM   923  C CD  . GLU A 1 146 ? 15.329  1.278   -6.620  1.00 33.02  ? 146 GLU A CD  1 
ATOM   924  O OE1 . GLU A 1 146 ? 15.730  2.304   -7.200  1.00 35.53  ? 146 GLU A OE1 1 
ATOM   925  O OE2 . GLU A 1 146 ? 16.092  0.538   -5.954  1.00 31.77  ? 146 GLU A OE2 1 
ATOM   926  N N   . HIS A 1 147 ? 10.619  -2.165  -7.587  1.00 23.91  ? 147 HIS A N   1 
ATOM   927  C CA  . HIS A 1 147 ? 10.018  -3.365  -8.192  1.00 23.67  ? 147 HIS A CA  1 
ATOM   928  C C   . HIS A 1 147 ? 9.906   -4.526  -7.187  1.00 24.45  ? 147 HIS A C   1 
ATOM   929  O O   . HIS A 1 147 ? 10.123  -5.703  -7.559  1.00 25.28  ? 147 HIS A O   1 
ATOM   930  C CB  . HIS A 1 147 ? 10.770  -3.802  -9.444  1.00 22.48  ? 147 HIS A CB  1 
ATOM   931  C CG  . HIS A 1 147 ? 10.971  -2.709  -10.440 1.00 22.41  ? 147 HIS A CG  1 
ATOM   932  N ND1 . HIS A 1 147 ? 10.038  -2.398  -11.412 1.00 23.28  ? 147 HIS A ND1 1 
ATOM   933  C CD2 . HIS A 1 147 ? 12.007  -1.861  -10.628 1.00 22.02  ? 147 HIS A CD2 1 
ATOM   934  C CE1 . HIS A 1 147 ? 10.484  -1.387  -12.139 1.00 23.17  ? 147 HIS A CE1 1 
ATOM   935  N NE2 . HIS A 1 147 ? 11.679  -1.047  -11.685 1.00 22.31  ? 147 HIS A NE2 1 
ATOM   936  N N   . GLY A 1 148 ? 9.542   -4.180  -5.937  1.00 23.39  ? 148 GLY A N   1 
ATOM   937  C CA  . GLY A 1 148 ? 9.366   -5.145  -4.858  1.00 22.29  ? 148 GLY A CA  1 
ATOM   938  C C   . GLY A 1 148 ? 10.614  -5.500  -4.097  1.00 21.25  ? 148 GLY A C   1 
ATOM   939  O O   . GLY A 1 148 ? 10.533  -6.281  -3.168  1.00 20.83  ? 148 GLY A O   1 
ATOM   940  N N   . VAL A 1 149 ? 11.758  -4.925  -4.456  1.00 21.78  ? 149 VAL A N   1 
ATOM   941  C CA  . VAL A 1 149 ? 13.042  -5.351  -3.883  1.00 23.35  ? 149 VAL A CA  1 
ATOM   942  C C   . VAL A 1 149 ? 13.603  -4.299  -2.918  1.00 25.33  ? 149 VAL A C   1 
ATOM   943  O O   . VAL A 1 149 ? 13.825  -3.139  -3.330  1.00 26.54  ? 149 VAL A O   1 
ATOM   944  C CB  . VAL A 1 149 ? 14.089  -5.626  -4.965  1.00 22.61  ? 149 VAL A CB  1 
ATOM   945  C CG1 . VAL A 1 149 ? 15.381  -6.050  -4.315  1.00 23.04  ? 149 VAL A CG1 1 
ATOM   946  C CG2 . VAL A 1 149 ? 13.626  -6.731  -5.897  1.00 22.37  ? 149 VAL A CG2 1 
ATOM   947  N N   . PRO A 1 150 ? 13.850  -4.692  -1.644  1.00 26.76  ? 150 PRO A N   1 
ATOM   948  C CA  . PRO A 1 150 ? 14.258  -3.671  -0.646  1.00 27.51  ? 150 PRO A CA  1 
ATOM   949  C C   . PRO A 1 150 ? 15.621  -3.062  -0.942  1.00 28.48  ? 150 PRO A C   1 
ATOM   950  O O   . PRO A 1 150 ? 16.541  -3.808  -1.278  1.00 28.94  ? 150 PRO A O   1 
ATOM   951  C CB  . PRO A 1 150 ? 14.346  -4.452  0.675   1.00 27.54  ? 150 PRO A CB  1 
ATOM   952  C CG  . PRO A 1 150 ? 13.789  -5.816  0.420   1.00 26.66  ? 150 PRO A CG  1 
ATOM   953  C CD  . PRO A 1 150 ? 13.707  -6.043  -1.057  1.00 26.36  ? 150 PRO A CD  1 
ATOM   954  N N   . GLN A 1 151 ? 15.739  -1.737  -0.833  1.00 28.37  ? 151 GLN A N   1 
ATOM   955  C CA  . GLN A 1 151 ? 17.034  -1.076  -0.886  1.00 28.65  ? 151 GLN A CA  1 
ATOM   956  C C   . GLN A 1 151 ? 17.860  -1.431  0.330   1.00 29.67  ? 151 GLN A C   1 
ATOM   957  O O   . GLN A 1 151 ? 19.057  -1.656  0.239   1.00 28.86  ? 151 GLN A O   1 
ATOM   958  C CB  . GLN A 1 151 ? 16.886  0.432   -0.929  1.00 28.54  ? 151 GLN A CB  1 
ATOM   959  C CG  . GLN A 1 151 ? 16.460  0.950   -2.273  1.00 28.26  ? 151 GLN A CG  1 
ATOM   960  C CD  . GLN A 1 151 ? 16.649  2.454   -2.445  1.00 29.13  ? 151 GLN A CD  1 
ATOM   961  O OE1 . GLN A 1 151 ? 16.639  2.919   -3.582  1.00 30.81  ? 151 GLN A OE1 1 
ATOM   962  N NE2 . GLN A 1 151 ? 16.794  3.220   -1.341  1.00 26.56  ? 151 GLN A NE2 1 
ATOM   963  N N   . ALA A 1 152 ? 17.224  -1.456  1.483   1.00 32.62  ? 152 ALA A N   1 
ATOM   964  C CA  . ALA A 1 152 ? 17.938  -1.782  2.710   1.00 36.02  ? 152 ALA A CA  1 
ATOM   965  C C   . ALA A 1 152 ? 16.985  -2.421  3.698   1.00 37.70  ? 152 ALA A C   1 
ATOM   966  O O   . ALA A 1 152 ? 15.766  -2.397  3.477   1.00 44.07  ? 152 ALA A O   1 
ATOM   967  C CB  . ALA A 1 152 ? 18.562  -0.524  3.304   1.00 35.62  ? 152 ALA A CB  1 
ATOM   968  N N   . PRO A 1 153 ? 17.518  -3.012  4.776   1.00 35.56  ? 153 PRO A N   1 
ATOM   969  C CA  . PRO A 1 153 ? 16.570  -3.522  5.745   1.00 35.62  ? 153 PRO A CA  1 
ATOM   970  C C   . PRO A 1 153 ? 15.817  -2.372  6.436   1.00 35.69  ? 153 PRO A C   1 
ATOM   971  O O   . PRO A 1 153 ? 16.282  -1.214  6.454   1.00 34.47  ? 153 PRO A O   1 
ATOM   972  C CB  . PRO A 1 153 ? 17.445  -4.318  6.720   1.00 34.73  ? 153 PRO A CB  1 
ATOM   973  C CG  . PRO A 1 153 ? 18.693  -4.600  5.981   1.00 34.56  ? 153 PRO A CG  1 
ATOM   974  C CD  . PRO A 1 153 ? 18.891  -3.424  5.089   1.00 34.75  ? 153 PRO A CD  1 
ATOM   975  N N   . LEU A 1 154 ? 14.647  -2.699  6.971   1.00 33.61  ? 154 LEU A N   1 
ATOM   976  C CA  . LEU A 1 154 ? 13.871  -1.717  7.720   1.00 33.52  ? 154 LEU A CA  1 
ATOM   977  C C   . LEU A 1 154 ? 14.748  -1.040  8.769   1.00 31.96  ? 154 LEU A C   1 
ATOM   978  O O   . LEU A 1 154 ? 15.389  -1.714  9.575   1.00 31.74  ? 154 LEU A O   1 
ATOM   979  C CB  . LEU A 1 154 ? 12.660  -2.380  8.375   1.00 32.18  ? 154 LEU A CB  1 
ATOM   980  C CG  . LEU A 1 154 ? 11.632  -1.480  9.047   1.00 29.56  ? 154 LEU A CG  1 
ATOM   981  C CD1 . LEU A 1 154 ? 11.001  -0.481  8.081   1.00 27.50  ? 154 LEU A CD1 1 
ATOM   982  C CD2 . LEU A 1 154 ? 10.589  -2.418  9.644   1.00 30.27  ? 154 LEU A CD2 1 
ATOM   983  N N   . ALA A 1 155 ? 14.806  0.279   8.708   1.00 30.84  ? 155 ALA A N   1 
ATOM   984  C CA  . ALA A 1 155 ? 15.698  1.043   9.557   1.00 33.15  ? 155 ALA A CA  1 
ATOM   985  C C   . ALA A 1 155 ? 14.918  2.109   10.298  1.00 35.03  ? 155 ALA A C   1 
ATOM   986  O O   . ALA A 1 155 ? 13.920  2.617   9.787   1.00 34.34  ? 155 ALA A O   1 
ATOM   987  C CB  . ALA A 1 155 ? 16.793  1.691   8.724   1.00 33.90  ? 155 ALA A CB  1 
ATOM   988  N N   . VAL A 1 156 ? 15.397  2.455   11.493  1.00 36.70  ? 156 VAL A N   1 
ATOM   989  C CA  . VAL A 1 156 ? 14.747  3.440   12.355  1.00 35.67  ? 156 VAL A CA  1 
ATOM   990  C C   . VAL A 1 156 ? 15.275  4.818   12.002  1.00 34.66  ? 156 VAL A C   1 
ATOM   991  O O   . VAL A 1 156 ? 16.481  5.011   11.969  1.00 33.96  ? 156 VAL A O   1 
ATOM   992  C CB  . VAL A 1 156 ? 15.020  3.118   13.826  1.00 36.98  ? 156 VAL A CB  1 
ATOM   993  C CG1 . VAL A 1 156 ? 14.511  4.224   14.735  1.00 38.59  ? 156 VAL A CG1 1 
ATOM   994  C CG2 . VAL A 1 156 ? 14.371  1.785   14.188  1.00 37.79  ? 156 VAL A CG2 1 
ATOM   995  N N   . THR A 1 157 ? 14.369  5.758   11.722  1.00 34.31  ? 157 THR A N   1 
ATOM   996  C CA  . THR A 1 157 ? 14.741  7.119   11.297  1.00 34.87  ? 157 THR A CA  1 
ATOM   997  C C   . THR A 1 157 ? 14.486  8.188   12.357  1.00 39.27  ? 157 THR A C   1 
ATOM   998  O O   . THR A 1 157 ? 14.990  9.316   12.216  1.00 40.19  ? 157 THR A O   1 
ATOM   999  C CB  . THR A 1 157 ? 14.038  7.545   9.985   1.00 32.35  ? 157 THR A CB  1 
ATOM   1000 O OG1 . THR A 1 157 ? 12.629  7.704   10.194  1.00 30.37  ? 157 THR A OG1 1 
ATOM   1001 C CG2 . THR A 1 157 ? 14.284  6.514   8.887   1.00 32.63  ? 157 THR A CG2 1 
ATOM   1002 N N   . GLY A 1 158 ? 13.686  7.862   13.385  1.00 44.87  ? 158 GLY A N   1 
ATOM   1003 C CA  . GLY A 1 158 ? 13.491  8.763   14.549  1.00 46.26  ? 158 GLY A CA  1 
ATOM   1004 C C   . GLY A 1 158 ? 12.457  8.306   15.583  1.00 48.52  ? 158 GLY A C   1 
ATOM   1005 O O   . GLY A 1 158 ? 11.869  7.212   15.453  1.00 44.97  ? 158 GLY A O   1 
ATOM   1006 N N   . GLU A 1 159 ? 12.255  9.154   16.609  1.00 50.43  ? 159 GLU A N   1 
ATOM   1007 C CA  . GLU A 1 159 ? 11.217  8.962   17.629  1.00 50.19  ? 159 GLU A CA  1 
ATOM   1008 C C   . GLU A 1 159 ? 9.867   9.525   17.131  1.00 48.15  ? 159 GLU A C   1 
ATOM   1009 O O   . GLU A 1 159 ? 9.794   10.430  16.258  1.00 39.75  ? 159 GLU A O   1 
ATOM   1010 C CB  . GLU A 1 159 ? 11.548  9.674   18.963  1.00 58.36  ? 159 GLU A CB  1 
ATOM   1011 C CG  . GLU A 1 159 ? 12.968  9.571   19.543  1.00 62.38  ? 159 GLU A CG  1 
ATOM   1012 C CD  . GLU A 1 159 ? 13.248  8.344   20.404  1.00 64.02  ? 159 GLU A CD  1 
ATOM   1013 O OE1 . GLU A 1 159 ? 12.324  7.667   20.913  1.00 60.35  ? 159 GLU A OE1 1 
ATOM   1014 O OE2 . GLU A 1 159 ? 14.452  8.057   20.609  1.00 67.92  ? 159 GLU A OE2 1 
ATOM   1015 N N   . THR A 1 160 ? 8.805   9.001   17.741  1.00 49.81  ? 160 THR A N   1 
ATOM   1016 C CA  . THR A 1 160 ? 7.430   9.470   17.532  1.00 50.80  ? 160 THR A CA  1 
ATOM   1017 C C   . THR A 1 160 ? 6.522   8.941   18.637  1.00 52.18  ? 160 THR A C   1 
ATOM   1018 O O   . THR A 1 160 ? 6.755   7.852   19.156  1.00 56.84  ? 160 THR A O   1 
ATOM   1019 C CB  . THR A 1 160 ? 6.876   8.967   16.199  1.00 50.34  ? 160 THR A CB  1 
ATOM   1020 O OG1 . THR A 1 160 ? 5.536   9.437   16.021  1.00 51.89  ? 160 THR A OG1 1 
ATOM   1021 C CG2 . THR A 1 160 ? 6.869   7.439   16.165  1.00 51.50  ? 160 THR A CG2 1 
ATOM   1022 N N   . GLU A 1 161 ? 5.481   9.680   18.984  1.00 53.29  ? 161 GLU A N   1 
ATOM   1023 C CA  . GLU A 1 161 ? 4.529   9.188   19.987  1.00 59.00  ? 161 GLU A CA  1 
ATOM   1024 C C   . GLU A 1 161 ? 3.223   8.648   19.397  1.00 53.89  ? 161 GLU A C   1 
ATOM   1025 O O   . GLU A 1 161 ? 2.324   8.272   20.154  1.00 57.08  ? 161 GLU A O   1 
ATOM   1026 C CB  . GLU A 1 161 ? 4.249   10.266  21.048  1.00 65.86  ? 161 GLU A CB  1 
ATOM   1027 C CG  . GLU A 1 161 ? 5.379   10.427  22.066  1.00 66.09  ? 161 GLU A CG  1 
ATOM   1028 C CD  . GLU A 1 161 ? 4.933   11.096  23.359  1.00 68.52  ? 161 GLU A CD  1 
ATOM   1029 O OE1 . GLU A 1 161 ? 3.728   11.422  23.513  1.00 66.90  ? 161 GLU A OE1 1 
ATOM   1030 O OE2 . GLU A 1 161 ? 5.804   11.292  24.235  1.00 67.89  ? 161 GLU A OE2 1 
ATOM   1031 N N   . LYS A 1 162 ? 3.123   8.583   18.069  1.00 47.44  ? 162 LYS A N   1 
ATOM   1032 C CA  . LYS A 1 162 ? 1.905   8.085   17.413  1.00 43.53  ? 162 LYS A CA  1 
ATOM   1033 C C   . LYS A 1 162 ? 2.228   6.766   16.747  1.00 38.00  ? 162 LYS A C   1 
ATOM   1034 O O   . LYS A 1 162 ? 3.394   6.355   16.712  1.00 35.73  ? 162 LYS A O   1 
ATOM   1035 C CB  . LYS A 1 162 ? 1.300   9.105   16.429  1.00 44.07  ? 162 LYS A CB  1 
ATOM   1036 C CG  . LYS A 1 162 ? 2.259   9.693   15.406  1.00 45.83  ? 162 LYS A CG  1 
ATOM   1037 C CD  . LYS A 1 162 ? 1.554   10.614  14.405  1.00 46.27  ? 162 LYS A CD  1 
ATOM   1038 C CE  . LYS A 1 162 ? 1.778   12.085  14.713  1.00 46.03  ? 162 LYS A CE  1 
ATOM   1039 N NZ  . LYS A 1 162 ? 1.315   12.451  16.082  1.00 47.89  ? 162 LYS A NZ  1 
ATOM   1040 N N   . THR A 1 163 ? 1.183   6.081   16.298  1.00 34.99  ? 163 THR A N   1 
ATOM   1041 C CA  . THR A 1 163 ? 1.324   4.818   15.587  1.00 36.50  ? 163 THR A CA  1 
ATOM   1042 C C   . THR A 1 163 ? 0.591   4.798   14.223  1.00 37.11  ? 163 THR A C   1 
ATOM   1043 O O   . THR A 1 163 ? -0.351  5.581   13.968  1.00 34.59  ? 163 THR A O   1 
ATOM   1044 C CB  . THR A 1 163 ? 0.827   3.626   16.428  1.00 36.66  ? 163 THR A CB  1 
ATOM   1045 O OG1 . THR A 1 163 ? -0.591  3.737   16.626  1.00 37.52  ? 163 THR A OG1 1 
ATOM   1046 C CG2 . THR A 1 163 ? 1.572   3.542   17.773  1.00 36.27  ? 163 THR A CG2 1 
ATOM   1047 N N   . GLY A 1 164 ? 1.037   3.886   13.355  1.00 37.12  ? 164 GLY A N   1 
ATOM   1048 C CA  . GLY A 1 164 ? 0.384   3.657   12.059  1.00 35.52  ? 164 GLY A CA  1 
ATOM   1049 C C   . GLY A 1 164 ? 1.291   3.150   10.967  1.00 32.53  ? 164 GLY A C   1 
ATOM   1050 O O   . GLY A 1 164 ? 2.496   3.032   11.165  1.00 31.86  ? 164 GLY A O   1 
ATOM   1051 N N   . THR A 1 165 ? 0.688   2.856   9.819   1.00 31.14  ? 165 THR A N   1 
ATOM   1052 C CA  . THR A 1 165 ? 1.406   2.466   8.600   1.00 29.38  ? 165 THR A CA  1 
ATOM   1053 C C   . THR A 1 165 ? 1.042   3.374   7.443   1.00 28.13  ? 165 THR A C   1 
ATOM   1054 O O   . THR A 1 165 ? -0.120  3.695   7.256   1.00 28.77  ? 165 THR A O   1 
ATOM   1055 C CB  . THR A 1 165 ? 1.049   1.049   8.201   1.00 28.73  ? 165 THR A CB  1 
ATOM   1056 O OG1 . THR A 1 165 ? 1.347   0.202   9.295   1.00 30.79  ? 165 THR A OG1 1 
ATOM   1057 C CG2 . THR A 1 165 ? 1.846   0.603   7.023   1.00 29.02  ? 165 THR A CG2 1 
ATOM   1058 N N   . MET A 1 166 ? 2.049   3.783   6.679   1.00 27.29  ? 166 MET A N   1 
ATOM   1059 C CA  . MET A 1 166 ? 1.871   4.580   5.470   1.00 27.03  ? 166 MET A CA  1 
ATOM   1060 C C   . MET A 1 166 ? 2.576   3.849   4.350   1.00 26.59  ? 166 MET A C   1 
ATOM   1061 O O   . MET A 1 166 ? 3.753   3.552   4.479   1.00 29.24  ? 166 MET A O   1 
ATOM   1062 C CB  . MET A 1 166 ? 2.516   5.949   5.656   1.00 27.68  ? 166 MET A CB  1 
ATOM   1063 C CG  . MET A 1 166 ? 2.170   6.999   4.609   1.00 27.62  ? 166 MET A CG  1 
ATOM   1064 S SD  . MET A 1 166 ? 2.998   6.737   3.043   1.00 30.42  ? 166 MET A SD  1 
ATOM   1065 C CE  . MET A 1 166 ? 4.769   6.845   3.445   1.00 30.06  ? 166 MET A CE  1 
ATOM   1066 N N   . VAL A 1 167 ? 1.884   3.576   3.250   1.00 25.20  ? 167 VAL A N   1 
ATOM   1067 C CA  . VAL A 1 167 ? 2.515   2.985   2.053   1.00 22.90  ? 167 VAL A CA  1 
ATOM   1068 C C   . VAL A 1 167 ? 2.272   3.928   0.899   1.00 20.87  ? 167 VAL A C   1 
ATOM   1069 O O   . VAL A 1 167 ? 1.133   4.210   0.591   1.00 20.77  ? 167 VAL A O   1 
ATOM   1070 C CB  . VAL A 1 167 ? 1.916   1.604   1.749   1.00 23.17  ? 167 VAL A CB  1 
ATOM   1071 C CG1 . VAL A 1 167 ? 2.252   1.139   0.341   1.00 23.71  ? 167 VAL A CG1 1 
ATOM   1072 C CG2 . VAL A 1 167 ? 2.413   0.590   2.768   1.00 23.30  ? 167 VAL A CG2 1 
ATOM   1073 N N   . ARG A 1 168 ? 3.343   4.423   0.293   1.00 19.47  ? 168 ARG A N   1 
ATOM   1074 C CA  . ARG A 1 168 ? 3.264   5.213   -0.921  1.00 19.10  ? 168 ARG A CA  1 
ATOM   1075 C C   . ARG A 1 168 ? 3.932   4.452   -2.062  1.00 19.70  ? 168 ARG A C   1 
ATOM   1076 O O   . ARG A 1 168 ? 5.070   3.978   -1.928  1.00 20.12  ? 168 ARG A O   1 
ATOM   1077 C CB  . ARG A 1 168 ? 3.945   6.539   -0.734  1.00 19.11  ? 168 ARG A CB  1 
ATOM   1078 C CG  . ARG A 1 168 ? 3.706   7.520   -1.868  1.00 19.91  ? 168 ARG A CG  1 
ATOM   1079 C CD  . ARG A 1 168 ? 4.261   8.891   -1.497  1.00 20.97  ? 168 ARG A CD  1 
ATOM   1080 N NE  . ARG A 1 168 ? 4.392   9.794   -2.652  1.00 21.70  ? 168 ARG A NE  1 
ATOM   1081 C CZ  . ARG A 1 168 ? 4.899   11.027  -2.607  1.00 22.29  ? 168 ARG A CZ  1 
ATOM   1082 N NH1 . ARG A 1 168 ? 4.970   11.741  -3.722  1.00 23.18  ? 168 ARG A NH1 1 
ATOM   1083 N NH2 . ARG A 1 168 ? 5.313   11.564  -1.456  1.00 22.76  ? 168 ARG A NH2 1 
ATOM   1084 N N   . PHE A 1 169 ? 3.227   4.338   -3.188  1.00 19.66  ? 169 PHE A N   1 
ATOM   1085 C CA  . PHE A 1 169 ? 3.762   3.655   -4.346  1.00 19.98  ? 169 PHE A CA  1 
ATOM   1086 C C   . PHE A 1 169 ? 3.651   4.491   -5.641  1.00 20.91  ? 169 PHE A C   1 
ATOM   1087 O O   . PHE A 1 169 ? 2.751   5.322   -5.794  1.00 20.92  ? 169 PHE A O   1 
ATOM   1088 C CB  . PHE A 1 169 ? 3.103   2.283   -4.465  1.00 19.39  ? 169 PHE A CB  1 
ATOM   1089 C CG  . PHE A 1 169 ? 1.659   2.328   -4.879  1.00 19.02  ? 169 PHE A CG  1 
ATOM   1090 C CD1 . PHE A 1 169 ? 0.664   2.480   -3.946  1.00 19.86  ? 169 PHE A CD1 1 
ATOM   1091 C CD2 . PHE A 1 169 ? 1.296   2.202   -6.221  1.00 18.53  ? 169 PHE A CD2 1 
ATOM   1092 C CE1 . PHE A 1 169 ? -0.676  2.523   -4.345  1.00 19.70  ? 169 PHE A CE1 1 
ATOM   1093 C CE2 . PHE A 1 169 ? -0.015  2.257   -6.620  1.00 17.82  ? 169 PHE A CE2 1 
ATOM   1094 C CZ  . PHE A 1 169 ? -1.004  2.426   -5.686  1.00 18.62  ? 169 PHE A CZ  1 
ATOM   1095 N N   . TRP A 1 170 ? 4.601   4.250   -6.539  1.00 21.81  ? 170 TRP A N   1 
ATOM   1096 C CA  . TRP A 1 170 ? 4.651   4.823   -7.870  1.00 23.36  ? 170 TRP A CA  1 
ATOM   1097 C C   . TRP A 1 170 ? 4.505   3.652   -8.855  1.00 25.01  ? 170 TRP A C   1 
ATOM   1098 O O   . TRP A 1 170 ? 5.408   2.796   -8.904  1.00 24.84  ? 170 TRP A O   1 
ATOM   1099 C CB  . TRP A 1 170 ? 6.005   5.431   -8.128  1.00 23.40  ? 170 TRP A CB  1 
ATOM   1100 C CG  . TRP A 1 170 ? 6.265   6.623   -7.381  1.00 23.03  ? 170 TRP A CG  1 
ATOM   1101 C CD1 . TRP A 1 170 ? 6.276   7.888   -7.866  1.00 22.93  ? 170 TRP A CD1 1 
ATOM   1102 C CD2 . TRP A 1 170 ? 6.598   6.708   -6.003  1.00 22.50  ? 170 TRP A CD2 1 
ATOM   1103 N NE1 . TRP A 1 170 ? 6.562   8.770   -6.860  1.00 22.47  ? 170 TRP A NE1 1 
ATOM   1104 C CE2 . TRP A 1 170 ? 6.772   8.071   -5.706  1.00 22.21  ? 170 TRP A CE2 1 
ATOM   1105 C CE3 . TRP A 1 170 ? 6.767   5.768   -4.985  1.00 22.57  ? 170 TRP A CE3 1 
ATOM   1106 C CZ2 . TRP A 1 170 ? 7.130   8.517   -4.443  1.00 22.34  ? 170 TRP A CZ2 1 
ATOM   1107 C CZ3 . TRP A 1 170 ? 7.102   6.210   -3.715  1.00 22.14  ? 170 TRP A CZ3 1 
ATOM   1108 C CH2 . TRP A 1 170 ? 7.289   7.573   -3.456  1.00 22.00  ? 170 TRP A CH2 1 
ATOM   1109 N N   . PRO A 1 171 ? 3.387   3.600   -9.621  1.00 25.47  ? 171 PRO A N   1 
ATOM   1110 C CA  . PRO A 1 171 ? 3.159   2.509   -10.566 1.00 26.88  ? 171 PRO A CA  1 
ATOM   1111 C C   . PRO A 1 171 ? 4.297   2.358   -11.587 1.00 28.60  ? 171 PRO A C   1 
ATOM   1112 O O   . PRO A 1 171 ? 4.761   3.359   -12.126 1.00 28.77  ? 171 PRO A O   1 
ATOM   1113 C CB  . PRO A 1 171 ? 1.847   2.913   -11.263 1.00 26.91  ? 171 PRO A CB  1 
ATOM   1114 C CG  . PRO A 1 171 ? 1.146   3.789   -10.289 1.00 26.54  ? 171 PRO A CG  1 
ATOM   1115 C CD  . PRO A 1 171 ? 2.237   4.526   -9.569  1.00 25.82  ? 171 PRO A CD  1 
ATOM   1116 N N   . SER A 1 172 ? 4.757   1.129   -11.814 1.00 30.23  ? 172 SER A N   1 
ATOM   1117 C CA  . SER A 1 172 ? 5.755   0.869   -12.859 1.00 34.33  ? 172 SER A CA  1 
ATOM   1118 C C   . SER A 1 172 ? 5.176   1.141   -14.242 1.00 34.19  ? 172 SER A C   1 
ATOM   1119 O O   . SER A 1 172 ? 4.172   0.586   -14.599 1.00 31.33  ? 172 SER A O   1 
ATOM   1120 C CB  . SER A 1 172 ? 6.210   -0.589  -12.800 1.00 37.13  ? 172 SER A CB  1 
ATOM   1121 O OG  . SER A 1 172 ? 7.166   -0.901  -13.795 1.00 38.14  ? 172 SER A OG  1 
ATOM   1122 N N   . LEU A 1 173 ? 5.827   1.987   -15.021 1.00 37.59  ? 173 LEU A N   1 
ATOM   1123 C CA  . LEU A 1 173 ? 5.349   2.302   -16.375 1.00 40.91  ? 173 LEU A CA  1 
ATOM   1124 C C   . LEU A 1 173 ? 5.749   1.238   -17.392 1.00 39.16  ? 173 LEU A C   1 
ATOM   1125 O O   . LEU A 1 173 ? 5.361   1.324   -18.553 1.00 40.43  ? 173 LEU A O   1 
ATOM   1126 C CB  . LEU A 1 173 ? 5.858   3.665   -16.850 1.00 44.51  ? 173 LEU A CB  1 
ATOM   1127 C CG  . LEU A 1 173 ? 5.374   4.898   -16.077 1.00 48.05  ? 173 LEU A CG  1 
ATOM   1128 C CD1 . LEU A 1 173 ? 6.292   6.076   -16.411 1.00 51.06  ? 173 LEU A CD1 1 
ATOM   1129 C CD2 . LEU A 1 173 ? 3.906   5.212   -16.358 1.00 46.08  ? 173 LEU A CD2 1 
ATOM   1130 N N   . GLU A 1 174 ? 6.543   0.263   -16.971 1.00 38.33  ? 174 GLU A N   1 
ATOM   1131 C CA  . GLU A 1 174 ? 6.790   -0.923  -17.773 1.00 39.41  ? 174 GLU A CA  1 
ATOM   1132 C C   . GLU A 1 174 ? 5.571   -1.843  -17.732 1.00 35.20  ? 174 GLU A C   1 
ATOM   1133 O O   . GLU A 1 174 ? 5.331   -2.590  -18.664 1.00 37.46  ? 174 GLU A O   1 
ATOM   1134 C CB  . GLU A 1 174 ? 8.032   -1.669  -17.278 1.00 43.26  ? 174 GLU A CB  1 
ATOM   1135 C CG  . GLU A 1 174 ? 9.343   -0.887  -17.377 1.00 46.01  ? 174 GLU A CG  1 
ATOM   1136 C CD  . GLU A 1 174 ? 10.412  -1.443  -16.426 1.00 51.92  ? 174 GLU A CD  1 
ATOM   1137 O OE1 . GLU A 1 174 ? 10.282  -2.617  -15.984 1.00 55.00  ? 174 GLU A OE1 1 
ATOM   1138 O OE2 . GLU A 1 174 ? 11.388  -0.722  -16.107 1.00 51.87  ? 174 GLU A OE2 1 
ATOM   1139 N N   . THR A 1 175 ? 4.794   -1.791  -16.665 1.00 31.26  ? 175 THR A N   1 
ATOM   1140 C CA  . THR A 1 175 ? 3.613   -2.614  -16.560 1.00 29.61  ? 175 THR A CA  1 
ATOM   1141 C C   . THR A 1 175 ? 2.372   -1.879  -17.086 1.00 28.04  ? 175 THR A C   1 
ATOM   1142 O O   . THR A 1 175 ? 1.587   -2.465  -17.837 1.00 28.75  ? 175 THR A O   1 
ATOM   1143 C CB  . THR A 1 175 ? 3.444   -3.128  -15.106 1.00 29.75  ? 175 THR A CB  1 
ATOM   1144 O OG1 . THR A 1 175 ? 4.631   -3.835  -14.723 1.00 28.85  ? 175 THR A OG1 1 
ATOM   1145 C CG2 . THR A 1 175 ? 2.268   -4.089  -14.995 1.00 30.33  ? 175 THR A CG2 1 
ATOM   1146 N N   . PHE A 1 176 ? 2.188   -0.616  -16.712 1.00 27.29  ? 176 PHE A N   1 
ATOM   1147 C CA  . PHE A 1 176 ? 0.937   0.111   -17.038 1.00 27.89  ? 176 PHE A CA  1 
ATOM   1148 C C   . PHE A 1 176 ? 1.096   1.060   -18.216 1.00 28.25  ? 176 PHE A C   1 
ATOM   1149 O O   . PHE A 1 176 ? 2.055   1.838   -18.298 1.00 27.27  ? 176 PHE A O   1 
ATOM   1150 C CB  . PHE A 1 176 ? 0.355   0.842   -15.805 1.00 26.79  ? 176 PHE A CB  1 
ATOM   1151 C CG  . PHE A 1 176 ? 0.080   -0.081  -14.661 1.00 26.91  ? 176 PHE A CG  1 
ATOM   1152 C CD1 . PHE A 1 176 ? -1.129  -0.779  -14.577 1.00 27.41  ? 176 PHE A CD1 1 
ATOM   1153 C CD2 . PHE A 1 176 ? 1.067   -0.340  -13.706 1.00 27.62  ? 176 PHE A CD2 1 
ATOM   1154 C CE1 . PHE A 1 176 ? -1.363  -1.690  -13.543 1.00 26.93  ? 176 PHE A CE1 1 
ATOM   1155 C CE2 . PHE A 1 176 ? 0.844   -1.248  -12.670 1.00 27.31  ? 176 PHE A CE2 1 
ATOM   1156 C CZ  . PHE A 1 176 ? -0.380  -1.916  -12.585 1.00 27.43  ? 176 PHE A CZ  1 
ATOM   1157 N N   . THR A 1 177 ? 0.132   0.978   -19.116 1.00 29.89  ? 177 THR A N   1 
ATOM   1158 C CA  . THR A 1 177 ? 0.104   1.816   -20.295 1.00 32.44  ? 177 THR A CA  1 
ATOM   1159 C C   . THR A 1 177 ? -1.261  2.345   -20.548 1.00 29.87  ? 177 THR A C   1 
ATOM   1160 O O   . THR A 1 177 ? -2.249  1.782   -20.087 1.00 28.98  ? 177 THR A O   1 
ATOM   1161 C CB  . THR A 1 177 ? 0.470   1.016   -21.562 1.00 38.54  ? 177 THR A CB  1 
ATOM   1162 O OG1 . THR A 1 177 ? 0.322   -0.404  -21.325 1.00 42.40  ? 177 THR A OG1 1 
ATOM   1163 C CG2 . THR A 1 177 ? 1.878   1.351   -21.979 1.00 39.70  ? 177 THR A CG2 1 
ATOM   1164 N N   . ASN A 1 178 ? -1.303  3.391   -21.363 1.00 28.56  ? 178 ASN A N   1 
ATOM   1165 C CA  . ASN A 1 178 ? -2.535  3.927   -21.887 1.00 28.97  ? 178 ASN A CA  1 
ATOM   1166 C C   . ASN A 1 178 ? -3.153  4.769   -20.782 1.00 30.19  ? 178 ASN A C   1 
ATOM   1167 O O   . ASN A 1 178 ? -2.940  5.982   -20.750 1.00 32.77  ? 178 ASN A O   1 
ATOM   1168 C CB  . ASN A 1 178 ? -3.454  2.814   -22.430 1.00 29.19  ? 178 ASN A CB  1 
ATOM   1169 C CG  . ASN A 1 178 ? -4.792  3.328   -22.875 1.00 29.96  ? 178 ASN A CG  1 
ATOM   1170 O OD1 . ASN A 1 178 ? -4.877  4.331   -23.565 1.00 30.44  ? 178 ASN A OD1 1 
ATOM   1171 N ND2 . ASN A 1 178 ? -5.852  2.625   -22.510 1.00 32.10  ? 178 ASN A ND2 1 
ATOM   1172 N N   . VAL A 1 179 ? -3.871  4.147   -19.855 1.00 29.94  ? 179 VAL A N   1 
ATOM   1173 C CA  . VAL A 1 179 ? -4.410  4.875   -18.726 1.00 29.41  ? 179 VAL A CA  1 
ATOM   1174 C C   . VAL A 1 179 ? -3.354  4.751   -17.657 1.00 30.00  ? 179 VAL A C   1 
ATOM   1175 O O   . VAL A 1 179 ? -3.256  3.721   -17.005 1.00 31.09  ? 179 VAL A O   1 
ATOM   1176 C CB  . VAL A 1 179 ? -5.758  4.307   -18.280 1.00 29.10  ? 179 VAL A CB  1 
ATOM   1177 C CG1 . VAL A 1 179 ? -6.193  4.912   -16.956 1.00 29.00  ? 179 VAL A CG1 1 
ATOM   1178 C CG2 . VAL A 1 179 ? -6.801  4.567   -19.363 1.00 28.77  ? 179 VAL A CG2 1 
ATOM   1179 N N   . THR A 1 180 ? -2.540  5.794   -17.530 1.00 31.18  ? 180 THR A N   1 
ATOM   1180 C CA  . THR A 1 180 ? -1.434  5.840   -16.568 1.00 30.74  ? 180 THR A CA  1 
ATOM   1181 C C   . THR A 1 180 ? -1.643  6.806   -15.418 1.00 30.68  ? 180 THR A C   1 
ATOM   1182 O O   . THR A 1 180 ? -0.802  6.894   -14.553 1.00 29.89  ? 180 THR A O   1 
ATOM   1183 C CB  . THR A 1 180 ? -0.135  6.224   -17.283 1.00 30.94  ? 180 THR A CB  1 
ATOM   1184 O OG1 . THR A 1 180 ? -0.373  7.354   -18.152 1.00 31.42  ? 180 THR A OG1 1 
ATOM   1185 C CG2 . THR A 1 180 ? 0.351   5.027   -18.084 1.00 30.76  ? 180 THR A CG2 1 
ATOM   1186 N N   . GLU A 1 181 ? -2.763  7.513   -15.388 1.00 31.84  ? 181 GLU A N   1 
ATOM   1187 C CA  . GLU A 1 181 ? -2.981  8.539   -14.402 1.00 33.79  ? 181 GLU A CA  1 
ATOM   1188 C C   . GLU A 1 181 ? -4.210  8.197   -13.607 1.00 32.45  ? 181 GLU A C   1 
ATOM   1189 O O   . GLU A 1 181 ? -5.212  7.768   -14.178 1.00 32.96  ? 181 GLU A O   1 
ATOM   1190 C CB  . GLU A 1 181 ? -3.147  9.880   -15.092 1.00 38.28  ? 181 GLU A CB  1 
ATOM   1191 C CG  . GLU A 1 181 ? -1.829  10.517  -15.485 1.00 42.45  ? 181 GLU A CG  1 
ATOM   1192 C CD  . GLU A 1 181 ? -2.026  11.970  -15.828 1.00 47.82  ? 181 GLU A CD  1 
ATOM   1193 O OE1 . GLU A 1 181 ? -2.309  12.247  -17.007 1.00 51.00  ? 181 GLU A OE1 1 
ATOM   1194 O OE2 . GLU A 1 181 ? -1.950  12.819  -14.905 1.00 53.32  ? 181 GLU A OE2 1 
ATOM   1195 N N   . PHE A 1 182 ? -4.136  8.389   -12.291 1.00 29.49  ? 182 PHE A N   1 
ATOM   1196 C CA  . PHE A 1 182 ? -5.253  8.052   -11.435 1.00 27.84  ? 182 PHE A CA  1 
ATOM   1197 C C   . PHE A 1 182 ? -6.383  9.059   -11.628 1.00 28.96  ? 182 PHE A C   1 
ATOM   1198 O O   . PHE A 1 182 ? -6.123  10.263  -11.764 1.00 28.02  ? 182 PHE A O   1 
ATOM   1199 C CB  . PHE A 1 182 ? -4.807  8.023   -9.986  1.00 25.28  ? 182 PHE A CB  1 
ATOM   1200 C CG  . PHE A 1 182 ? -3.852  6.916   -9.675  1.00 22.95  ? 182 PHE A CG  1 
ATOM   1201 C CD1 . PHE A 1 182 ? -4.318  5.621   -9.488  1.00 22.45  ? 182 PHE A CD1 1 
ATOM   1202 C CD2 . PHE A 1 182 ? -2.502  7.157   -9.550  1.00 21.52  ? 182 PHE A CD2 1 
ATOM   1203 C CE1 . PHE A 1 182 ? -3.440  4.586   -9.181  1.00 21.87  ? 182 PHE A CE1 1 
ATOM   1204 C CE2 . PHE A 1 182 ? -1.619  6.134   -9.243  1.00 21.35  ? 182 PHE A CE2 1 
ATOM   1205 C CZ  . PHE A 1 182 ? -2.081  4.842   -9.058  1.00 21.22  ? 182 PHE A CZ  1 
ATOM   1206 N N   . GLU A 1 183 ? -7.618  8.554   -11.655 1.00 29.04  ? 183 GLU A N   1 
ATOM   1207 C CA  . GLU A 1 183 ? -8.807  9.381   -11.705 1.00 30.69  ? 183 GLU A CA  1 
ATOM   1208 C C   . GLU A 1 183 ? -9.443  9.491   -10.332 1.00 30.14  ? 183 GLU A C   1 
ATOM   1209 O O   . GLU A 1 183 ? -9.828  8.484   -9.724  1.00 30.31  ? 183 GLU A O   1 
ATOM   1210 C CB  . GLU A 1 183 ? -9.831  8.790   -12.642 1.00 34.00  ? 183 GLU A CB  1 
ATOM   1211 C CG  . GLU A 1 183 ? -9.647  9.137   -14.104 1.00 36.10  ? 183 GLU A CG  1 
ATOM   1212 C CD  . GLU A 1 183 ? -10.858 8.709   -14.904 1.00 38.74  ? 183 GLU A CD  1 
ATOM   1213 O OE1 . GLU A 1 183 ? -10.699 7.897   -15.850 1.00 41.33  ? 183 GLU A OE1 1 
ATOM   1214 O OE2 . GLU A 1 183 ? -11.976 9.166   -14.547 1.00 39.80  ? 183 GLU A OE2 1 
ATOM   1215 N N   . TYR A 1 184 ? -9.585  10.723  -9.861  1.00 29.14  ? 184 TYR A N   1 
ATOM   1216 C CA  . TYR A 1 184 ? -10.122 10.972  -8.532  1.00 28.15  ? 184 TYR A CA  1 
ATOM   1217 C C   . TYR A 1 184 ? -11.482 10.290  -8.296  1.00 29.46  ? 184 TYR A C   1 
ATOM   1218 O O   . TYR A 1 184 ? -11.706 9.671   -7.253  1.00 30.00  ? 184 TYR A O   1 
ATOM   1219 C CB  . TYR A 1 184 ? -10.265 12.463  -8.343  1.00 26.68  ? 184 TYR A CB  1 
ATOM   1220 C CG  . TYR A 1 184 ? -10.899 12.849  -7.060  1.00 25.52  ? 184 TYR A CG  1 
ATOM   1221 C CD1 . TYR A 1 184 ? -12.273 12.892  -6.943  1.00 25.59  ? 184 TYR A CD1 1 
ATOM   1222 C CD2 . TYR A 1 184 ? -10.121 13.188  -5.957  1.00 26.07  ? 184 TYR A CD2 1 
ATOM   1223 C CE1 . TYR A 1 184 ? -12.870 13.251  -5.754  1.00 26.55  ? 184 TYR A CE1 1 
ATOM   1224 C CE2 . TYR A 1 184 ? -10.692 13.564  -4.750  1.00 27.20  ? 184 TYR A CE2 1 
ATOM   1225 C CZ  . TYR A 1 184 ? -12.069 13.597  -4.643  1.00 27.61  ? 184 TYR A CZ  1 
ATOM   1226 O OH  . TYR A 1 184 ? -12.626 13.958  -3.438  1.00 26.71  ? 184 TYR A OH  1 
ATOM   1227 N N   . GLU A 1 185 ? -12.367 10.401  -9.279  1.00 29.38  ? 185 GLU A N   1 
ATOM   1228 C CA  . GLU A 1 185 ? -13.745 9.909   -9.141  1.00 30.30  ? 185 GLU A CA  1 
ATOM   1229 C C   . GLU A 1 185 ? -13.800 8.401   -9.126  1.00 27.47  ? 185 GLU A C   1 
ATOM   1230 O O   . GLU A 1 185 ? -14.744 7.850   -8.599  1.00 27.71  ? 185 GLU A O   1 
ATOM   1231 C CB  . GLU A 1 185 ? -14.739 10.440  -10.208 1.00 34.71  ? 185 GLU A CB  1 
ATOM   1232 C CG  . GLU A 1 185 ? -14.148 10.970  -11.514 1.00 39.87  ? 185 GLU A CG  1 
ATOM   1233 C CD  . GLU A 1 185 ? -13.421 12.325  -11.333 1.00 45.92  ? 185 GLU A CD  1 
ATOM   1234 O OE1 . GLU A 1 185 ? -12.343 12.512  -11.973 1.00 48.25  ? 185 GLU A OE1 1 
ATOM   1235 O OE2 . GLU A 1 185 ? -13.893 13.177  -10.516 1.00 45.22  ? 185 GLU A OE2 1 
ATOM   1236 N N   . ILE A 1 186 ? -12.820 7.717   -9.704  1.00 25.21  ? 186 ILE A N   1 
ATOM   1237 C CA  . ILE A 1 186 ? -12.807 6.249   -9.612  1.00 24.09  ? 186 ILE A CA  1 
ATOM   1238 C C   . ILE A 1 186 ? -12.424 5.793   -8.195  1.00 23.25  ? 186 ILE A C   1 
ATOM   1239 O O   . ILE A 1 186 ? -12.987 4.833   -7.667  1.00 24.04  ? 186 ILE A O   1 
ATOM   1240 C CB  . ILE A 1 186 ? -11.897 5.580   -10.665 1.00 23.59  ? 186 ILE A CB  1 
ATOM   1241 C CG1 . ILE A 1 186 ? -12.374 5.923   -12.095 1.00 22.34  ? 186 ILE A CG1 1 
ATOM   1242 C CG2 . ILE A 1 186 ? -11.894 4.063   -10.444 1.00 23.85  ? 186 ILE A CG2 1 
ATOM   1243 C CD1 . ILE A 1 186 ? -11.425 5.496   -13.202 1.00 21.95  ? 186 ILE A CD1 1 
ATOM   1244 N N   . LEU A 1 187 ? -11.478 6.486   -7.577  1.00 22.34  ? 187 LEU A N   1 
ATOM   1245 C CA  . LEU A 1 187 ? -11.130 6.191   -6.191  1.00 21.79  ? 187 LEU A CA  1 
ATOM   1246 C C   . LEU A 1 187 ? -12.242 6.615   -5.279  1.00 21.52  ? 187 LEU A C   1 
ATOM   1247 O O   . LEU A 1 187 ? -12.576 5.915   -4.335  1.00 21.39  ? 187 LEU A O   1 
ATOM   1248 C CB  . LEU A 1 187 ? -9.846  6.903   -5.750  1.00 21.40  ? 187 LEU A CB  1 
ATOM   1249 C CG  . LEU A 1 187 ? -8.574  6.592   -6.525  1.00 21.32  ? 187 LEU A CG  1 
ATOM   1250 C CD1 . LEU A 1 187 ? -7.415  7.254   -5.822  1.00 21.81  ? 187 LEU A CD1 1 
ATOM   1251 C CD2 . LEU A 1 187 ? -8.317  5.107   -6.644  1.00 21.22  ? 187 LEU A CD2 1 
ATOM   1252 N N   . ALA A 1 188 ? -12.805 7.780   -5.566  1.00 21.97  ? 188 ALA A N   1 
ATOM   1253 C CA  . ALA A 1 188 ? -13.797 8.367   -4.704  1.00 21.61  ? 188 ALA A CA  1 
ATOM   1254 C C   . ALA A 1 188 ? -14.941 7.394   -4.574  1.00 22.42  ? 188 ALA A C   1 
ATOM   1255 O O   . ALA A 1 188 ? -15.402 7.146   -3.466  1.00 23.47  ? 188 ALA A O   1 
ATOM   1256 C CB  . ALA A 1 188 ? -14.264 9.694   -5.261  1.00 21.11  ? 188 ALA A CB  1 
ATOM   1257 N N   . LYS A 1 189 ? -15.364 6.818   -5.706  1.00 23.13  ? 189 LYS A N   1 
ATOM   1258 C CA  . LYS A 1 189 ? -16.478 5.862   -5.741  1.00 22.73  ? 189 LYS A CA  1 
ATOM   1259 C C   . LYS A 1 189 ? -16.187 4.591   -4.944  1.00 22.58  ? 189 LYS A C   1 
ATOM   1260 O O   . LYS A 1 189 ? -16.973 4.192   -4.107  1.00 22.44  ? 189 LYS A O   1 
ATOM   1261 C CB  . LYS A 1 189 ? -16.826 5.479   -7.165  1.00 22.37  ? 189 LYS A CB  1 
ATOM   1262 C CG  . LYS A 1 189 ? -17.844 4.351   -7.244  1.00 22.77  ? 189 LYS A CG  1 
ATOM   1263 C CD  . LYS A 1 189 ? -18.034 3.865   -8.681  1.00 23.43  ? 189 LYS A CD  1 
ATOM   1264 C CE  . LYS A 1 189 ? -19.287 3.006   -8.854  1.00 23.29  ? 189 LYS A CE  1 
ATOM   1265 N NZ  . LYS A 1 189 ? -19.086 1.576   -8.508  1.00 22.82  ? 189 LYS A NZ  1 
ATOM   1266 N N   . ARG A 1 190 ? -15.074 3.942   -5.225  1.00 22.54  ? 190 ARG A N   1 
ATOM   1267 C CA  . ARG A 1 190 ? -14.703 2.758   -4.450  1.00 22.48  ? 190 ARG A CA  1 
ATOM   1268 C C   . ARG A 1 190 ? -14.495 2.979   -2.941  1.00 21.86  ? 190 ARG A C   1 
ATOM   1269 O O   . ARG A 1 190 ? -14.808 2.136   -2.143  1.00 20.96  ? 190 ARG A O   1 
ATOM   1270 C CB  . ARG A 1 190 ? -13.453 2.136   -5.034  1.00 22.76  ? 190 ARG A CB  1 
ATOM   1271 C CG  . ARG A 1 190 ? -13.088 0.780   -4.449  1.00 23.33  ? 190 ARG A CG  1 
ATOM   1272 C CD  . ARG A 1 190 ? -14.202 -0.232  -4.664  1.00 24.05  ? 190 ARG A CD  1 
ATOM   1273 N NE  . ARG A 1 190 ? -14.016 -1.489  -3.927  1.00 25.57  ? 190 ARG A NE  1 
ATOM   1274 C CZ  . ARG A 1 190 ? -15.003 -2.306  -3.509  1.00 25.88  ? 190 ARG A CZ  1 
ATOM   1275 N NH1 . ARG A 1 190 ? -16.285 -2.037  -3.742  1.00 26.02  ? 190 ARG A NH1 1 
ATOM   1276 N NH2 . ARG A 1 190 ? -14.706 -3.412  -2.830  1.00 26.37  ? 190 ARG A NH2 1 
ATOM   1277 N N   . LEU A 1 191 ? -13.962 4.127   -2.566  1.00 23.27  ? 191 LEU A N   1 
ATOM   1278 C CA  . LEU A 1 191 ? -13.728 4.458   -1.161  1.00 22.69  ? 191 LEU A CA  1 
ATOM   1279 C C   . LEU A 1 191 ? -15.034 4.748   -0.444  1.00 22.19  ? 191 LEU A C   1 
ATOM   1280 O O   . LEU A 1 191 ? -15.188 4.404   0.714   1.00 21.97  ? 191 LEU A O   1 
ATOM   1281 C CB  . LEU A 1 191 ? -12.753 5.648   -1.049  1.00 22.90  ? 191 LEU A CB  1 
ATOM   1282 C CG  . LEU A 1 191 ? -11.315 5.405   -1.595  1.00 23.00  ? 191 LEU A CG  1 
ATOM   1283 C CD1 . LEU A 1 191 ? -10.428 6.657   -1.457  1.00 23.14  ? 191 LEU A CD1 1 
ATOM   1284 C CD2 . LEU A 1 191 ? -10.646 4.197   -0.943  1.00 22.78  ? 191 LEU A CD2 1 
ATOM   1285 N N   . ARG A 1 192 ? -15.975 5.368   -1.142  1.00 22.16  ? 192 ARG A N   1 
ATOM   1286 C CA  . ARG A 1 192 ? -17.335 5.561   -0.612  1.00 22.94  ? 192 ARG A CA  1 
ATOM   1287 C C   . ARG A 1 192 ? -17.985 4.217   -0.313  1.00 22.28  ? 192 ARG A C   1 
ATOM   1288 O O   . ARG A 1 192 ? -18.589 4.029   0.728   1.00 20.39  ? 192 ARG A O   1 
ATOM   1289 C CB  . ARG A 1 192 ? -18.217 6.339   -1.611  1.00 23.41  ? 192 ARG A CB  1 
ATOM   1290 C CG  . ARG A 1 192 ? -19.314 7.173   -0.965  1.00 24.19  ? 192 ARG A CG  1 
ATOM   1291 C CD  . ARG A 1 192 ? -20.241 7.930   -1.930  1.00 25.27  ? 192 ARG A CD  1 
ATOM   1292 N NE  . ARG A 1 192 ? -19.795 7.957   -3.332  1.00 27.43  ? 192 ARG A NE  1 
ATOM   1293 C CZ  . ARG A 1 192 ? -19.002 8.872   -3.911  1.00 29.83  ? 192 ARG A CZ  1 
ATOM   1294 N NH1 . ARG A 1 192 ? -18.498 9.897   -3.235  1.00 30.96  ? 192 ARG A NH1 1 
ATOM   1295 N NH2 . ARG A 1 192 ? -18.691 8.760   -5.203  1.00 32.11  ? 192 ARG A NH2 1 
ATOM   1296 N N   . GLU A 1 193 ? -17.858 3.305   -1.267  1.00 23.46  ? 193 GLU A N   1 
ATOM   1297 C CA  . GLU A 1 193 ? -18.382 1.939   -1.154  1.00 24.90  ? 193 GLU A CA  1 
ATOM   1298 C C   . GLU A 1 193 ? -17.792 1.154   0.026   1.00 25.96  ? 193 GLU A C   1 
ATOM   1299 O O   . GLU A 1 193 ? -18.498 0.440   0.767   1.00 25.53  ? 193 GLU A O   1 
ATOM   1300 C CB  . GLU A 1 193 ? -18.098 1.182   -2.448  1.00 24.40  ? 193 GLU A CB  1 
ATOM   1301 C CG  . GLU A 1 193 ? -18.966 1.609   -3.623  1.00 24.46  ? 193 GLU A CG  1 
ATOM   1302 C CD  . GLU A 1 193 ? -18.525 0.992   -4.949  1.00 24.57  ? 193 GLU A CD  1 
ATOM   1303 O OE1 . GLU A 1 193 ? -19.276 1.143   -5.923  1.00 25.00  ? 193 GLU A OE1 1 
ATOM   1304 O OE2 . GLU A 1 193 ? -17.441 0.364   -5.048  1.00 24.15  ? 193 GLU A OE2 1 
ATOM   1305 N N   . LEU A 1 194 ? -16.484 1.283   0.173   1.00 26.79  ? 194 LEU A N   1 
ATOM   1306 C CA  . LEU A 1 194 ? -15.780 0.604   1.228   1.00 27.37  ? 194 LEU A CA  1 
ATOM   1307 C C   . LEU A 1 194 ? -16.128 1.172   2.586   1.00 29.00  ? 194 LEU A C   1 
ATOM   1308 O O   . LEU A 1 194 ? -15.994 0.480   3.583   1.00 28.10  ? 194 LEU A O   1 
ATOM   1309 C CB  . LEU A 1 194 ? -14.277 0.693   1.001   1.00 26.81  ? 194 LEU A CB  1 
ATOM   1310 C CG  . LEU A 1 194 ? -13.716 -0.272  -0.038  1.00 25.95  ? 194 LEU A CG  1 
ATOM   1311 C CD1 . LEU A 1 194 ? -12.219 -0.017  -0.245  1.00 25.61  ? 194 LEU A CD1 1 
ATOM   1312 C CD2 . LEU A 1 194 ? -13.984 -1.705  0.392   1.00 26.13  ? 194 LEU A CD2 1 
ATOM   1313 N N   . SER A 1 195 ? -16.554 2.430   2.637   1.00 31.53  ? 195 SER A N   1 
ATOM   1314 C CA  . SER A 1 195 ? -16.961 3.033   3.917   1.00 33.67  ? 195 SER A CA  1 
ATOM   1315 C C   . SER A 1 195 ? -18.367 2.589   4.304   1.00 32.17  ? 195 SER A C   1 
ATOM   1316 O O   . SER A 1 195 ? -18.709 2.523   5.473   1.00 32.43  ? 195 SER A O   1 
ATOM   1317 C CB  . SER A 1 195 ? -16.876 4.557   3.855   1.00 35.38  ? 195 SER A CB  1 
ATOM   1318 O OG  . SER A 1 195 ? -18.062 5.131   3.336   1.00 38.67  ? 195 SER A OG  1 
ATOM   1319 N N   . PHE A 1 196 ? -19.169 2.302   3.296   1.00 31.81  ? 196 PHE A N   1 
ATOM   1320 C CA  . PHE A 1 196 ? -20.502 1.754   3.477   1.00 33.70  ? 196 PHE A CA  1 
ATOM   1321 C C   . PHE A 1 196 ? -20.449 0.286   3.942   1.00 32.89  ? 196 PHE A C   1 
ATOM   1322 O O   . PHE A 1 196 ? -21.219 -0.120  4.809   1.00 31.70  ? 196 PHE A O   1 
ATOM   1323 C CB  . PHE A 1 196 ? -21.294 1.937   2.165   1.00 34.75  ? 196 PHE A CB  1 
ATOM   1324 C CG  . PHE A 1 196 ? -22.554 1.134   2.083   1.00 38.03  ? 196 PHE A CG  1 
ATOM   1325 C CD1 . PHE A 1 196 ? -22.533 -0.178  1.615   1.00 39.31  ? 196 PHE A CD1 1 
ATOM   1326 C CD2 . PHE A 1 196 ? -23.774 1.691   2.437   1.00 40.20  ? 196 PHE A CD2 1 
ATOM   1327 C CE1 . PHE A 1 196 ? -23.702 -0.929  1.525   1.00 39.13  ? 196 PHE A CE1 1 
ATOM   1328 C CE2 . PHE A 1 196 ? -24.949 0.949   2.341   1.00 40.40  ? 196 PHE A CE2 1 
ATOM   1329 C CZ  . PHE A 1 196 ? -24.912 -0.364  1.891   1.00 40.28  ? 196 PHE A CZ  1 
ATOM   1330 N N   . LEU A 1 197 ? -19.550 -0.499  3.346   1.00 33.55  ? 197 LEU A N   1 
ATOM   1331 C CA  . LEU A 1 197 ? -19.385 -1.901  3.701   1.00 32.07  ? 197 LEU A CA  1 
ATOM   1332 C C   . LEU A 1 197 ? -18.753 -2.104  5.042   1.00 32.36  ? 197 LEU A C   1 
ATOM   1333 O O   . LEU A 1 197 ? -18.962 -3.154  5.629   1.00 33.38  ? 197 LEU A O   1 
ATOM   1334 C CB  . LEU A 1 197 ? -18.499 -2.611  2.696   1.00 32.69  ? 197 LEU A CB  1 
ATOM   1335 C CG  . LEU A 1 197 ? -19.144 -2.948  1.373   1.00 34.24  ? 197 LEU A CG  1 
ATOM   1336 C CD1 . LEU A 1 197 ? -18.067 -3.442  0.417   1.00 35.06  ? 197 LEU A CD1 1 
ATOM   1337 C CD2 . LEU A 1 197 ? -20.242 -3.991  1.551   1.00 34.55  ? 197 LEU A CD2 1 
ATOM   1338 N N   . ASN A 1 198 ? -17.943 -1.150  5.506   1.00 32.80  ? 198 ASN A N   1 
ATOM   1339 C CA  . ASN A 1 198 ? -17.238 -1.283  6.796   1.00 33.80  ? 198 ASN A CA  1 
ATOM   1340 C C   . ASN A 1 198 ? -17.677 -0.122  7.700   1.00 34.65  ? 198 ASN A C   1 
ATOM   1341 O O   . ASN A 1 198 ? -17.007 0.879   7.865   1.00 31.67  ? 198 ASN A O   1 
ATOM   1342 C CB  . ASN A 1 198 ? -15.711 -1.373  6.615   1.00 32.82  ? 198 ASN A CB  1 
ATOM   1343 C CG  . ASN A 1 198 ? -15.291 -2.443  5.599   1.00 34.81  ? 198 ASN A CG  1 
ATOM   1344 O OD1 . ASN A 1 198 ? -15.019 -2.147  4.420   1.00 34.47  ? 198 ASN A OD1 1 
ATOM   1345 N ND2 . ASN A 1 198 ? -15.232 -3.694  6.047   1.00 36.45  ? 198 ASN A ND2 1 
ATOM   1346 N N   . SER A 1 199 ? -18.860 -0.283  8.273   1.00 38.70  ? 199 SER A N   1 
ATOM   1347 C CA  . SER A 1 199 ? -19.458 0.758   9.084   1.00 41.89  ? 199 SER A CA  1 
ATOM   1348 C C   . SER A 1 199 ? -18.473 1.172   10.150  1.00 41.02  ? 199 SER A C   1 
ATOM   1349 O O   . SER A 1 199 ? -17.806 0.321   10.745  1.00 45.60  ? 199 SER A O   1 
ATOM   1350 C CB  . SER A 1 199 ? -20.758 0.266   9.735   1.00 44.61  ? 199 SER A CB  1 
ATOM   1351 O OG  . SER A 1 199 ? -21.503 1.365   10.214  1.00 47.86  ? 199 SER A OG  1 
ATOM   1352 N N   . GLY A 1 200 ? -18.342 2.471   10.356  1.00 38.03  ? 200 GLY A N   1 
ATOM   1353 C CA  . GLY A 1 200 ? -17.450 2.951   11.388  1.00 39.49  ? 200 GLY A CA  1 
ATOM   1354 C C   . GLY A 1 200 ? -16.106 3.497   10.954  1.00 39.47  ? 200 GLY A C   1 
ATOM   1355 O O   . GLY A 1 200 ? -15.600 4.410   11.611  1.00 39.68  ? 200 GLY A O   1 
ATOM   1356 N N   . VAL A 1 201 ? -15.514 2.967   9.877   1.00 39.93  ? 201 VAL A N   1 
ATOM   1357 C CA  . VAL A 1 201 ? -14.278 3.578   9.332   1.00 39.01  ? 201 VAL A CA  1 
ATOM   1358 C C   . VAL A 1 201 ? -14.488 4.898   8.607   1.00 37.26  ? 201 VAL A C   1 
ATOM   1359 O O   . VAL A 1 201 ? -15.499 5.148   7.941   1.00 36.65  ? 201 VAL A O   1 
ATOM   1360 C CB  . VAL A 1 201 ? -13.420 2.719   8.379   1.00 40.40  ? 201 VAL A CB  1 
ATOM   1361 C CG1 . VAL A 1 201 ? -12.386 1.966   9.155   1.00 42.32  ? 201 VAL A CG1 1 
ATOM   1362 C CG2 . VAL A 1 201 ? -14.216 1.781   7.522   1.00 42.23  ? 201 VAL A CG2 1 
ATOM   1363 N N   . SER A 1 202 ? -13.463 5.720   8.751   1.00 34.92  ? 202 SER A N   1 
ATOM   1364 C CA  . SER A 1 202 ? -13.427 7.036   8.205   1.00 33.88  ? 202 SER A CA  1 
ATOM   1365 C C   . SER A 1 202 ? -12.269 7.042   7.233   1.00 33.34  ? 202 SER A C   1 
ATOM   1366 O O   . SER A 1 202 ? -11.176 6.550   7.536   1.00 35.20  ? 202 SER A O   1 
ATOM   1367 C CB  . SER A 1 202 ? -13.206 8.047   9.308   1.00 33.88  ? 202 SER A CB  1 
ATOM   1368 O OG  . SER A 1 202 ? -13.397 9.349   8.821   1.00 33.12  ? 202 SER A OG  1 
ATOM   1369 N N   . ILE A 1 203 ? -12.540 7.576   6.051   1.00 30.99  ? 203 ILE A N   1 
ATOM   1370 C CA  . ILE A 1 203 ? -11.607 7.573   4.948   1.00 29.81  ? 203 ILE A CA  1 
ATOM   1371 C C   . ILE A 1 203 ? -11.591 8.959   4.341   1.00 29.54  ? 203 ILE A C   1 
ATOM   1372 O O   . ILE A 1 203 ? -12.639 9.551   4.075   1.00 29.60  ? 203 ILE A O   1 
ATOM   1373 C CB  . ILE A 1 203 ? -12.022 6.557   3.869   1.00 30.35  ? 203 ILE A CB  1 
ATOM   1374 C CG1 . ILE A 1 203 ? -12.248 5.178   4.506   1.00 30.50  ? 203 ILE A CG1 1 
ATOM   1375 C CG2 . ILE A 1 203 ? -10.977 6.504   2.756   1.00 31.23  ? 203 ILE A CG2 1 
ATOM   1376 C CD1 . ILE A 1 203 ? -12.373 4.036   3.522   1.00 30.79  ? 203 ILE A CD1 1 
ATOM   1377 N N   . ARG A 1 204 ? -10.396 9.454   4.090   1.00 29.97  ? 204 ARG A N   1 
ATOM   1378 C CA  . ARG A 1 204 ? -10.217 10.743  3.474   1.00 31.29  ? 204 ARG A CA  1 
ATOM   1379 C C   . ARG A 1 204 ? -9.585  10.517  2.124   1.00 30.23  ? 204 ARG A C   1 
ATOM   1380 O O   . ARG A 1 204 ? -8.662  9.747   2.011   1.00 31.06  ? 204 ARG A O   1 
ATOM   1381 C CB  . ARG A 1 204 ? -9.274  11.556  4.334   1.00 34.78  ? 204 ARG A CB  1 
ATOM   1382 C CG  . ARG A 1 204 ? -8.781  12.847  3.714   1.00 37.71  ? 204 ARG A CG  1 
ATOM   1383 C CD  . ARG A 1 204 ? -9.755  13.996  3.938   1.00 41.42  ? 204 ARG A CD  1 
ATOM   1384 N NE  . ARG A 1 204 ? -9.920  14.350  5.356   1.00 43.25  ? 204 ARG A NE  1 
ATOM   1385 C CZ  . ARG A 1 204 ? -10.790 15.251  5.825   1.00 42.84  ? 204 ARG A CZ  1 
ATOM   1386 N NH1 . ARG A 1 204 ? -11.604 15.937  5.012   1.00 41.25  ? 204 ARG A NH1 1 
ATOM   1387 N NH2 . ARG A 1 204 ? -10.836 15.485  7.132   1.00 43.28  ? 204 ARG A NH2 1 
ATOM   1388 N N   . LEU A 1 205 ? -10.050 11.221  1.112   1.00 27.67  ? 205 LEU A N   1 
ATOM   1389 C CA  . LEU A 1 205 ? -9.388  11.227  -0.169  1.00 27.21  ? 205 LEU A CA  1 
ATOM   1390 C C   . LEU A 1 205 ? -8.970  12.659  -0.476  1.00 28.81  ? 205 LEU A C   1 
ATOM   1391 O O   . LEU A 1 205 ? -9.796  13.558  -0.426  1.00 29.68  ? 205 LEU A O   1 
ATOM   1392 C CB  . LEU A 1 205 ? -10.329 10.685  -1.226  1.00 26.46  ? 205 LEU A CB  1 
ATOM   1393 C CG  . LEU A 1 205 ? -9.906  10.731  -2.683  1.00 25.28  ? 205 LEU A CG  1 
ATOM   1394 C CD1 . LEU A 1 205 ? -8.649  9.911   -2.894  1.00 25.46  ? 205 LEU A CD1 1 
ATOM   1395 C CD2 . LEU A 1 205 ? -11.058 10.224  -3.534  1.00 25.61  ? 205 LEU A CD2 1 
ATOM   1396 N N   . ARG A 1 206 ? -7.687  12.877  -0.755  1.00 30.38  ? 206 ARG A N   1 
ATOM   1397 C CA  . ARG A 1 206 ? -7.165  14.200  -1.095  1.00 30.94  ? 206 ARG A CA  1 
ATOM   1398 C C   . ARG A 1 206 ? -6.387  14.072  -2.388  1.00 30.78  ? 206 ARG A C   1 
ATOM   1399 O O   . ARG A 1 206 ? -5.598  13.128  -2.574  1.00 29.83  ? 206 ARG A O   1 
ATOM   1400 C CB  . ARG A 1 206 ? -6.273  14.752  0.019   1.00 32.37  ? 206 ARG A CB  1 
ATOM   1401 C CG  . ARG A 1 206 ? -6.133  16.285  0.058   1.00 35.40  ? 206 ARG A CG  1 
ATOM   1402 C CD  . ARG A 1 206 ? -5.497  16.834  1.342   1.00 37.97  ? 206 ARG A CD  1 
ATOM   1403 N NE  . ARG A 1 206 ? -5.654  15.954  2.521   1.00 39.68  ? 206 ARG A NE  1 
ATOM   1404 C CZ  . ARG A 1 206 ? -6.410  16.197  3.593   1.00 40.12  ? 206 ARG A CZ  1 
ATOM   1405 N NH1 . ARG A 1 206 ? -7.113  17.305  3.724   1.00 41.88  ? 206 ARG A NH1 1 
ATOM   1406 N NH2 . ARG A 1 206 ? -6.445  15.317  4.570   1.00 42.13  ? 206 ARG A NH2 1 
ATOM   1407 N N   . ASP A 1 207 ? -6.639  15.019  -3.284  1.00 30.49  ? 207 ASP A N   1 
ATOM   1408 C CA  . ASP A 1 207 ? -5.967  15.083  -4.554  1.00 29.90  ? 207 ASP A CA  1 
ATOM   1409 C C   . ASP A 1 207 ? -5.049  16.261  -4.440  1.00 29.47  ? 207 ASP A C   1 
ATOM   1410 O O   . ASP A 1 207 ? -5.524  17.393  -4.468  1.00 32.04  ? 207 ASP A O   1 
ATOM   1411 C CB  . ASP A 1 207 ? -6.984  15.279  -5.673  1.00 29.92  ? 207 ASP A CB  1 
ATOM   1412 C CG  . ASP A 1 207 ? -6.393  15.077  -7.053  1.00 29.79  ? 207 ASP A CG  1 
ATOM   1413 O OD1 . ASP A 1 207 ? -5.250  15.509  -7.293  1.00 31.18  ? 207 ASP A OD1 1 
ATOM   1414 O OD2 . ASP A 1 207 ? -7.068  14.495  -7.914  1.00 29.35  ? 207 ASP A OD2 1 
ATOM   1415 N N   . LYS A 1 208 ? -3.745  15.993  -4.321  1.00 28.22  ? 208 LYS A N   1 
ATOM   1416 C CA  . LYS A 1 208 ? -2.736  17.051  -4.271  1.00 28.29  ? 208 LYS A CA  1 
ATOM   1417 C C   . LYS A 1 208 ? -2.642  17.829  -5.569  1.00 27.08  ? 208 LYS A C   1 
ATOM   1418 O O   . LYS A 1 208 ? -2.145  18.926  -5.555  1.00 27.96  ? 208 LYS A O   1 
ATOM   1419 C CB  . LYS A 1 208 ? -1.339  16.513  -3.926  1.00 28.83  ? 208 LYS A CB  1 
ATOM   1420 C CG  . LYS A 1 208 ? -1.212  15.893  -2.547  1.00 30.10  ? 208 LYS A CG  1 
ATOM   1421 C CD  . LYS A 1 208 ? -1.045  16.946  -1.460  1.00 32.31  ? 208 LYS A CD  1 
ATOM   1422 C CE  . LYS A 1 208 ? -1.540  16.428  -0.105  1.00 34.68  ? 208 LYS A CE  1 
ATOM   1423 N NZ  . LYS A 1 208 ? -1.491  17.413  1.009   1.00 34.48  ? 208 LYS A NZ  1 
ATOM   1424 N N   . ARG A 1 209 ? -3.107  17.282  -6.682  1.00 27.25  ? 209 ARG A N   1 
ATOM   1425 C CA  . ARG A 1 209 ? -3.006  17.980  -7.959  1.00 27.83  ? 209 ARG A CA  1 
ATOM   1426 C C   . ARG A 1 209 ? -3.851  19.279  -8.027  1.00 28.29  ? 209 ARG A C   1 
ATOM   1427 O O   . ARG A 1 209 ? -3.397  20.298  -8.567  1.00 27.79  ? 209 ARG A O   1 
ATOM   1428 C CB  . ARG A 1 209 ? -3.353  17.039  -9.123  1.00 28.17  ? 209 ARG A CB  1 
ATOM   1429 C CG  . ARG A 1 209 ? -2.456  15.808  -9.271  1.00 28.63  ? 209 ARG A CG  1 
ATOM   1430 C CD  . ARG A 1 209 ? -3.010  14.798  -10.272 1.00 29.35  ? 209 ARG A CD  1 
ATOM   1431 N NE  . ARG A 1 209 ? -4.275  14.183  -9.825  1.00 30.57  ? 209 ARG A NE  1 
ATOM   1432 C CZ  . ARG A 1 209 ? -4.905  13.175  -10.440 1.00 30.28  ? 209 ARG A CZ  1 
ATOM   1433 N NH1 . ARG A 1 209 ? -6.047  12.706  -9.956  1.00 29.58  ? 209 ARG A NH1 1 
ATOM   1434 N NH2 . ARG A 1 209 ? -4.409  12.627  -11.539 1.00 32.76  ? 209 ARG A NH2 1 
ATOM   1435 N N   . ASP A 1 210 ? -5.063  19.250  -7.494  1.00 27.63  ? 210 ASP A N   1 
ATOM   1436 C CA  . ASP A 1 210 ? -5.937  20.423  -7.570  1.00 29.47  ? 210 ASP A CA  1 
ATOM   1437 C C   . ASP A 1 210 ? -6.607  20.812  -6.237  1.00 30.13  ? 210 ASP A C   1 
ATOM   1438 O O   . ASP A 1 210 ? -7.411  21.749  -6.183  1.00 28.76  ? 210 ASP A O   1 
ATOM   1439 C CB  . ASP A 1 210 ? -7.007  20.150  -8.605  1.00 30.53  ? 210 ASP A CB  1 
ATOM   1440 C CG  . ASP A 1 210 ? -7.951  19.045  -8.171  1.00 32.16  ? 210 ASP A CG  1 
ATOM   1441 O OD1 . ASP A 1 210 ? -7.609  18.310  -7.202  1.00 34.24  ? 210 ASP A OD1 1 
ATOM   1442 O OD2 . ASP A 1 210 ? -9.031  18.918  -8.791  1.00 31.67  ? 210 ASP A OD2 1 
ATOM   1443 N N   . GLY A 1 211 ? -6.284  20.079  -5.175  1.00 30.55  ? 211 GLY A N   1 
ATOM   1444 C CA  . GLY A 1 211 ? -6.776  20.383  -3.861  1.00 30.01  ? 211 GLY A CA  1 
ATOM   1445 C C   . GLY A 1 211 ? -8.101  19.773  -3.464  1.00 31.84  ? 211 GLY A C   1 
ATOM   1446 O O   . GLY A 1 211 ? -8.510  20.002  -2.327  1.00 35.36  ? 211 GLY A O   1 
ATOM   1447 N N   . LYS A 1 212 ? -8.797  19.018  -4.330  1.00 32.21  ? 212 LYS A N   1 
ATOM   1448 C CA  . LYS A 1 212 ? -10.123 18.496  -3.909  1.00 33.08  ? 212 LYS A CA  1 
ATOM   1449 C C   . LYS A 1 212 ? -10.001 17.385  -2.885  1.00 33.85  ? 212 LYS A C   1 
ATOM   1450 O O   . LYS A 1 212 ? -9.071  16.581  -2.924  1.00 34.87  ? 212 LYS A O   1 
ATOM   1451 C CB  . LYS A 1 212 ? -11.111 18.149  -5.043  1.00 32.54  ? 212 LYS A CB  1 
ATOM   1452 C CG  . LYS A 1 212 ? -10.748 17.039  -5.981  1.00 33.59  ? 212 LYS A CG  1 
ATOM   1453 C CD  . LYS A 1 212 ? -11.700 17.020  -7.187  1.00 35.92  ? 212 LYS A CD  1 
ATOM   1454 C CE  . LYS A 1 212 ? -11.275 16.110  -8.381  1.00 35.93  ? 212 LYS A CE  1 
ATOM   1455 N NZ  . LYS A 1 212 ? -9.830  16.136  -8.810  1.00 34.63  ? 212 LYS A NZ  1 
ATOM   1456 N N   . GLU A 1 213 ? -10.925 17.428  -1.931  1.00 32.40  ? 213 GLU A N   1 
ATOM   1457 C CA  . GLU A 1 213 ? -10.963 16.512  -0.821  1.00 30.75  ? 213 GLU A CA  1 
ATOM   1458 C C   . GLU A 1 213 ? -12.328 15.932  -0.725  1.00 29.34  ? 213 GLU A C   1 
ATOM   1459 O O   . GLU A 1 213 ? -13.276 16.533  -1.191  1.00 27.29  ? 213 GLU A O   1 
ATOM   1460 C CB  . GLU A 1 213 ? -10.736 17.238  0.474   1.00 30.67  ? 213 GLU A CB  1 
ATOM   1461 C CG  . GLU A 1 213 ? -9.339  17.719  0.660   1.00 31.54  ? 213 GLU A CG  1 
ATOM   1462 C CD  . GLU A 1 213 ? -9.188  18.570  1.903   1.00 32.18  ? 213 GLU A CD  1 
ATOM   1463 O OE1 . GLU A 1 213 ? -8.317  19.470  1.888   1.00 33.59  ? 213 GLU A OE1 1 
ATOM   1464 O OE2 . GLU A 1 213 ? -9.906  18.319  2.906   1.00 31.66  ? 213 GLU A OE2 1 
ATOM   1465 N N   . ASP A 1 214 ? -12.418 14.789  -0.064  1.00 30.14  ? 214 ASP A N   1 
ATOM   1466 C CA  . ASP A 1 214 ? -13.686 14.218  0.295   1.00 31.96  ? 214 ASP A CA  1 
ATOM   1467 C C   . ASP A 1 214 ? -13.535 13.314  1.502   1.00 29.18  ? 214 ASP A C   1 
ATOM   1468 O O   . ASP A 1 214 ? -12.437 12.944  1.855   1.00 27.43  ? 214 ASP A O   1 
ATOM   1469 C CB  . ASP A 1 214 ? -14.271 13.453  -0.887  1.00 36.48  ? 214 ASP A CB  1 
ATOM   1470 C CG  . ASP A 1 214 ? -15.720 13.760  -1.095  1.00 40.35  ? 214 ASP A CG  1 
ATOM   1471 O OD1 . ASP A 1 214 ? -16.477 13.725  -0.081  1.00 46.92  ? 214 ASP A OD1 1 
ATOM   1472 O OD2 . ASP A 1 214 ? -16.077 14.088  -2.250  1.00 41.43  ? 214 ASP A OD2 1 
ATOM   1473 N N   . HIS A 1 215 ? -14.644 12.982  2.142   1.00 28.06  ? 215 HIS A N   1 
ATOM   1474 C CA  . HIS A 1 215 ? -14.598 12.282  3.416   1.00 28.64  ? 215 HIS A CA  1 
ATOM   1475 C C   . HIS A 1 215 ? -15.725 11.280  3.451   1.00 28.61  ? 215 HIS A C   1 
ATOM   1476 O O   . HIS A 1 215 ? -16.884 11.628  3.174   1.00 29.55  ? 215 HIS A O   1 
ATOM   1477 C CB  . HIS A 1 215 ? -14.696 13.275  4.591   1.00 29.49  ? 215 HIS A CB  1 
ATOM   1478 C CG  . HIS A 1 215 ? -14.823 12.618  5.938   1.00 31.30  ? 215 HIS A CG  1 
ATOM   1479 N ND1 . HIS A 1 215 ? -15.515 13.191  6.987   1.00 32.08  ? 215 HIS A ND1 1 
ATOM   1480 C CD2 . HIS A 1 215 ? -14.374 11.422  6.396   1.00 31.56  ? 215 HIS A CD2 1 
ATOM   1481 C CE1 . HIS A 1 215 ? -15.482 12.379  8.031   1.00 32.39  ? 215 HIS A CE1 1 
ATOM   1482 N NE2 . HIS A 1 215 ? -14.798 11.298  7.698   1.00 32.28  ? 215 HIS A NE2 1 
ATOM   1483 N N   . PHE A 1 216 ? -15.385 10.032  3.756   1.00 28.13  ? 216 PHE A N   1 
ATOM   1484 C CA  . PHE A 1 216 ? -16.353 8.940   3.673   1.00 29.99  ? 216 PHE A CA  1 
ATOM   1485 C C   . PHE A 1 216 ? -16.482 8.284   5.003   1.00 31.88  ? 216 PHE A C   1 
ATOM   1486 O O   . PHE A 1 216 ? -15.496 7.934   5.615   1.00 31.17  ? 216 PHE A O   1 
ATOM   1487 C CB  . PHE A 1 216 ? -15.966 7.911   2.596   1.00 28.94  ? 216 PHE A CB  1 
ATOM   1488 C CG  . PHE A 1 216 ? -15.637 8.539   1.261   1.00 27.29  ? 216 PHE A CG  1 
ATOM   1489 C CD1 . PHE A 1 216 ? -16.586 9.282   0.571   1.00 26.37  ? 216 PHE A CD1 1 
ATOM   1490 C CD2 . PHE A 1 216 ? -14.380 8.426   0.725   1.00 27.12  ? 216 PHE A CD2 1 
ATOM   1491 C CE1 . PHE A 1 216 ? -16.291 9.882   -0.639  1.00 25.97  ? 216 PHE A CE1 1 
ATOM   1492 C CE2 . PHE A 1 216 ? -14.078 9.028   -0.487  1.00 27.50  ? 216 PHE A CE2 1 
ATOM   1493 C CZ  . PHE A 1 216 ? -15.035 9.754   -1.172  1.00 26.72  ? 216 PHE A CZ  1 
ATOM   1494 N N   . HIS A 1 217 ? -17.719 8.140   5.441   1.00 37.43  ? 217 HIS A N   1 
ATOM   1495 C CA  . HIS A 1 217 ? -18.022 7.620   6.740   1.00 42.33  ? 217 HIS A CA  1 
ATOM   1496 C C   . HIS A 1 217 ? -19.504 7.371   6.744   1.00 47.35  ? 217 HIS A C   1 
ATOM   1497 O O   . HIS A 1 217 ? -20.274 8.314   6.565   1.00 47.31  ? 217 HIS A O   1 
ATOM   1498 C CB  . HIS A 1 217 ? -17.687 8.638   7.822   1.00 43.29  ? 217 HIS A CB  1 
ATOM   1499 C CG  . HIS A 1 217 ? -17.948 8.126   9.195   1.00 46.56  ? 217 HIS A CG  1 
ATOM   1500 N ND1 . HIS A 1 217 ? -17.277 7.038   9.716   1.00 47.33  ? 217 HIS A ND1 1 
ATOM   1501 C CD2 . HIS A 1 217 ? -18.832 8.519   10.142  1.00 48.69  ? 217 HIS A CD2 1 
ATOM   1502 C CE1 . HIS A 1 217 ? -17.721 6.800   10.936  1.00 47.92  ? 217 HIS A CE1 1 
ATOM   1503 N NE2 . HIS A 1 217 ? -18.667 7.680   11.217  1.00 49.85  ? 217 HIS A NE2 1 
ATOM   1504 N N   . TYR A 1 218 ? -19.894 6.109   6.904   1.00 54.17  ? 218 TYR A N   1 
ATOM   1505 C CA  . TYR A 1 218 ? -21.296 5.719   6.959   1.00 60.86  ? 218 TYR A CA  1 
ATOM   1506 C C   . TYR A 1 218 ? -21.575 5.219   8.369   1.00 67.27  ? 218 TYR A C   1 
ATOM   1507 O O   . TYR A 1 218 ? -21.383 4.032   8.659   1.00 73.84  ? 218 TYR A O   1 
ATOM   1508 C CB  . TYR A 1 218 ? -21.619 4.671   5.880   1.00 61.90  ? 218 TYR A CB  1 
ATOM   1509 C CG  . TYR A 1 218 ? -22.071 5.293   4.570   1.00 65.35  ? 218 TYR A CG  1 
ATOM   1510 C CD1 . TYR A 1 218 ? -21.149 5.704   3.601   1.00 64.39  ? 218 TYR A CD1 1 
ATOM   1511 C CD2 . TYR A 1 218 ? -23.433 5.490   4.304   1.00 72.21  ? 218 TYR A CD2 1 
ATOM   1512 C CE1 . TYR A 1 218 ? -21.561 6.297   2.410   1.00 68.49  ? 218 TYR A CE1 1 
ATOM   1513 C CE2 . TYR A 1 218 ? -23.867 6.071   3.107   1.00 73.44  ? 218 TYR A CE2 1 
ATOM   1514 C CZ  . TYR A 1 218 ? -22.931 6.477   2.157   1.00 73.46  ? 218 TYR A CZ  1 
ATOM   1515 O OH  . TYR A 1 218 ? -23.354 7.052   0.965   1.00 68.11  ? 218 TYR A OH  1 
ATOM   1516 N N   . GLU A 1 219 ? -22.003 6.150   9.231   1.00 70.97  ? 219 GLU A N   1 
ATOM   1517 C CA  . GLU A 1 219 ? -22.250 5.918   10.686  1.00 75.69  ? 219 GLU A CA  1 
ATOM   1518 C C   . GLU A 1 219 ? -22.418 4.452   11.144  1.00 73.86  ? 219 GLU A C   1 
ATOM   1519 O O   . GLU A 1 219 ? -22.857 4.175   12.270  1.00 67.17  ? 219 GLU A O   1 
ATOM   1520 C CB  . GLU A 1 219 ? -23.454 6.761   11.195  1.00 79.42  ? 219 GLU A CB  1 
ATOM   1521 C CG  . GLU A 1 219 ? -24.862 6.241   10.847  1.00 80.50  ? 219 GLU A CG  1 
ATOM   1522 C CD  . GLU A 1 219 ? -25.989 6.752   11.769  1.00 83.96  ? 219 GLU A CD  1 
ATOM   1523 O OE1 . GLU A 1 219 ? -25.754 7.116   12.956  1.00 86.86  ? 219 GLU A OE1 1 
ATOM   1524 O OE2 . GLU A 1 219 ? -27.146 6.756   11.301  1.00 78.80  ? 219 GLU A OE2 1 
HETATM 1525 C C2  . E0U B 2 .   ? -0.294  -2.084  3.546   1.00 28.23  ? 301 E0U A C2  1 
HETATM 1526 C C4  . E0U B 2 .   ? -0.481  -2.956  5.782   1.00 30.27  ? 301 E0U A C4  1 
HETATM 1527 C C6  . E0U B 2 .   ? -1.161  -0.546  5.193   1.00 27.70  ? 301 E0U A C6  1 
HETATM 1528 C C7  . E0U B 2 .   ? -0.332  -3.997  6.684   1.00 32.54  ? 301 E0U A C7  1 
HETATM 1529 C C8  . E0U B 2 .   ? -0.679  -3.804  8.022   1.00 34.64  ? 301 E0U A C8  1 
HETATM 1530 C C9  . E0U B 2 .   ? -1.208  -2.466  8.394   1.00 31.84  ? 301 E0U A C9  1 
HETATM 1531 N N11 . E0U B 2 .   ? -1.632  0.666   5.534   1.00 26.37  ? 301 E0U A N11 1 
HETATM 1532 C C14 . E0U B 2 .   ? -0.525  -4.904  9.071   1.00 38.76  ? 301 E0U A C14 1 
HETATM 1533 C C17 . E0U B 2 .   ? -0.563  -5.393  11.427  1.00 39.45  ? 301 E0U A C17 1 
HETATM 1534 C C20 . E0U B 2 .   ? -0.027  -6.792  13.784  1.00 42.11  ? 301 E0U A C20 1 
HETATM 1535 C C21 . E0U B 2 .   ? -0.121  -7.470  12.586  1.00 42.66  ? 301 E0U A C21 1 
HETATM 1536 C C22 . E0U B 2 .   ? -0.395  -6.774  11.410  1.00 40.23  ? 301 E0U A C22 1 
HETATM 1537 C C23 . E0U B 2 .   ? 0.017   -8.980  12.621  1.00 45.06  ? 301 E0U A C23 1 
HETATM 1538 O O25 . E0U B 2 .   ? -2.226  -9.702  12.153  1.00 45.92  ? 301 E0U A O25 1 
HETATM 1539 O O26 . E0U B 2 .   ? -1.646  -9.497  14.276  1.00 48.17  ? 301 E0U A O26 1 
HETATM 1540 C C24 . E0U B 2 .   ? -1.376  -9.443  13.047  1.00 47.60  ? 301 E0U A C24 1 
HETATM 1541 C C19 . E0U B 2 .   ? -0.173  -5.414  13.795  1.00 42.13  ? 301 E0U A C19 1 
HETATM 1542 C C18 . E0U B 2 .   ? -0.443  -4.718  12.625  1.00 40.60  ? 301 E0U A C18 1 
HETATM 1543 N N15 . E0U B 2 .   ? -0.734  -4.593  10.358  1.00 40.96  ? 301 E0U A N15 1 
HETATM 1544 O O16 . E0U B 2 .   ? -0.203  -6.023  8.721   1.00 39.51  ? 301 E0U A O16 1 
HETATM 1545 C C3  . E0U B 2 .   ? -0.141  -3.129  4.458   1.00 28.56  ? 301 E0U A C3  1 
HETATM 1546 O O13 . E0U B 2 .   ? -1.518  -2.249  9.572   1.00 31.10  ? 301 E0U A O13 1 
HETATM 1547 N N10 . E0U B 2 .   ? -1.340  -1.474  7.516   1.00 31.45  ? 301 E0U A N10 1 
HETATM 1548 C C5  . E0U B 2 .   ? -1.011  -1.631  6.223   1.00 30.47  ? 301 E0U A C5  1 
HETATM 1549 C C1  . E0U B 2 .   ? -0.783  -0.829  3.890   1.00 27.68  ? 301 E0U A C1  1 
HETATM 1550 C C12 . E0U B 2 .   ? -1.736  1.801   4.655   1.00 25.78  ? 301 E0U A C12 1 
HETATM 1551 O O   . HOH C 3 .   ? 7.658   -2.896  -11.043 1.00 10.88  ? 401 HOH A O   1 
HETATM 1552 O O   . HOH C 3 .   ? 2.080   -17.005 -11.876 1.00 16.29  ? 402 HOH A O   1 
HETATM 1553 O O   . HOH C 3 .   ? -1.152  -0.018  10.772  1.00 17.56  ? 403 HOH A O   1 
HETATM 1554 O O   . HOH C 3 .   ? 4.172   -15.308 -14.274 1.00 28.18  ? 404 HOH A O   1 
HETATM 1555 O O   . HOH C 3 .   ? 9.197   -4.478  -14.570 1.00 19.97  ? 405 HOH A O   1 
HETATM 1556 O O   . HOH C 3 .   ? 8.049   -1.503  -5.270  1.00 20.14  ? 406 HOH A O   1 
HETATM 1557 O O   . HOH C 3 .   ? -17.754 3.956   7.477   1.00 30.18  ? 407 HOH A O   1 
HETATM 1558 O O   . HOH C 3 .   ? 15.233  -4.311  9.947   1.00 11.09  ? 408 HOH A O   1 
HETATM 1559 O O   . HOH C 3 .   ? 5.432   -10.741 8.877   1.00 10.94  ? 409 HOH A O   1 
HETATM 1560 O O   . HOH C 3 .   ? -2.996  14.167  2.271   1.00 15.91  ? 410 HOH A O   1 
HETATM 1561 O O   . HOH C 3 .   ? -21.095 -4.982  5.374   1.00 12.20  ? 411 HOH A O   1 
HETATM 1562 O O   . HOH C 3 .   ? -4.426  -6.157  10.390  1.00 13.29  ? 412 HOH A O   1 
HETATM 1563 O O   . HOH C 3 .   ? 3.006   5.920   9.383   1.00 14.59  ? 413 HOH A O   1 
HETATM 1564 O O   . HOH C 3 .   ? -19.866 9.751   4.016   1.00 19.16  ? 414 HOH A O   1 
HETATM 1565 O O   . HOH C 3 .   ? -2.460  -6.465  6.163   1.00 26.87  ? 415 HOH A O   1 
HETATM 1566 O O   . HOH C 3 .   ? -3.817  0.428   -16.633 1.00 17.86  ? 416 HOH A O   1 
HETATM 1567 O O   . HOH C 3 .   ? 10.524  -5.917  -12.213 1.00 12.41  ? 417 HOH A O   1 
HETATM 1568 O O   . HOH C 3 .   ? -1.303  10.671  5.307   1.00 8.90   ? 418 HOH A O   1 
HETATM 1569 O O   . HOH C 3 .   ? -2.716  -0.010  -24.565 1.00 15.21  ? 419 HOH A O   1 
# 
loop_
_pdbx_poly_seq_scheme.asym_id 
_pdbx_poly_seq_scheme.entity_id 
_pdbx_poly_seq_scheme.seq_id 
_pdbx_poly_seq_scheme.mon_id 
_pdbx_poly_seq_scheme.ndb_seq_num 
_pdbx_poly_seq_scheme.pdb_seq_num 
_pdbx_poly_seq_scheme.auth_seq_num 
_pdbx_poly_seq_scheme.pdb_mon_id 
_pdbx_poly_seq_scheme.auth_mon_id 
_pdbx_poly_seq_scheme.pdb_strand_id 
_pdbx_poly_seq_scheme.pdb_ins_code 
_pdbx_poly_seq_scheme.hetero 
A 1 1   MET 1   1   ?   ?   ?   A . n 
A 1 2   SER 2   2   ?   ?   ?   A . n 
A 1 3   ASN 3   3   ?   ?   ?   A . n 
A 1 4   SER 4   4   ?   ?   ?   A . n 
A 1 5   TYR 5   5   ?   ?   ?   A . n 
A 1 6   ASP 6   6   ?   ?   ?   A . n 
A 1 7   SER 7   7   7   SER SER A . n 
A 1 8   SER 8   8   8   SER SER A . n 
A 1 9   SER 9   9   9   SER SER A . n 
A 1 10  ILE 10  10  10  ILE ILE A . n 
A 1 11  LYS 11  11  11  LYS LYS A . n 
A 1 12  VAL 12  12  12  VAL VAL A . n 
A 1 13  LEU 13  13  13  LEU LEU A . n 
A 1 14  LYS 14  14  14  LYS LYS A . n 
A 1 15  GLY 15  15  15  GLY GLY A . n 
A 1 16  LEU 16  16  16  LEU LEU A . n 
A 1 17  ASP 17  17  17  ASP ASP A . n 
A 1 18  ALA 18  18  18  ALA ALA A . n 
A 1 19  VAL 19  19  19  VAL VAL A . n 
A 1 20  ARG 20  20  20  ARG ARG A . n 
A 1 21  LYS 21  21  21  LYS LYS A . n 
A 1 22  ARG 22  22  22  ARG ARG A . n 
A 1 23  PRO 23  23  23  PRO PRO A . n 
A 1 24  GLY 24  24  24  GLY GLY A . n 
A 1 25  MET 25  25  25  MET MET A . n 
A 1 26  TYR 26  26  26  TYR TYR A . n 
A 1 27  ILE 27  27  27  ILE ILE A . n 
A 1 28  GLY 28  28  28  GLY GLY A . n 
A 1 29  ASP 29  29  29  ASP ASP A . n 
A 1 30  THR 30  30  30  THR THR A . n 
A 1 31  ASP 31  31  31  ASP ASP A . n 
A 1 32  ASP 32  32  32  ASP ASP A . n 
A 1 33  GLY 33  33  33  GLY GLY A . n 
A 1 34  THR 34  34  34  THR THR A . n 
A 1 35  GLY 35  35  35  GLY GLY A . n 
A 1 36  LEU 36  36  36  LEU LEU A . n 
A 1 37  HIS 37  37  37  HIS HIS A . n 
A 1 38  HIS 38  38  38  HIS HIS A . n 
A 1 39  MET 39  39  39  MET MET A . n 
A 1 40  VAL 40  40  40  VAL VAL A . n 
A 1 41  PHE 41  41  41  PHE PHE A . n 
A 1 42  GLU 42  42  42  GLU GLU A . n 
A 1 43  VAL 43  43  43  VAL VAL A . n 
A 1 44  VAL 44  44  44  VAL VAL A . n 
A 1 45  ASP 45  45  45  ASP ASP A . n 
A 1 46  ASN 46  46  46  ASN ASN A . n 
A 1 47  ALA 47  47  47  ALA ALA A . n 
A 1 48  ILE 48  48  48  ILE ILE A . n 
A 1 49  ASP 49  49  49  ASP ASP A . n 
A 1 50  GLU 50  50  50  GLU GLU A . n 
A 1 51  ALA 51  51  51  ALA ALA A . n 
A 1 52  LEU 52  52  52  LEU LEU A . n 
A 1 53  ALA 53  53  53  ALA ALA A . n 
A 1 54  GLY 54  54  54  GLY GLY A . n 
A 1 55  HIS 55  55  55  HIS HIS A . n 
A 1 56  CYS 56  56  56  CYS CYS A . n 
A 1 57  LYS 57  57  57  LYS LYS A . n 
A 1 58  GLU 58  58  58  GLU GLU A . n 
A 1 59  ILE 59  59  59  ILE ILE A . n 
A 1 60  ILE 60  60  60  ILE ILE A . n 
A 1 61  VAL 61  61  61  VAL VAL A . n 
A 1 62  THR 62  62  62  THR THR A . n 
A 1 63  ILE 63  63  63  ILE ILE A . n 
A 1 64  HIS 64  64  64  HIS HIS A . n 
A 1 65  ALA 65  65  65  ALA ALA A . n 
A 1 66  ASP 66  66  66  ASP ASP A . n 
A 1 67  ASN 67  67  67  ASN ASN A . n 
A 1 68  SER 68  68  68  SER SER A . n 
A 1 69  VAL 69  69  69  VAL VAL A . n 
A 1 70  SER 70  70  70  SER SER A . n 
A 1 71  VAL 71  71  71  VAL VAL A . n 
A 1 72  GLN 72  72  72  GLN GLN A . n 
A 1 73  ASP 73  73  73  ASP ASP A . n 
A 1 74  ASP 74  74  74  ASP ASP A . n 
A 1 75  GLY 75  75  75  GLY GLY A . n 
A 1 76  ARG 76  76  76  ARG ARG A . n 
A 1 77  GLY 77  77  77  GLY GLY A . n 
A 1 78  ILE 78  78  78  ILE ILE A . n 
A 1 79  PRO 79  79  79  PRO PRO A . n 
A 1 80  THR 80  80  80  THR THR A . n 
A 1 81  GLY 81  81  81  GLY GLY A . n 
A 1 82  ILE 82  82  82  ILE ILE A . n 
A 1 83  HIS 83  83  83  HIS HIS A . n 
A 1 84  PRO 84  84  84  PRO PRO A . n 
A 1 85  GLU 85  85  85  GLU GLU A . n 
A 1 86  GLU 86  86  86  GLU GLU A . n 
A 1 87  GLY 87  87  87  GLY GLY A . n 
A 1 88  VAL 88  88  88  VAL VAL A . n 
A 1 89  SER 89  89  89  SER SER A . n 
A 1 90  ALA 90  90  90  ALA ALA A . n 
A 1 91  ALA 91  91  91  ALA ALA A . n 
A 1 92  GLU 92  92  92  GLU GLU A . n 
A 1 93  VAL 93  93  93  VAL VAL A . n 
A 1 94  ILE 94  94  94  ILE ILE A . n 
A 1 95  MET 95  95  95  MET MET A . n 
A 1 96  THR 96  96  96  THR THR A . n 
A 1 97  VAL 97  97  97  VAL VAL A . n 
A 1 98  LEU 98  98  98  LEU LEU A . n 
A 1 99  HIS 99  99  99  HIS HIS A . n 
A 1 100 ALA 100 100 ?   ?   ?   A . n 
A 1 101 GLY 101 101 ?   ?   ?   A . n 
A 1 102 GLY 102 102 ?   ?   ?   A . n 
A 1 103 LYS 103 103 ?   ?   ?   A . n 
A 1 104 PHE 104 104 ?   ?   ?   A . n 
A 1 105 ASP 105 105 ?   ?   ?   A . n 
A 1 106 ASP 106 106 ?   ?   ?   A . n 
A 1 107 ASN 107 107 ?   ?   ?   A . n 
A 1 108 SER 108 108 ?   ?   ?   A . n 
A 1 109 TYR 109 109 ?   ?   ?   A . n 
A 1 110 LYS 110 110 ?   ?   ?   A . n 
A 1 111 VAL 111 111 ?   ?   ?   A . n 
A 1 112 SER 112 112 ?   ?   ?   A . n 
A 1 113 GLY 113 113 ?   ?   ?   A . n 
A 1 114 GLY 114 114 ?   ?   ?   A . n 
A 1 115 LEU 115 115 ?   ?   ?   A . n 
A 1 116 HIS 116 116 ?   ?   ?   A . n 
A 1 117 GLY 117 117 117 GLY GLY A . n 
A 1 118 VAL 118 118 118 VAL VAL A . n 
A 1 119 GLY 119 119 119 GLY GLY A . n 
A 1 120 VAL 120 120 120 VAL VAL A . n 
A 1 121 SER 121 121 121 SER SER A . n 
A 1 122 VAL 122 122 122 VAL VAL A . n 
A 1 123 VAL 123 123 123 VAL VAL A . n 
A 1 124 ASN 124 124 124 ASN ASN A . n 
A 1 125 ALA 125 125 125 ALA ALA A . n 
A 1 126 LEU 126 126 126 LEU LEU A . n 
A 1 127 SER 127 127 127 SER SER A . n 
A 1 128 GLN 128 128 128 GLN GLN A . n 
A 1 129 LYS 129 129 129 LYS LYS A . n 
A 1 130 LEU 130 130 130 LEU LEU A . n 
A 1 131 GLU 131 131 131 GLU GLU A . n 
A 1 132 LEU 132 132 132 LEU LEU A . n 
A 1 133 VAL 133 133 133 VAL VAL A . n 
A 1 134 ILE 134 134 134 ILE ILE A . n 
A 1 135 GLN 135 135 135 GLN GLN A . n 
A 1 136 ARG 136 136 136 ARG ARG A . n 
A 1 137 GLU 137 137 137 GLU GLU A . n 
A 1 138 GLY 138 138 138 GLY GLY A . n 
A 1 139 LYS 139 139 139 LYS LYS A . n 
A 1 140 ILE 140 140 140 ILE ILE A . n 
A 1 141 HIS 141 141 141 HIS HIS A . n 
A 1 142 ARG 142 142 142 ARG ARG A . n 
A 1 143 GLN 143 143 143 GLN GLN A . n 
A 1 144 ILE 144 144 144 ILE ILE A . n 
A 1 145 TYR 145 145 145 TYR TYR A . n 
A 1 146 GLU 146 146 146 GLU GLU A . n 
A 1 147 HIS 147 147 147 HIS HIS A . n 
A 1 148 GLY 148 148 148 GLY GLY A . n 
A 1 149 VAL 149 149 149 VAL VAL A . n 
A 1 150 PRO 150 150 150 PRO PRO A . n 
A 1 151 GLN 151 151 151 GLN GLN A . n 
A 1 152 ALA 152 152 152 ALA ALA A . n 
A 1 153 PRO 153 153 153 PRO PRO A . n 
A 1 154 LEU 154 154 154 LEU LEU A . n 
A 1 155 ALA 155 155 155 ALA ALA A . n 
A 1 156 VAL 156 156 156 VAL VAL A . n 
A 1 157 THR 157 157 157 THR THR A . n 
A 1 158 GLY 158 158 158 GLY GLY A . n 
A 1 159 GLU 159 159 159 GLU GLU A . n 
A 1 160 THR 160 160 160 THR THR A . n 
A 1 161 GLU 161 161 161 GLU GLU A . n 
A 1 162 LYS 162 162 162 LYS LYS A . n 
A 1 163 THR 163 163 163 THR THR A . n 
A 1 164 GLY 164 164 164 GLY GLY A . n 
A 1 165 THR 165 165 165 THR THR A . n 
A 1 166 MET 166 166 166 MET MET A . n 
A 1 167 VAL 167 167 167 VAL VAL A . n 
A 1 168 ARG 168 168 168 ARG ARG A . n 
A 1 169 PHE 169 169 169 PHE PHE A . n 
A 1 170 TRP 170 170 170 TRP TRP A . n 
A 1 171 PRO 171 171 171 PRO PRO A . n 
A 1 172 SER 172 172 172 SER SER A . n 
A 1 173 LEU 173 173 173 LEU LEU A . n 
A 1 174 GLU 174 174 174 GLU GLU A . n 
A 1 175 THR 175 175 175 THR THR A . n 
A 1 176 PHE 176 176 176 PHE PHE A . n 
A 1 177 THR 177 177 177 THR THR A . n 
A 1 178 ASN 178 178 178 ASN ASN A . n 
A 1 179 VAL 179 179 179 VAL VAL A . n 
A 1 180 THR 180 180 180 THR THR A . n 
A 1 181 GLU 181 181 181 GLU GLU A . n 
A 1 182 PHE 182 182 182 PHE PHE A . n 
A 1 183 GLU 183 183 183 GLU GLU A . n 
A 1 184 TYR 184 184 184 TYR TYR A . n 
A 1 185 GLU 185 185 185 GLU GLU A . n 
A 1 186 ILE 186 186 186 ILE ILE A . n 
A 1 187 LEU 187 187 187 LEU LEU A . n 
A 1 188 ALA 188 188 188 ALA ALA A . n 
A 1 189 LYS 189 189 189 LYS LYS A . n 
A 1 190 ARG 190 190 190 ARG ARG A . n 
A 1 191 LEU 191 191 191 LEU LEU A . n 
A 1 192 ARG 192 192 192 ARG ARG A . n 
A 1 193 GLU 193 193 193 GLU GLU A . n 
A 1 194 LEU 194 194 194 LEU LEU A . n 
A 1 195 SER 195 195 195 SER SER A . n 
A 1 196 PHE 196 196 196 PHE PHE A . n 
A 1 197 LEU 197 197 197 LEU LEU A . n 
A 1 198 ASN 198 198 198 ASN ASN A . n 
A 1 199 SER 199 199 199 SER SER A . n 
A 1 200 GLY 200 200 200 GLY GLY A . n 
A 1 201 VAL 201 201 201 VAL VAL A . n 
A 1 202 SER 202 202 202 SER SER A . n 
A 1 203 ILE 203 203 203 ILE ILE A . n 
A 1 204 ARG 204 204 204 ARG ARG A . n 
A 1 205 LEU 205 205 205 LEU LEU A . n 
A 1 206 ARG 206 206 206 ARG ARG A . n 
A 1 207 ASP 207 207 207 ASP ASP A . n 
A 1 208 LYS 208 208 208 LYS LYS A . n 
A 1 209 ARG 209 209 209 ARG ARG A . n 
A 1 210 ASP 210 210 210 ASP ASP A . n 
A 1 211 GLY 211 211 211 GLY GLY A . n 
A 1 212 LYS 212 212 212 LYS LYS A . n 
A 1 213 GLU 213 213 213 GLU GLU A . n 
A 1 214 ASP 214 214 214 ASP ASP A . n 
A 1 215 HIS 215 215 215 HIS HIS A . n 
A 1 216 PHE 216 216 216 PHE PHE A . n 
A 1 217 HIS 217 217 217 HIS HIS A . n 
A 1 218 TYR 218 218 218 TYR TYR A . n 
A 1 219 GLU 219 219 219 GLU GLU A . n 
A 1 220 GLY 220 220 ?   ?   ?   A . n 
# 
loop_
_pdbx_nonpoly_scheme.asym_id 
_pdbx_nonpoly_scheme.entity_id 
_pdbx_nonpoly_scheme.mon_id 
_pdbx_nonpoly_scheme.ndb_seq_num 
_pdbx_nonpoly_scheme.pdb_seq_num 
_pdbx_nonpoly_scheme.auth_seq_num 
_pdbx_nonpoly_scheme.pdb_mon_id 
_pdbx_nonpoly_scheme.auth_mon_id 
_pdbx_nonpoly_scheme.pdb_strand_id 
_pdbx_nonpoly_scheme.pdb_ins_code 
B 2 E0U 1  301 1219 E0U G94 A . 
C 3 HOH 1  401 5    HOH HOH A . 
C 3 HOH 2  402 7    HOH HOH A . 
C 3 HOH 3  403 12   HOH HOH A . 
C 3 HOH 4  404 14   HOH HOH A . 
C 3 HOH 5  405 10   HOH HOH A . 
C 3 HOH 6  406 13   HOH HOH A . 
C 3 HOH 7  407 19   HOH HOH A . 
C 3 HOH 8  408 15   HOH HOH A . 
C 3 HOH 9  409 8    HOH HOH A . 
C 3 HOH 10 410 4    HOH HOH A . 
C 3 HOH 11 411 9    HOH HOH A . 
C 3 HOH 12 412 16   HOH HOH A . 
C 3 HOH 13 413 3    HOH HOH A . 
C 3 HOH 14 414 1    HOH HOH A . 
C 3 HOH 15 415 6    HOH HOH A . 
C 3 HOH 16 416 2    HOH HOH A . 
C 3 HOH 17 417 11   HOH HOH A . 
C 3 HOH 18 418 18   HOH HOH A . 
C 3 HOH 19 419 17   HOH HOH A . 
# 
_pdbx_struct_assembly.id                   1 
_pdbx_struct_assembly.details              author_defined_assembly 
_pdbx_struct_assembly.method_details       ? 
_pdbx_struct_assembly.oligomeric_details   monomeric 
_pdbx_struct_assembly.oligomeric_count     1 
# 
_pdbx_struct_assembly_gen.assembly_id       1 
_pdbx_struct_assembly_gen.oper_expression   1 
_pdbx_struct_assembly_gen.asym_id_list      A,B,C 
# 
_pdbx_struct_oper_list.id                   1 
_pdbx_struct_oper_list.type                 'identity operation' 
_pdbx_struct_oper_list.name                 1_555 
_pdbx_struct_oper_list.symmetry_operation   x,y,z 
_pdbx_struct_oper_list.matrix[1][1]         1.0000000000 
_pdbx_struct_oper_list.matrix[1][2]         0.0000000000 
_pdbx_struct_oper_list.matrix[1][3]         0.0000000000 
_pdbx_struct_oper_list.vector[1]            0.0000000000 
_pdbx_struct_oper_list.matrix[2][1]         0.0000000000 
_pdbx_struct_oper_list.matrix[2][2]         1.0000000000 
_pdbx_struct_oper_list.matrix[2][3]         0.0000000000 
_pdbx_struct_oper_list.vector[2]            0.0000000000 
_pdbx_struct_oper_list.matrix[3][1]         0.0000000000 
_pdbx_struct_oper_list.matrix[3][2]         0.0000000000 
_pdbx_struct_oper_list.matrix[3][3]         1.0000000000 
_pdbx_struct_oper_list.vector[3]            0.0000000000 
# 
loop_
_pdbx_audit_revision_history.ordinal 
_pdbx_audit_revision_history.data_content_type 
_pdbx_audit_revision_history.major_revision 
_pdbx_audit_revision_history.minor_revision 
_pdbx_audit_revision_history.revision_date 
1 'Structure model' 1 0 2020-05-06 
2 'Structure model' 1 1 2020-05-27 
3 'Structure model' 1 2 2023-11-22 
# 
_pdbx_audit_revision_details.ordinal             1 
_pdbx_audit_revision_details.revision_ordinal    1 
_pdbx_audit_revision_details.data_content_type   'Structure model' 
_pdbx_audit_revision_details.provider            repository 
_pdbx_audit_revision_details.type                'Initial release' 
_pdbx_audit_revision_details.description         ? 
_pdbx_audit_revision_details.details             ? 
# 
loop_
_pdbx_audit_revision_group.ordinal 
_pdbx_audit_revision_group.revision_ordinal 
_pdbx_audit_revision_group.data_content_type 
_pdbx_audit_revision_group.group 
1 2 'Structure model' 'Database references'    
2 3 'Structure model' 'Data collection'        
3 3 'Structure model' 'Database references'    
4 3 'Structure model' 'Refinement description' 
# 
loop_
_pdbx_audit_revision_category.ordinal 
_pdbx_audit_revision_category.revision_ordinal 
_pdbx_audit_revision_category.data_content_type 
_pdbx_audit_revision_category.category 
1 2 'Structure model' citation                      
2 2 'Structure model' citation_author               
3 3 'Structure model' chem_comp_atom                
4 3 'Structure model' chem_comp_bond                
5 3 'Structure model' database_2                    
6 3 'Structure model' pdbx_initial_refinement_model 
# 
loop_
_pdbx_audit_revision_item.ordinal 
_pdbx_audit_revision_item.revision_ordinal 
_pdbx_audit_revision_item.data_content_type 
_pdbx_audit_revision_item.item 
1 2 'Structure model' '_citation.journal_volume'            
2 2 'Structure model' '_citation.page_first'                
3 2 'Structure model' '_citation.page_last'                 
4 2 'Structure model' '_citation.pdbx_database_id_PubMed'   
5 2 'Structure model' '_citation_author.identifier_ORCID'   
6 3 'Structure model' '_database_2.pdbx_DOI'                
7 3 'Structure model' '_database_2.pdbx_database_accession' 
# 
loop_
_software.citation_id 
_software.classification 
_software.compiler_name 
_software.compiler_version 
_software.contact_author 
_software.contact_author_email 
_software.date 
_software.description 
_software.dependencies 
_software.hardware 
_software.language 
_software.location 
_software.mods 
_software.name 
_software.os 
_software.os_version 
_software.type 
_software.version 
_software.pdbx_ordinal 
? refinement       ? ? ? ? ? ? ? ? ? ? ? REFMAC       ? ? ? 5.8.0158 1 
? 'data reduction' ? ? ? ? ? ? ? ? ? ? ? CrystalClear ? ? ? .        2 
? 'data scaling'   ? ? ? ? ? ? ? ? ? ? ? CrystalClear ? ? ? .        3 
? phasing          ? ? ? ? ? ? ? ? ? ? ? MOLREP       ? ? ? .        4 
# 
_pdbx_entry_details.entry_id                 6L01 
_pdbx_entry_details.has_ligand_of_interest   Y 
_pdbx_entry_details.compound_details         ? 
_pdbx_entry_details.source_details           ? 
_pdbx_entry_details.nonpolymer_details       ? 
_pdbx_entry_details.sequence_details         ? 
# 
_pdbx_validate_symm_contact.id                1 
_pdbx_validate_symm_contact.PDB_model_num     1 
_pdbx_validate_symm_contact.auth_atom_id_1    OG1 
_pdbx_validate_symm_contact.auth_asym_id_1    A 
_pdbx_validate_symm_contact.auth_comp_id_1    THR 
_pdbx_validate_symm_contact.auth_seq_id_1     177 
_pdbx_validate_symm_contact.PDB_ins_code_1    ? 
_pdbx_validate_symm_contact.label_alt_id_1    ? 
_pdbx_validate_symm_contact.site_symmetry_1   1_555 
_pdbx_validate_symm_contact.auth_atom_id_2    NH2 
_pdbx_validate_symm_contact.auth_asym_id_2    A 
_pdbx_validate_symm_contact.auth_comp_id_2    ARG 
_pdbx_validate_symm_contact.auth_seq_id_2     204 
_pdbx_validate_symm_contact.PDB_ins_code_2    ? 
_pdbx_validate_symm_contact.label_alt_id_2    ? 
_pdbx_validate_symm_contact.site_symmetry_2   2_455 
_pdbx_validate_symm_contact.dist              2.15 
# 
loop_
_pdbx_validate_torsion.id 
_pdbx_validate_torsion.PDB_model_num 
_pdbx_validate_torsion.auth_comp_id 
_pdbx_validate_torsion.auth_asym_id 
_pdbx_validate_torsion.auth_seq_id 
_pdbx_validate_torsion.PDB_ins_code 
_pdbx_validate_torsion.label_alt_id 
_pdbx_validate_torsion.phi 
_pdbx_validate_torsion.psi 
1 1 PRO A 84  ? ? -68.61  37.71  
2 1 GLU A 85  ? ? -99.70  -62.05 
3 1 SER A 89  ? ? -37.45  138.84 
4 1 ASN A 178 ? ? 78.94   -83.11 
5 1 HIS A 217 ? ? -169.35 117.25 
# 
_pdbx_validate_peptide_omega.id               1 
_pdbx_validate_peptide_omega.PDB_model_num    1 
_pdbx_validate_peptide_omega.auth_comp_id_1   HIS 
_pdbx_validate_peptide_omega.auth_asym_id_1   A 
_pdbx_validate_peptide_omega.auth_seq_id_1    83 
_pdbx_validate_peptide_omega.PDB_ins_code_1   ? 
_pdbx_validate_peptide_omega.label_alt_id_1   ? 
_pdbx_validate_peptide_omega.auth_comp_id_2   PRO 
_pdbx_validate_peptide_omega.auth_asym_id_2   A 
_pdbx_validate_peptide_omega.auth_seq_id_2    84 
_pdbx_validate_peptide_omega.PDB_ins_code_2   ? 
_pdbx_validate_peptide_omega.label_alt_id_2   ? 
_pdbx_validate_peptide_omega.omega            -149.14 
# 
loop_
_pdbx_unobs_or_zero_occ_residues.id 
_pdbx_unobs_or_zero_occ_residues.PDB_model_num 
_pdbx_unobs_or_zero_occ_residues.polymer_flag 
_pdbx_unobs_or_zero_occ_residues.occupancy_flag 
_pdbx_unobs_or_zero_occ_residues.auth_asym_id 
_pdbx_unobs_or_zero_occ_residues.auth_comp_id 
_pdbx_unobs_or_zero_occ_residues.auth_seq_id 
_pdbx_unobs_or_zero_occ_residues.PDB_ins_code 
_pdbx_unobs_or_zero_occ_residues.label_asym_id 
_pdbx_unobs_or_zero_occ_residues.label_comp_id 
_pdbx_unobs_or_zero_occ_residues.label_seq_id 
1  1 Y 1 A MET 1   ? A MET 1   
2  1 Y 1 A SER 2   ? A SER 2   
3  1 Y 1 A ASN 3   ? A ASN 3   
4  1 Y 1 A SER 4   ? A SER 4   
5  1 Y 1 A TYR 5   ? A TYR 5   
6  1 Y 1 A ASP 6   ? A ASP 6   
7  1 Y 1 A ALA 100 ? A ALA 100 
8  1 Y 1 A GLY 101 ? A GLY 101 
9  1 Y 1 A GLY 102 ? A GLY 102 
10 1 Y 1 A LYS 103 ? A LYS 103 
11 1 Y 1 A PHE 104 ? A PHE 104 
12 1 Y 1 A ASP 105 ? A ASP 105 
13 1 Y 1 A ASP 106 ? A ASP 106 
14 1 Y 1 A ASN 107 ? A ASN 107 
15 1 Y 1 A SER 108 ? A SER 108 
16 1 Y 1 A TYR 109 ? A TYR 109 
17 1 Y 1 A LYS 110 ? A LYS 110 
18 1 Y 1 A VAL 111 ? A VAL 111 
19 1 Y 1 A SER 112 ? A SER 112 
20 1 Y 1 A GLY 113 ? A GLY 113 
21 1 Y 1 A GLY 114 ? A GLY 114 
22 1 Y 1 A LEU 115 ? A LEU 115 
23 1 Y 1 A HIS 116 ? A HIS 116 
24 1 Y 1 A GLY 220 ? A GLY 220 
# 
loop_
_chem_comp_atom.comp_id 
_chem_comp_atom.atom_id 
_chem_comp_atom.type_symbol 
_chem_comp_atom.pdbx_aromatic_flag 
_chem_comp_atom.pdbx_stereo_config 
_chem_comp_atom.pdbx_ordinal 
ALA N    N N N 1   
ALA CA   C N S 2   
ALA C    C N N 3   
ALA O    O N N 4   
ALA CB   C N N 5   
ALA OXT  O N N 6   
ALA H    H N N 7   
ALA H2   H N N 8   
ALA HA   H N N 9   
ALA HB1  H N N 10  
ALA HB2  H N N 11  
ALA HB3  H N N 12  
ALA HXT  H N N 13  
ARG N    N N N 14  
ARG CA   C N S 15  
ARG C    C N N 16  
ARG O    O N N 17  
ARG CB   C N N 18  
ARG CG   C N N 19  
ARG CD   C N N 20  
ARG NE   N N N 21  
ARG CZ   C N N 22  
ARG NH1  N N N 23  
ARG NH2  N N N 24  
ARG OXT  O N N 25  
ARG H    H N N 26  
ARG H2   H N N 27  
ARG HA   H N N 28  
ARG HB2  H N N 29  
ARG HB3  H N N 30  
ARG HG2  H N N 31  
ARG HG3  H N N 32  
ARG HD2  H N N 33  
ARG HD3  H N N 34  
ARG HE   H N N 35  
ARG HH11 H N N 36  
ARG HH12 H N N 37  
ARG HH21 H N N 38  
ARG HH22 H N N 39  
ARG HXT  H N N 40  
ASN N    N N N 41  
ASN CA   C N S 42  
ASN C    C N N 43  
ASN O    O N N 44  
ASN CB   C N N 45  
ASN CG   C N N 46  
ASN OD1  O N N 47  
ASN ND2  N N N 48  
ASN OXT  O N N 49  
ASN H    H N N 50  
ASN H2   H N N 51  
ASN HA   H N N 52  
ASN HB2  H N N 53  
ASN HB3  H N N 54  
ASN HD21 H N N 55  
ASN HD22 H N N 56  
ASN HXT  H N N 57  
ASP N    N N N 58  
ASP CA   C N S 59  
ASP C    C N N 60  
ASP O    O N N 61  
ASP CB   C N N 62  
ASP CG   C N N 63  
ASP OD1  O N N 64  
ASP OD2  O N N 65  
ASP OXT  O N N 66  
ASP H    H N N 67  
ASP H2   H N N 68  
ASP HA   H N N 69  
ASP HB2  H N N 70  
ASP HB3  H N N 71  
ASP HD2  H N N 72  
ASP HXT  H N N 73  
CYS N    N N N 74  
CYS CA   C N R 75  
CYS C    C N N 76  
CYS O    O N N 77  
CYS CB   C N N 78  
CYS SG   S N N 79  
CYS OXT  O N N 80  
CYS H    H N N 81  
CYS H2   H N N 82  
CYS HA   H N N 83  
CYS HB2  H N N 84  
CYS HB3  H N N 85  
CYS HG   H N N 86  
CYS HXT  H N N 87  
E0U C2   C Y N 88  
E0U C4   C Y N 89  
E0U C6   C Y N 90  
E0U C7   C N N 91  
E0U C8   C N N 92  
E0U C9   C N N 93  
E0U N11  N N N 94  
E0U C14  C N N 95  
E0U C17  C Y N 96  
E0U C20  C Y N 97  
E0U C21  C Y N 98  
E0U C22  C Y N 99  
E0U C23  C N N 100 
E0U O25  O N N 101 
E0U O26  O N N 102 
E0U C24  C N N 103 
E0U C19  C Y N 104 
E0U C18  C Y N 105 
E0U N15  N N N 106 
E0U O16  O N N 107 
E0U C3   C Y N 108 
E0U O13  O N N 109 
E0U N10  N N N 110 
E0U C5   C Y N 111 
E0U C1   C Y N 112 
E0U C12  C N N 113 
E0U H1   H N N 114 
E0U H2   H N N 115 
E0U H3   H N N 116 
E0U H4   H N N 117 
E0U H5   H N N 118 
E0U H6   H N N 119 
E0U H7   H N N 120 
E0U H8   H N N 121 
E0U H9   H N N 122 
E0U H10  H N N 123 
E0U H11  H N N 124 
E0U H12  H N N 125 
E0U H13  H N N 126 
E0U H14  H N N 127 
E0U H15  H N N 128 
E0U H16  H N N 129 
E0U H17  H N N 130 
GLN N    N N N 131 
GLN CA   C N S 132 
GLN C    C N N 133 
GLN O    O N N 134 
GLN CB   C N N 135 
GLN CG   C N N 136 
GLN CD   C N N 137 
GLN OE1  O N N 138 
GLN NE2  N N N 139 
GLN OXT  O N N 140 
GLN H    H N N 141 
GLN H2   H N N 142 
GLN HA   H N N 143 
GLN HB2  H N N 144 
GLN HB3  H N N 145 
GLN HG2  H N N 146 
GLN HG3  H N N 147 
GLN HE21 H N N 148 
GLN HE22 H N N 149 
GLN HXT  H N N 150 
GLU N    N N N 151 
GLU CA   C N S 152 
GLU C    C N N 153 
GLU O    O N N 154 
GLU CB   C N N 155 
GLU CG   C N N 156 
GLU CD   C N N 157 
GLU OE1  O N N 158 
GLU OE2  O N N 159 
GLU OXT  O N N 160 
GLU H    H N N 161 
GLU H2   H N N 162 
GLU HA   H N N 163 
GLU HB2  H N N 164 
GLU HB3  H N N 165 
GLU HG2  H N N 166 
GLU HG3  H N N 167 
GLU HE2  H N N 168 
GLU HXT  H N N 169 
GLY N    N N N 170 
GLY CA   C N N 171 
GLY C    C N N 172 
GLY O    O N N 173 
GLY OXT  O N N 174 
GLY H    H N N 175 
GLY H2   H N N 176 
GLY HA2  H N N 177 
GLY HA3  H N N 178 
GLY HXT  H N N 179 
HIS N    N N N 180 
HIS CA   C N S 181 
HIS C    C N N 182 
HIS O    O N N 183 
HIS CB   C N N 184 
HIS CG   C Y N 185 
HIS ND1  N Y N 186 
HIS CD2  C Y N 187 
HIS CE1  C Y N 188 
HIS NE2  N Y N 189 
HIS OXT  O N N 190 
HIS H    H N N 191 
HIS H2   H N N 192 
HIS HA   H N N 193 
HIS HB2  H N N 194 
HIS HB3  H N N 195 
HIS HD1  H N N 196 
HIS HD2  H N N 197 
HIS HE1  H N N 198 
HIS HE2  H N N 199 
HIS HXT  H N N 200 
HOH O    O N N 201 
HOH H1   H N N 202 
HOH H2   H N N 203 
ILE N    N N N 204 
ILE CA   C N S 205 
ILE C    C N N 206 
ILE O    O N N 207 
ILE CB   C N S 208 
ILE CG1  C N N 209 
ILE CG2  C N N 210 
ILE CD1  C N N 211 
ILE OXT  O N N 212 
ILE H    H N N 213 
ILE H2   H N N 214 
ILE HA   H N N 215 
ILE HB   H N N 216 
ILE HG12 H N N 217 
ILE HG13 H N N 218 
ILE HG21 H N N 219 
ILE HG22 H N N 220 
ILE HG23 H N N 221 
ILE HD11 H N N 222 
ILE HD12 H N N 223 
ILE HD13 H N N 224 
ILE HXT  H N N 225 
LEU N    N N N 226 
LEU CA   C N S 227 
LEU C    C N N 228 
LEU O    O N N 229 
LEU CB   C N N 230 
LEU CG   C N N 231 
LEU CD1  C N N 232 
LEU CD2  C N N 233 
LEU OXT  O N N 234 
LEU H    H N N 235 
LEU H2   H N N 236 
LEU HA   H N N 237 
LEU HB2  H N N 238 
LEU HB3  H N N 239 
LEU HG   H N N 240 
LEU HD11 H N N 241 
LEU HD12 H N N 242 
LEU HD13 H N N 243 
LEU HD21 H N N 244 
LEU HD22 H N N 245 
LEU HD23 H N N 246 
LEU HXT  H N N 247 
LYS N    N N N 248 
LYS CA   C N S 249 
LYS C    C N N 250 
LYS O    O N N 251 
LYS CB   C N N 252 
LYS CG   C N N 253 
LYS CD   C N N 254 
LYS CE   C N N 255 
LYS NZ   N N N 256 
LYS OXT  O N N 257 
LYS H    H N N 258 
LYS H2   H N N 259 
LYS HA   H N N 260 
LYS HB2  H N N 261 
LYS HB3  H N N 262 
LYS HG2  H N N 263 
LYS HG3  H N N 264 
LYS HD2  H N N 265 
LYS HD3  H N N 266 
LYS HE2  H N N 267 
LYS HE3  H N N 268 
LYS HZ1  H N N 269 
LYS HZ2  H N N 270 
LYS HZ3  H N N 271 
LYS HXT  H N N 272 
MET N    N N N 273 
MET CA   C N S 274 
MET C    C N N 275 
MET O    O N N 276 
MET CB   C N N 277 
MET CG   C N N 278 
MET SD   S N N 279 
MET CE   C N N 280 
MET OXT  O N N 281 
MET H    H N N 282 
MET H2   H N N 283 
MET HA   H N N 284 
MET HB2  H N N 285 
MET HB3  H N N 286 
MET HG2  H N N 287 
MET HG3  H N N 288 
MET HE1  H N N 289 
MET HE2  H N N 290 
MET HE3  H N N 291 
MET HXT  H N N 292 
PHE N    N N N 293 
PHE CA   C N S 294 
PHE C    C N N 295 
PHE O    O N N 296 
PHE CB   C N N 297 
PHE CG   C Y N 298 
PHE CD1  C Y N 299 
PHE CD2  C Y N 300 
PHE CE1  C Y N 301 
PHE CE2  C Y N 302 
PHE CZ   C Y N 303 
PHE OXT  O N N 304 
PHE H    H N N 305 
PHE H2   H N N 306 
PHE HA   H N N 307 
PHE HB2  H N N 308 
PHE HB3  H N N 309 
PHE HD1  H N N 310 
PHE HD2  H N N 311 
PHE HE1  H N N 312 
PHE HE2  H N N 313 
PHE HZ   H N N 314 
PHE HXT  H N N 315 
PRO N    N N N 316 
PRO CA   C N S 317 
PRO C    C N N 318 
PRO O    O N N 319 
PRO CB   C N N 320 
PRO CG   C N N 321 
PRO CD   C N N 322 
PRO OXT  O N N 323 
PRO H    H N N 324 
PRO HA   H N N 325 
PRO HB2  H N N 326 
PRO HB3  H N N 327 
PRO HG2  H N N 328 
PRO HG3  H N N 329 
PRO HD2  H N N 330 
PRO HD3  H N N 331 
PRO HXT  H N N 332 
SER N    N N N 333 
SER CA   C N S 334 
SER C    C N N 335 
SER O    O N N 336 
SER CB   C N N 337 
SER OG   O N N 338 
SER OXT  O N N 339 
SER H    H N N 340 
SER H2   H N N 341 
SER HA   H N N 342 
SER HB2  H N N 343 
SER HB3  H N N 344 
SER HG   H N N 345 
SER HXT  H N N 346 
THR N    N N N 347 
THR CA   C N S 348 
THR C    C N N 349 
THR O    O N N 350 
THR CB   C N R 351 
THR OG1  O N N 352 
THR CG2  C N N 353 
THR OXT  O N N 354 
THR H    H N N 355 
THR H2   H N N 356 
THR HA   H N N 357 
THR HB   H N N 358 
THR HG1  H N N 359 
THR HG21 H N N 360 
THR HG22 H N N 361 
THR HG23 H N N 362 
THR HXT  H N N 363 
TRP N    N N N 364 
TRP CA   C N S 365 
TRP C    C N N 366 
TRP O    O N N 367 
TRP CB   C N N 368 
TRP CG   C Y N 369 
TRP CD1  C Y N 370 
TRP CD2  C Y N 371 
TRP NE1  N Y N 372 
TRP CE2  C Y N 373 
TRP CE3  C Y N 374 
TRP CZ2  C Y N 375 
TRP CZ3  C Y N 376 
TRP CH2  C Y N 377 
TRP OXT  O N N 378 
TRP H    H N N 379 
TRP H2   H N N 380 
TRP HA   H N N 381 
TRP HB2  H N N 382 
TRP HB3  H N N 383 
TRP HD1  H N N 384 
TRP HE1  H N N 385 
TRP HE3  H N N 386 
TRP HZ2  H N N 387 
TRP HZ3  H N N 388 
TRP HH2  H N N 389 
TRP HXT  H N N 390 
TYR N    N N N 391 
TYR CA   C N S 392 
TYR C    C N N 393 
TYR O    O N N 394 
TYR CB   C N N 395 
TYR CG   C Y N 396 
TYR CD1  C Y N 397 
TYR CD2  C Y N 398 
TYR CE1  C Y N 399 
TYR CE2  C Y N 400 
TYR CZ   C Y N 401 
TYR OH   O N N 402 
TYR OXT  O N N 403 
TYR H    H N N 404 
TYR H2   H N N 405 
TYR HA   H N N 406 
TYR HB2  H N N 407 
TYR HB3  H N N 408 
TYR HD1  H N N 409 
TYR HD2  H N N 410 
TYR HE1  H N N 411 
TYR HE2  H N N 412 
TYR HH   H N N 413 
TYR HXT  H N N 414 
VAL N    N N N 415 
VAL CA   C N S 416 
VAL C    C N N 417 
VAL O    O N N 418 
VAL CB   C N N 419 
VAL CG1  C N N 420 
VAL CG2  C N N 421 
VAL OXT  O N N 422 
VAL H    H N N 423 
VAL H2   H N N 424 
VAL HA   H N N 425 
VAL HB   H N N 426 
VAL HG11 H N N 427 
VAL HG12 H N N 428 
VAL HG13 H N N 429 
VAL HG21 H N N 430 
VAL HG22 H N N 431 
VAL HG23 H N N 432 
VAL HXT  H N N 433 
# 
loop_
_chem_comp_bond.comp_id 
_chem_comp_bond.atom_id_1 
_chem_comp_bond.atom_id_2 
_chem_comp_bond.value_order 
_chem_comp_bond.pdbx_aromatic_flag 
_chem_comp_bond.pdbx_stereo_config 
_chem_comp_bond.pdbx_ordinal 
ALA N   CA   sing N N 1   
ALA N   H    sing N N 2   
ALA N   H2   sing N N 3   
ALA CA  C    sing N N 4   
ALA CA  CB   sing N N 5   
ALA CA  HA   sing N N 6   
ALA C   O    doub N N 7   
ALA C   OXT  sing N N 8   
ALA CB  HB1  sing N N 9   
ALA CB  HB2  sing N N 10  
ALA CB  HB3  sing N N 11  
ALA OXT HXT  sing N N 12  
ARG N   CA   sing N N 13  
ARG N   H    sing N N 14  
ARG N   H2   sing N N 15  
ARG CA  C    sing N N 16  
ARG CA  CB   sing N N 17  
ARG CA  HA   sing N N 18  
ARG C   O    doub N N 19  
ARG C   OXT  sing N N 20  
ARG CB  CG   sing N N 21  
ARG CB  HB2  sing N N 22  
ARG CB  HB3  sing N N 23  
ARG CG  CD   sing N N 24  
ARG CG  HG2  sing N N 25  
ARG CG  HG3  sing N N 26  
ARG CD  NE   sing N N 27  
ARG CD  HD2  sing N N 28  
ARG CD  HD3  sing N N 29  
ARG NE  CZ   sing N N 30  
ARG NE  HE   sing N N 31  
ARG CZ  NH1  sing N N 32  
ARG CZ  NH2  doub N N 33  
ARG NH1 HH11 sing N N 34  
ARG NH1 HH12 sing N N 35  
ARG NH2 HH21 sing N N 36  
ARG NH2 HH22 sing N N 37  
ARG OXT HXT  sing N N 38  
ASN N   CA   sing N N 39  
ASN N   H    sing N N 40  
ASN N   H2   sing N N 41  
ASN CA  C    sing N N 42  
ASN CA  CB   sing N N 43  
ASN CA  HA   sing N N 44  
ASN C   O    doub N N 45  
ASN C   OXT  sing N N 46  
ASN CB  CG   sing N N 47  
ASN CB  HB2  sing N N 48  
ASN CB  HB3  sing N N 49  
ASN CG  OD1  doub N N 50  
ASN CG  ND2  sing N N 51  
ASN ND2 HD21 sing N N 52  
ASN ND2 HD22 sing N N 53  
ASN OXT HXT  sing N N 54  
ASP N   CA   sing N N 55  
ASP N   H    sing N N 56  
ASP N   H2   sing N N 57  
ASP CA  C    sing N N 58  
ASP CA  CB   sing N N 59  
ASP CA  HA   sing N N 60  
ASP C   O    doub N N 61  
ASP C   OXT  sing N N 62  
ASP CB  CG   sing N N 63  
ASP CB  HB2  sing N N 64  
ASP CB  HB3  sing N N 65  
ASP CG  OD1  doub N N 66  
ASP CG  OD2  sing N N 67  
ASP OD2 HD2  sing N N 68  
ASP OXT HXT  sing N N 69  
CYS N   CA   sing N N 70  
CYS N   H    sing N N 71  
CYS N   H2   sing N N 72  
CYS CA  C    sing N N 73  
CYS CA  CB   sing N N 74  
CYS CA  HA   sing N N 75  
CYS C   O    doub N N 76  
CYS C   OXT  sing N N 77  
CYS CB  SG   sing N N 78  
CYS CB  HB2  sing N N 79  
CYS CB  HB3  sing N N 80  
CYS SG  HG   sing N N 81  
CYS OXT HXT  sing N N 82  
E0U C19 C18  doub Y N 83  
E0U C19 C20  sing Y N 84  
E0U C18 C17  sing Y N 85  
E0U C20 C21  doub Y N 86  
E0U O13 C9   doub N N 87  
E0U C17 N15  sing N N 88  
E0U C17 C22  doub Y N 89  
E0U O26 C24  doub N N 90  
E0U N15 C14  sing N N 91  
E0U C9  N10  sing N N 92  
E0U C9  C8   sing N N 93  
E0U N10 C5   sing N N 94  
E0U C21 C22  sing Y N 95  
E0U C21 C23  sing N N 96  
E0U C12 N11  sing N N 97  
E0U N11 C6   sing N N 98  
E0U C24 C23  sing N N 99  
E0U C24 O25  sing N N 100 
E0U C14 C8   sing N N 101 
E0U C14 O16  doub N N 102 
E0U C5  C6   doub Y N 103 
E0U C5  C4   sing Y N 104 
E0U C8  C7   doub N N 105 
E0U C6  C1   sing Y N 106 
E0U C7  C4   sing N N 107 
E0U C4  C3   doub Y N 108 
E0U C1  C2   doub Y N 109 
E0U C3  C2   sing Y N 110 
E0U C2  H1   sing N N 111 
E0U C7  H2   sing N N 112 
E0U N11 H3   sing N N 113 
E0U C20 H4   sing N N 114 
E0U C22 H5   sing N N 115 
E0U C23 H6   sing N N 116 
E0U C23 H7   sing N N 117 
E0U O25 H8   sing N N 118 
E0U C19 H9   sing N N 119 
E0U C18 H10  sing N N 120 
E0U N15 H11  sing N N 121 
E0U C3  H12  sing N N 122 
E0U N10 H13  sing N N 123 
E0U C1  H14  sing N N 124 
E0U C12 H15  sing N N 125 
E0U C12 H16  sing N N 126 
E0U C12 H17  sing N N 127 
GLN N   CA   sing N N 128 
GLN N   H    sing N N 129 
GLN N   H2   sing N N 130 
GLN CA  C    sing N N 131 
GLN CA  CB   sing N N 132 
GLN CA  HA   sing N N 133 
GLN C   O    doub N N 134 
GLN C   OXT  sing N N 135 
GLN CB  CG   sing N N 136 
GLN CB  HB2  sing N N 137 
GLN CB  HB3  sing N N 138 
GLN CG  CD   sing N N 139 
GLN CG  HG2  sing N N 140 
GLN CG  HG3  sing N N 141 
GLN CD  OE1  doub N N 142 
GLN CD  NE2  sing N N 143 
GLN NE2 HE21 sing N N 144 
GLN NE2 HE22 sing N N 145 
GLN OXT HXT  sing N N 146 
GLU N   CA   sing N N 147 
GLU N   H    sing N N 148 
GLU N   H2   sing N N 149 
GLU CA  C    sing N N 150 
GLU CA  CB   sing N N 151 
GLU CA  HA   sing N N 152 
GLU C   O    doub N N 153 
GLU C   OXT  sing N N 154 
GLU CB  CG   sing N N 155 
GLU CB  HB2  sing N N 156 
GLU CB  HB3  sing N N 157 
GLU CG  CD   sing N N 158 
GLU CG  HG2  sing N N 159 
GLU CG  HG3  sing N N 160 
GLU CD  OE1  doub N N 161 
GLU CD  OE2  sing N N 162 
GLU OE2 HE2  sing N N 163 
GLU OXT HXT  sing N N 164 
GLY N   CA   sing N N 165 
GLY N   H    sing N N 166 
GLY N   H2   sing N N 167 
GLY CA  C    sing N N 168 
GLY CA  HA2  sing N N 169 
GLY CA  HA3  sing N N 170 
GLY C   O    doub N N 171 
GLY C   OXT  sing N N 172 
GLY OXT HXT  sing N N 173 
HIS N   CA   sing N N 174 
HIS N   H    sing N N 175 
HIS N   H2   sing N N 176 
HIS CA  C    sing N N 177 
HIS CA  CB   sing N N 178 
HIS CA  HA   sing N N 179 
HIS C   O    doub N N 180 
HIS C   OXT  sing N N 181 
HIS CB  CG   sing N N 182 
HIS CB  HB2  sing N N 183 
HIS CB  HB3  sing N N 184 
HIS CG  ND1  sing Y N 185 
HIS CG  CD2  doub Y N 186 
HIS ND1 CE1  doub Y N 187 
HIS ND1 HD1  sing N N 188 
HIS CD2 NE2  sing Y N 189 
HIS CD2 HD2  sing N N 190 
HIS CE1 NE2  sing Y N 191 
HIS CE1 HE1  sing N N 192 
HIS NE2 HE2  sing N N 193 
HIS OXT HXT  sing N N 194 
HOH O   H1   sing N N 195 
HOH O   H2   sing N N 196 
ILE N   CA   sing N N 197 
ILE N   H    sing N N 198 
ILE N   H2   sing N N 199 
ILE CA  C    sing N N 200 
ILE CA  CB   sing N N 201 
ILE CA  HA   sing N N 202 
ILE C   O    doub N N 203 
ILE C   OXT  sing N N 204 
ILE CB  CG1  sing N N 205 
ILE CB  CG2  sing N N 206 
ILE CB  HB   sing N N 207 
ILE CG1 CD1  sing N N 208 
ILE CG1 HG12 sing N N 209 
ILE CG1 HG13 sing N N 210 
ILE CG2 HG21 sing N N 211 
ILE CG2 HG22 sing N N 212 
ILE CG2 HG23 sing N N 213 
ILE CD1 HD11 sing N N 214 
ILE CD1 HD12 sing N N 215 
ILE CD1 HD13 sing N N 216 
ILE OXT HXT  sing N N 217 
LEU N   CA   sing N N 218 
LEU N   H    sing N N 219 
LEU N   H2   sing N N 220 
LEU CA  C    sing N N 221 
LEU CA  CB   sing N N 222 
LEU CA  HA   sing N N 223 
LEU C   O    doub N N 224 
LEU C   OXT  sing N N 225 
LEU CB  CG   sing N N 226 
LEU CB  HB2  sing N N 227 
LEU CB  HB3  sing N N 228 
LEU CG  CD1  sing N N 229 
LEU CG  CD2  sing N N 230 
LEU CG  HG   sing N N 231 
LEU CD1 HD11 sing N N 232 
LEU CD1 HD12 sing N N 233 
LEU CD1 HD13 sing N N 234 
LEU CD2 HD21 sing N N 235 
LEU CD2 HD22 sing N N 236 
LEU CD2 HD23 sing N N 237 
LEU OXT HXT  sing N N 238 
LYS N   CA   sing N N 239 
LYS N   H    sing N N 240 
LYS N   H2   sing N N 241 
LYS CA  C    sing N N 242 
LYS CA  CB   sing N N 243 
LYS CA  HA   sing N N 244 
LYS C   O    doub N N 245 
LYS C   OXT  sing N N 246 
LYS CB  CG   sing N N 247 
LYS CB  HB2  sing N N 248 
LYS CB  HB3  sing N N 249 
LYS CG  CD   sing N N 250 
LYS CG  HG2  sing N N 251 
LYS CG  HG3  sing N N 252 
LYS CD  CE   sing N N 253 
LYS CD  HD2  sing N N 254 
LYS CD  HD3  sing N N 255 
LYS CE  NZ   sing N N 256 
LYS CE  HE2  sing N N 257 
LYS CE  HE3  sing N N 258 
LYS NZ  HZ1  sing N N 259 
LYS NZ  HZ2  sing N N 260 
LYS NZ  HZ3  sing N N 261 
LYS OXT HXT  sing N N 262 
MET N   CA   sing N N 263 
MET N   H    sing N N 264 
MET N   H2   sing N N 265 
MET CA  C    sing N N 266 
MET CA  CB   sing N N 267 
MET CA  HA   sing N N 268 
MET C   O    doub N N 269 
MET C   OXT  sing N N 270 
MET CB  CG   sing N N 271 
MET CB  HB2  sing N N 272 
MET CB  HB3  sing N N 273 
MET CG  SD   sing N N 274 
MET CG  HG2  sing N N 275 
MET CG  HG3  sing N N 276 
MET SD  CE   sing N N 277 
MET CE  HE1  sing N N 278 
MET CE  HE2  sing N N 279 
MET CE  HE3  sing N N 280 
MET OXT HXT  sing N N 281 
PHE N   CA   sing N N 282 
PHE N   H    sing N N 283 
PHE N   H2   sing N N 284 
PHE CA  C    sing N N 285 
PHE CA  CB   sing N N 286 
PHE CA  HA   sing N N 287 
PHE C   O    doub N N 288 
PHE C   OXT  sing N N 289 
PHE CB  CG   sing N N 290 
PHE CB  HB2  sing N N 291 
PHE CB  HB3  sing N N 292 
PHE CG  CD1  doub Y N 293 
PHE CG  CD2  sing Y N 294 
PHE CD1 CE1  sing Y N 295 
PHE CD1 HD1  sing N N 296 
PHE CD2 CE2  doub Y N 297 
PHE CD2 HD2  sing N N 298 
PHE CE1 CZ   doub Y N 299 
PHE CE1 HE1  sing N N 300 
PHE CE2 CZ   sing Y N 301 
PHE CE2 HE2  sing N N 302 
PHE CZ  HZ   sing N N 303 
PHE OXT HXT  sing N N 304 
PRO N   CA   sing N N 305 
PRO N   CD   sing N N 306 
PRO N   H    sing N N 307 
PRO CA  C    sing N N 308 
PRO CA  CB   sing N N 309 
PRO CA  HA   sing N N 310 
PRO C   O    doub N N 311 
PRO C   OXT  sing N N 312 
PRO CB  CG   sing N N 313 
PRO CB  HB2  sing N N 314 
PRO CB  HB3  sing N N 315 
PRO CG  CD   sing N N 316 
PRO CG  HG2  sing N N 317 
PRO CG  HG3  sing N N 318 
PRO CD  HD2  sing N N 319 
PRO CD  HD3  sing N N 320 
PRO OXT HXT  sing N N 321 
SER N   CA   sing N N 322 
SER N   H    sing N N 323 
SER N   H2   sing N N 324 
SER CA  C    sing N N 325 
SER CA  CB   sing N N 326 
SER CA  HA   sing N N 327 
SER C   O    doub N N 328 
SER C   OXT  sing N N 329 
SER CB  OG   sing N N 330 
SER CB  HB2  sing N N 331 
SER CB  HB3  sing N N 332 
SER OG  HG   sing N N 333 
SER OXT HXT  sing N N 334 
THR N   CA   sing N N 335 
THR N   H    sing N N 336 
THR N   H2   sing N N 337 
THR CA  C    sing N N 338 
THR CA  CB   sing N N 339 
THR CA  HA   sing N N 340 
THR C   O    doub N N 341 
THR C   OXT  sing N N 342 
THR CB  OG1  sing N N 343 
THR CB  CG2  sing N N 344 
THR CB  HB   sing N N 345 
THR OG1 HG1  sing N N 346 
THR CG2 HG21 sing N N 347 
THR CG2 HG22 sing N N 348 
THR CG2 HG23 sing N N 349 
THR OXT HXT  sing N N 350 
TRP N   CA   sing N N 351 
TRP N   H    sing N N 352 
TRP N   H2   sing N N 353 
TRP CA  C    sing N N 354 
TRP CA  CB   sing N N 355 
TRP CA  HA   sing N N 356 
TRP C   O    doub N N 357 
TRP C   OXT  sing N N 358 
TRP CB  CG   sing N N 359 
TRP CB  HB2  sing N N 360 
TRP CB  HB3  sing N N 361 
TRP CG  CD1  doub Y N 362 
TRP CG  CD2  sing Y N 363 
TRP CD1 NE1  sing Y N 364 
TRP CD1 HD1  sing N N 365 
TRP CD2 CE2  doub Y N 366 
TRP CD2 CE3  sing Y N 367 
TRP NE1 CE2  sing Y N 368 
TRP NE1 HE1  sing N N 369 
TRP CE2 CZ2  sing Y N 370 
TRP CE3 CZ3  doub Y N 371 
TRP CE3 HE3  sing N N 372 
TRP CZ2 CH2  doub Y N 373 
TRP CZ2 HZ2  sing N N 374 
TRP CZ3 CH2  sing Y N 375 
TRP CZ3 HZ3  sing N N 376 
TRP CH2 HH2  sing N N 377 
TRP OXT HXT  sing N N 378 
TYR N   CA   sing N N 379 
TYR N   H    sing N N 380 
TYR N   H2   sing N N 381 
TYR CA  C    sing N N 382 
TYR CA  CB   sing N N 383 
TYR CA  HA   sing N N 384 
TYR C   O    doub N N 385 
TYR C   OXT  sing N N 386 
TYR CB  CG   sing N N 387 
TYR CB  HB2  sing N N 388 
TYR CB  HB3  sing N N 389 
TYR CG  CD1  doub Y N 390 
TYR CG  CD2  sing Y N 391 
TYR CD1 CE1  sing Y N 392 
TYR CD1 HD1  sing N N 393 
TYR CD2 CE2  doub Y N 394 
TYR CD2 HD2  sing N N 395 
TYR CE1 CZ   doub Y N 396 
TYR CE1 HE1  sing N N 397 
TYR CE2 CZ   sing Y N 398 
TYR CE2 HE2  sing N N 399 
TYR CZ  OH   sing N N 400 
TYR OH  HH   sing N N 401 
TYR OXT HXT  sing N N 402 
VAL N   CA   sing N N 403 
VAL N   H    sing N N 404 
VAL N   H2   sing N N 405 
VAL CA  C    sing N N 406 
VAL CA  CB   sing N N 407 
VAL CA  HA   sing N N 408 
VAL C   O    doub N N 409 
VAL C   OXT  sing N N 410 
VAL CB  CG1  sing N N 411 
VAL CB  CG2  sing N N 412 
VAL CB  HB   sing N N 413 
VAL CG1 HG11 sing N N 414 
VAL CG1 HG12 sing N N 415 
VAL CG1 HG13 sing N N 416 
VAL CG2 HG21 sing N N 417 
VAL CG2 HG22 sing N N 418 
VAL CG2 HG23 sing N N 419 
VAL OXT HXT  sing N N 420 
# 
_pdbx_entity_instance_feature.ordinal        1 
_pdbx_entity_instance_feature.comp_id        E0U 
_pdbx_entity_instance_feature.asym_id        ? 
_pdbx_entity_instance_feature.seq_num        ? 
_pdbx_entity_instance_feature.auth_comp_id   E0U 
_pdbx_entity_instance_feature.auth_asym_id   ? 
_pdbx_entity_instance_feature.auth_seq_num   ? 
_pdbx_entity_instance_feature.feature_type   'SUBJECT OF INVESTIGATION' 
_pdbx_entity_instance_feature.details        ? 
# 
loop_
_pdbx_entity_nonpoly.entity_id 
_pdbx_entity_nonpoly.name 
_pdbx_entity_nonpoly.comp_id 
2 '2-[3-[[8-(methylamino)-2-oxidanylidene-1~{H}-quinolin-3-yl]carbonylamino]phenyl]ethanoic acid' E0U 
3 water                                                                                           HOH 
# 
_pdbx_initial_refinement_model.id               1 
_pdbx_initial_refinement_model.entity_id_list   ? 
_pdbx_initial_refinement_model.type             'experimental model' 
_pdbx_initial_refinement_model.source_name      PDB 
_pdbx_initial_refinement_model.accession_code   1AJ6 
_pdbx_initial_refinement_model.details          ? 
# 
_pdbx_struct_assembly_auth_evidence.id                     1 
_pdbx_struct_assembly_auth_evidence.assembly_id            1 
_pdbx_struct_assembly_auth_evidence.experimental_support   none 
_pdbx_struct_assembly_auth_evidence.details                ? 
# 
